data_8OP1
#
_entry.id   8OP1
#
_cell.length_a   1.00
_cell.length_b   1.00
_cell.length_c   1.00
_cell.angle_alpha   90.00
_cell.angle_beta   90.00
_cell.angle_gamma   90.00
#
_symmetry.space_group_name_H-M   'P 1'
#
loop_
_entity.id
_entity.type
_entity.pdbx_description
1 polymer Nucleoprotein
2 polymer "RNA (5'-R(P*CP*CP*CP*CP*CP*CP*C)-3')"
#
loop_
_entity_poly.entity_id
_entity_poly.type
_entity_poly.pdbx_seq_one_letter_code
_entity_poly.pdbx_strand_id
1 'polypeptide(L)'
;ALSKVKLNDTLNKDQLLSSSKYTIQRSTGDSIDTPNYDVQKHINKLCGMLLITEDANHKFTGLIGMLYAMSRLGREDTIK
ILRDAGYHVKANGVDVTTHRQDINGKEMKFEVLTLASLTTEIQINIEIESRKSYKKMLKEMGEVAPEYRHDSPDCGMIIL
CIAALVITKLAAGDRSGLTAVIRRANNVLKNEMKRYKGLLPKDIANSFYEVFEKHPHFIDVFVHFGIAQSSTRGGSRVEG
IFAGLFMNAYGAGQVMLRWGVLAKSVKNIMLGHASVQAEMEQVVEVYEYAQKLGGEAGFYHILNNPKASLLSLTQFPHFS
SVVLGNAAGLGIMGEYRGTPRNQDLYDAAKAYAEQLKENGVINYSVLDLTAEELEAIK
;
A,B,C,D,E
2 'polyribonucleotide' CCCCCCC F,G,H,I,J
#
# COMPACT_ATOMS: atom_id res chain seq x y z
N ALA A 1 -8.55 33.70 8.52
CA ALA A 1 -7.59 34.31 9.42
C ALA A 1 -6.49 33.32 9.79
N LEU A 2 -6.66 32.61 10.90
CA LEU A 2 -5.63 31.69 11.38
C LEU A 2 -5.98 30.24 11.06
N SER A 3 -6.92 30.02 10.15
CA SER A 3 -7.17 28.69 9.65
C SER A 3 -6.30 28.35 8.46
N LYS A 4 -5.84 29.36 7.71
CA LYS A 4 -5.04 29.14 6.53
C LYS A 4 -3.55 29.40 6.75
N VAL A 5 -3.13 29.65 7.99
CA VAL A 5 -1.69 29.65 8.26
C VAL A 5 -1.31 28.22 8.56
N LYS A 6 -1.17 27.43 7.50
CA LYS A 6 -0.97 26.00 7.57
C LYS A 6 0.04 25.64 6.50
N LEU A 7 1.29 25.53 6.90
CA LEU A 7 2.34 25.17 5.95
C LEU A 7 2.44 23.66 5.83
N ASN A 8 1.82 23.12 4.79
CA ASN A 8 1.83 21.68 4.55
C ASN A 8 3.26 21.31 4.21
N ASP A 9 4.01 20.83 5.19
CA ASP A 9 5.44 20.66 5.01
C ASP A 9 5.81 19.26 4.53
N THR A 10 5.25 18.21 5.14
CA THR A 10 5.53 16.86 4.69
C THR A 10 5.03 16.63 3.28
N LEU A 11 3.81 17.09 2.98
CA LEU A 11 3.27 16.96 1.64
C LEU A 11 4.12 17.70 0.63
N ASN A 12 4.58 18.91 1.00
CA ASN A 12 5.41 19.69 0.09
C ASN A 12 6.74 19.00 -0.17
N LYS A 13 7.36 18.43 0.88
CA LYS A 13 8.61 17.72 0.67
C LYS A 13 8.41 16.53 -0.24
N ASP A 14 7.33 15.78 -0.05
CA ASP A 14 7.08 14.64 -0.91
C ASP A 14 6.87 15.07 -2.35
N GLN A 15 6.13 16.17 -2.55
CA GLN A 15 5.95 16.70 -3.90
C GLN A 15 7.27 17.13 -4.52
N LEU A 16 8.13 17.76 -3.74
CA LEU A 16 9.43 18.18 -4.25
C LEU A 16 10.26 16.98 -4.67
N LEU A 17 10.24 15.91 -3.86
CA LEU A 17 11.07 14.75 -4.18
C LEU A 17 10.53 13.98 -5.38
N SER A 18 9.21 13.76 -5.43
CA SER A 18 8.65 12.94 -6.50
C SER A 18 8.66 13.67 -7.83
N SER A 19 8.45 14.99 -7.83
CA SER A 19 8.32 15.76 -9.05
C SER A 19 9.62 16.43 -9.49
N SER A 20 10.76 15.81 -9.22
CA SER A 20 12.02 16.31 -9.73
C SER A 20 12.26 15.76 -11.13
N LYS A 21 12.67 16.62 -12.05
CA LYS A 21 12.82 16.26 -13.45
C LYS A 21 14.23 15.84 -13.82
N TYR A 22 15.16 15.78 -12.87
CA TYR A 22 16.52 15.35 -13.10
C TYR A 22 16.76 14.04 -12.36
N THR A 23 17.36 13.07 -13.05
CA THR A 23 17.63 11.77 -12.47
C THR A 23 19.12 11.50 -12.47
N ILE A 24 19.59 10.82 -11.43
CA ILE A 24 20.98 10.42 -11.29
C ILE A 24 21.09 8.98 -11.74
N GLN A 25 22.31 8.51 -11.97
CA GLN A 25 22.58 7.10 -12.20
C GLN A 25 23.89 6.70 -11.54
N ARG A 26 23.84 5.63 -10.76
CA ARG A 26 24.97 5.20 -9.96
C ARG A 26 25.57 3.93 -10.54
N SER A 27 26.89 3.94 -10.71
CA SER A 27 27.58 2.79 -11.28
C SER A 27 27.90 1.78 -10.18
N THR A 28 27.64 0.51 -10.46
CA THR A 28 27.75 -0.56 -9.48
C THR A 28 29.14 -1.17 -9.40
N GLY A 29 29.78 -1.36 -10.55
CA GLY A 29 31.07 -2.02 -10.60
C GLY A 29 31.32 -2.59 -11.98
N ASP A 30 31.69 -3.87 -12.05
CA ASP A 30 31.94 -4.50 -13.34
C ASP A 30 30.63 -4.93 -13.99
N SER A 31 29.90 -5.84 -13.34
CA SER A 31 28.58 -6.26 -13.82
C SER A 31 27.94 -7.08 -12.72
N ILE A 32 26.64 -7.33 -12.89
CA ILE A 32 25.88 -8.19 -11.98
C ILE A 32 25.27 -9.32 -12.80
N ASP A 33 25.48 -10.54 -12.33
CA ASP A 33 25.04 -11.72 -13.07
C ASP A 33 23.55 -11.94 -12.85
N THR A 34 22.78 -11.94 -13.93
CA THR A 34 21.32 -11.96 -13.86
C THR A 34 20.81 -13.21 -14.57
N PRO A 35 20.79 -14.35 -13.89
CA PRO A 35 20.33 -15.58 -14.54
C PRO A 35 18.86 -15.48 -14.93
N ASN A 36 18.50 -16.17 -15.99
CA ASN A 36 17.12 -16.23 -16.42
C ASN A 36 16.43 -17.36 -15.66
N TYR A 37 15.17 -17.63 -16.00
CA TYR A 37 14.43 -18.67 -15.30
C TYR A 37 15.04 -20.05 -15.46
N ASP A 38 15.87 -20.25 -16.48
CA ASP A 38 16.43 -21.57 -16.74
C ASP A 38 17.32 -22.06 -15.61
N VAL A 39 18.17 -21.19 -15.09
CA VAL A 39 19.22 -21.61 -14.16
C VAL A 39 18.71 -21.75 -12.73
N GLN A 40 17.40 -21.60 -12.51
CA GLN A 40 16.85 -21.70 -11.18
C GLN A 40 17.11 -23.07 -10.56
N LYS A 41 16.96 -24.13 -11.37
CA LYS A 41 17.20 -25.49 -10.89
C LYS A 41 18.60 -25.61 -10.32
N HIS A 42 19.60 -25.20 -11.10
CA HIS A 42 20.98 -25.38 -10.66
C HIS A 42 21.34 -24.45 -9.51
N ILE A 43 20.74 -23.26 -9.43
CA ILE A 43 21.06 -22.38 -8.32
C ILE A 43 20.48 -22.94 -7.02
N ASN A 44 19.26 -23.46 -7.07
CA ASN A 44 18.71 -24.19 -5.93
C ASN A 44 19.60 -25.36 -5.57
N LYS A 45 20.13 -26.05 -6.58
CA LYS A 45 21.00 -27.20 -6.33
C LYS A 45 22.28 -26.76 -5.62
N LEU A 46 22.84 -25.62 -6.03
CA LEU A 46 24.02 -25.08 -5.35
C LEU A 46 23.73 -24.76 -3.90
N CYS A 47 22.58 -24.13 -3.63
CA CYS A 47 22.22 -23.88 -2.24
C CYS A 47 22.06 -25.19 -1.46
N GLY A 48 21.54 -26.22 -2.11
CA GLY A 48 21.43 -27.51 -1.46
C GLY A 48 22.77 -28.10 -1.09
N MET A 49 23.73 -28.08 -2.02
CA MET A 49 25.08 -28.53 -1.70
C MET A 49 25.70 -27.68 -0.61
N LEU A 50 25.36 -26.40 -0.56
CA LEU A 50 25.83 -25.58 0.55
C LEU A 50 25.29 -26.11 1.88
N LEU A 51 24.00 -26.40 1.93
CA LEU A 51 23.40 -26.74 3.21
C LEU A 51 23.73 -28.16 3.66
N ILE A 52 23.94 -29.08 2.72
CA ILE A 52 24.30 -30.45 3.08
C ILE A 52 25.71 -30.51 3.66
N THR A 53 26.61 -29.70 3.12
CA THR A 53 28.02 -29.78 3.49
C THR A 53 28.21 -29.55 4.98
N GLU A 54 28.96 -30.45 5.61
CA GLU A 54 29.31 -30.27 7.02
C GLU A 54 30.12 -28.99 7.18
N ASP A 55 29.73 -28.18 8.18
CA ASP A 55 30.40 -26.94 8.59
C ASP A 55 31.05 -26.19 7.43
N ALA A 56 30.28 -25.98 6.36
CA ALA A 56 30.84 -25.48 5.12
C ALA A 56 31.35 -24.06 5.28
N ASN A 57 32.19 -23.63 4.32
CA ASN A 57 32.62 -22.24 4.25
C ASN A 57 31.45 -21.43 3.71
N HIS A 58 30.68 -20.83 4.61
CA HIS A 58 29.48 -20.11 4.26
C HIS A 58 29.73 -18.63 4.00
N LYS A 59 30.99 -18.23 3.86
CA LYS A 59 31.32 -16.82 3.61
C LYS A 59 31.00 -16.43 2.17
N PHE A 60 30.70 -17.40 1.31
CA PHE A 60 30.26 -17.16 -0.06
C PHE A 60 28.82 -17.59 -0.29
N THR A 61 27.95 -17.43 0.71
CA THR A 61 26.56 -17.88 0.57
C THR A 61 25.62 -16.71 0.26
N GLY A 62 25.95 -15.50 0.69
CA GLY A 62 25.06 -14.38 0.44
C GLY A 62 24.90 -14.08 -1.04
N LEU A 63 26.01 -14.14 -1.77
CA LEU A 63 25.95 -13.95 -3.22
C LEU A 63 25.08 -15.02 -3.87
N ILE A 64 25.19 -16.27 -3.40
CA ILE A 64 24.41 -17.35 -4.00
C ILE A 64 22.94 -17.16 -3.71
N GLY A 65 22.58 -16.74 -2.50
CA GLY A 65 21.19 -16.46 -2.20
C GLY A 65 20.62 -15.35 -3.06
N MET A 66 21.38 -14.27 -3.24
CA MET A 66 20.91 -13.18 -4.09
C MET A 66 20.79 -13.63 -5.55
N LEU A 67 21.71 -14.46 -6.01
CA LEU A 67 21.62 -15.00 -7.37
C LEU A 67 20.37 -15.85 -7.53
N TYR A 68 20.02 -16.61 -6.50
CA TYR A 68 18.77 -17.36 -6.55
C TYR A 68 17.58 -16.42 -6.63
N ALA A 69 17.65 -15.30 -5.90
CA ALA A 69 16.55 -14.33 -5.96
C ALA A 69 16.38 -13.76 -7.36
N MET A 70 17.48 -13.35 -8.01
CA MET A 70 17.34 -12.83 -9.37
C MET A 70 16.89 -13.92 -10.34
N SER A 71 17.34 -15.16 -10.12
CA SER A 71 16.90 -16.24 -10.97
C SER A 71 15.39 -16.41 -10.89
N ARG A 72 14.85 -16.36 -9.68
CA ARG A 72 13.40 -16.46 -9.53
C ARG A 72 12.68 -15.27 -10.12
N LEU A 73 13.21 -14.05 -9.98
CA LEU A 73 12.62 -12.92 -10.70
C LEU A 73 12.74 -13.08 -12.21
N GLY A 74 13.90 -13.47 -12.68
CA GLY A 74 14.13 -13.60 -14.10
C GLY A 74 15.12 -12.58 -14.62
N ARG A 75 15.36 -12.63 -15.93
CA ARG A 75 16.34 -11.76 -16.56
C ARG A 75 15.78 -10.35 -16.73
N GLU A 76 14.75 -10.20 -17.57
CA GLU A 76 14.19 -8.89 -17.84
C GLU A 76 13.57 -8.26 -16.62
N ASP A 77 13.04 -9.06 -15.70
CA ASP A 77 12.44 -8.50 -14.50
C ASP A 77 13.47 -7.82 -13.63
N THR A 78 14.61 -8.48 -13.38
CA THR A 78 15.63 -7.86 -12.55
C THR A 78 16.33 -6.72 -13.28
N ILE A 79 16.47 -6.81 -14.60
CA ILE A 79 17.03 -5.68 -15.34
C ILE A 79 16.11 -4.47 -15.21
N LYS A 80 14.80 -4.69 -15.32
CA LYS A 80 13.84 -3.61 -15.12
C LYS A 80 13.94 -3.04 -13.72
N ILE A 81 14.12 -3.90 -12.72
CA ILE A 81 14.21 -3.43 -11.34
C ILE A 81 15.43 -2.54 -11.16
N LEU A 82 16.58 -2.96 -11.69
CA LEU A 82 17.78 -2.11 -11.59
C LEU A 82 17.63 -0.82 -12.37
N ARG A 83 17.02 -0.87 -13.56
CA ARG A 83 16.79 0.36 -14.32
C ARG A 83 15.92 1.33 -13.54
N ASP A 84 14.86 0.82 -12.91
CA ASP A 84 13.96 1.69 -12.16
C ASP A 84 14.61 2.20 -10.89
N ALA A 85 15.54 1.44 -10.31
CA ALA A 85 16.25 1.91 -9.14
C ALA A 85 17.39 2.85 -9.48
N GLY A 86 17.71 3.03 -10.76
CA GLY A 86 18.73 3.96 -11.16
C GLY A 86 20.15 3.43 -10.99
N TYR A 87 20.48 2.35 -11.70
CA TYR A 87 21.80 1.76 -11.64
C TYR A 87 22.27 1.43 -13.05
N HIS A 88 23.58 1.45 -13.24
CA HIS A 88 24.18 1.10 -14.53
C HIS A 88 24.76 -0.30 -14.43
N VAL A 89 23.98 -1.29 -14.83
CA VAL A 89 24.44 -2.67 -14.93
C VAL A 89 24.12 -3.20 -16.31
N LYS A 90 25.06 -3.96 -16.86
CA LYS A 90 24.84 -4.64 -18.13
C LYS A 90 24.54 -6.11 -17.87
N ALA A 91 23.59 -6.63 -18.62
CA ALA A 91 23.02 -7.94 -18.34
C ALA A 91 24.02 -9.05 -18.64
N ASN A 92 24.78 -9.46 -17.64
CA ASN A 92 25.70 -10.59 -17.79
C ASN A 92 24.87 -11.87 -17.72
N GLY A 93 24.54 -12.41 -18.90
CA GLY A 93 23.76 -13.63 -18.94
C GLY A 93 24.49 -14.79 -18.29
N VAL A 94 23.70 -15.71 -17.74
CA VAL A 94 24.24 -16.87 -17.03
C VAL A 94 23.72 -18.13 -17.71
N ASP A 95 24.63 -19.06 -18.00
CA ASP A 95 24.29 -20.31 -18.67
C ASP A 95 25.06 -21.46 -18.03
N VAL A 96 24.64 -22.68 -18.35
CA VAL A 96 25.18 -23.89 -17.75
C VAL A 96 26.21 -24.50 -18.70
N THR A 97 27.41 -24.74 -18.19
CA THR A 97 28.47 -25.42 -18.93
C THR A 97 29.03 -26.54 -18.07
N THR A 98 30.07 -27.20 -18.58
CA THR A 98 30.77 -28.23 -17.84
C THR A 98 32.26 -27.93 -17.88
N HIS A 99 32.88 -27.89 -16.70
CA HIS A 99 34.30 -27.64 -16.55
C HIS A 99 34.90 -28.76 -15.72
N ARG A 100 35.96 -29.38 -16.24
CA ARG A 100 36.54 -30.58 -15.66
C ARG A 100 37.86 -30.23 -15.00
N GLN A 101 38.00 -30.58 -13.73
CA GLN A 101 39.21 -30.34 -12.96
C GLN A 101 39.78 -31.67 -12.50
N ASP A 102 41.08 -31.87 -12.72
CA ASP A 102 41.77 -33.09 -12.32
C ASP A 102 42.24 -32.93 -10.89
N ILE A 103 41.57 -33.60 -9.96
CA ILE A 103 41.88 -33.53 -8.54
C ILE A 103 42.09 -34.96 -8.03
N ASN A 104 43.15 -35.16 -7.24
CA ASN A 104 43.51 -36.46 -6.69
C ASN A 104 43.75 -37.48 -7.80
N GLY A 105 44.42 -37.04 -8.87
CA GLY A 105 44.77 -37.93 -9.96
C GLY A 105 43.66 -38.15 -10.97
N LYS A 106 42.44 -38.37 -10.47
CA LYS A 106 41.29 -38.57 -11.33
C LYS A 106 40.86 -37.25 -11.93
N GLU A 107 40.37 -37.28 -13.16
CA GLU A 107 39.76 -36.12 -13.79
C GLU A 107 38.26 -36.34 -13.83
N MET A 108 37.50 -35.44 -13.20
CA MET A 108 36.06 -35.57 -13.06
C MET A 108 35.37 -34.49 -13.86
N LYS A 109 34.13 -34.77 -14.25
CA LYS A 109 33.28 -33.78 -14.91
C LYS A 109 32.28 -33.22 -13.92
N PHE A 110 32.32 -31.90 -13.73
CA PHE A 110 31.40 -31.21 -12.84
C PHE A 110 30.57 -30.25 -13.65
N GLU A 111 29.28 -30.18 -13.34
CA GLU A 111 28.38 -29.21 -13.96
C GLU A 111 28.62 -27.86 -13.31
N VAL A 112 29.03 -26.89 -14.09
CA VAL A 112 29.54 -25.62 -13.59
C VAL A 112 28.69 -24.49 -14.13
N LEU A 113 28.60 -23.40 -13.36
CA LEU A 113 27.82 -22.23 -13.72
C LEU A 113 28.73 -21.06 -14.02
N THR A 114 28.51 -20.42 -15.17
CA THR A 114 29.40 -19.38 -15.68
C THR A 114 28.95 -18.02 -15.17
N LEU A 115 29.75 -17.42 -14.28
CA LEU A 115 29.46 -16.13 -13.70
C LEU A 115 30.71 -15.27 -13.62
N ALA A 116 30.51 -13.96 -13.45
CA ALA A 116 31.64 -13.05 -13.32
C ALA A 116 32.12 -12.99 -11.87
N SER A 117 31.21 -12.68 -10.94
CA SER A 117 31.57 -12.60 -9.54
C SER A 117 31.74 -13.97 -8.90
N LEU A 118 31.37 -15.05 -9.60
CA LEU A 118 31.56 -16.42 -9.12
C LEU A 118 32.53 -17.10 -10.07
N THR A 119 33.59 -17.68 -9.52
CA THR A 119 34.55 -18.39 -10.35
C THR A 119 34.06 -19.81 -10.64
N THR A 120 34.92 -20.60 -11.27
CA THR A 120 34.58 -22.00 -11.49
C THR A 120 35.11 -22.88 -10.36
N GLU A 121 36.32 -22.59 -9.88
CA GLU A 121 36.91 -23.40 -8.83
C GLU A 121 36.10 -23.33 -7.54
N ILE A 122 35.40 -22.22 -7.30
CA ILE A 122 34.56 -22.13 -6.12
C ILE A 122 33.41 -23.13 -6.20
N GLN A 123 32.77 -23.23 -7.37
CA GLN A 123 31.71 -24.22 -7.54
C GLN A 123 32.28 -25.62 -7.44
N ILE A 124 33.50 -25.83 -7.95
CA ILE A 124 34.12 -27.15 -7.86
C ILE A 124 34.35 -27.54 -6.40
N ASN A 125 34.87 -26.61 -5.59
CA ASN A 125 35.14 -26.91 -4.20
C ASN A 125 33.84 -27.12 -3.42
N ILE A 126 32.80 -26.35 -3.73
CA ILE A 126 31.50 -26.60 -3.11
C ILE A 126 31.02 -28.00 -3.44
N GLU A 127 31.16 -28.40 -4.72
CA GLU A 127 30.72 -29.73 -5.14
C GLU A 127 31.50 -30.82 -4.41
N ILE A 128 32.81 -30.68 -4.30
CA ILE A 128 33.60 -31.73 -3.66
C ILE A 128 33.33 -31.79 -2.16
N GLU A 129 33.14 -30.64 -1.51
CA GLU A 129 32.76 -30.66 -0.09
C GLU A 129 31.42 -31.34 0.11
N SER A 130 30.45 -31.05 -0.76
CA SER A 130 29.15 -31.70 -0.66
C SER A 130 29.27 -33.19 -0.88
N ARG A 131 30.10 -33.61 -1.82
CA ARG A 131 30.33 -35.03 -2.04
C ARG A 131 30.93 -35.70 -0.81
N LYS A 132 31.90 -35.06 -0.17
CA LYS A 132 32.49 -35.61 1.04
C LYS A 132 31.45 -35.74 2.16
N SER A 133 30.63 -34.70 2.34
CA SER A 133 29.58 -34.78 3.35
C SER A 133 28.55 -35.85 3.04
N TYR A 134 28.20 -36.01 1.76
CA TYR A 134 27.27 -37.05 1.35
C TYR A 134 27.83 -38.44 1.63
N LYS A 135 29.12 -38.65 1.32
CA LYS A 135 29.78 -39.90 1.64
C LYS A 135 29.80 -40.16 3.14
N LYS A 136 30.08 -39.12 3.92
CA LYS A 136 30.10 -39.27 5.38
C LYS A 136 28.73 -39.65 5.91
N MET A 137 27.67 -39.00 5.40
CA MET A 137 26.32 -39.35 5.84
C MET A 137 25.97 -40.78 5.46
N LEU A 138 26.35 -41.19 4.24
CA LEU A 138 26.11 -42.57 3.82
C LEU A 138 26.84 -43.56 4.72
N LYS A 139 28.08 -43.25 5.08
CA LYS A 139 28.84 -44.13 5.97
C LYS A 139 28.20 -44.21 7.35
N GLU A 140 27.75 -43.08 7.88
CA GLU A 140 27.21 -43.06 9.24
C GLU A 140 25.85 -43.75 9.31
N MET A 141 24.86 -43.21 8.59
CA MET A 141 23.48 -43.66 8.73
C MET A 141 23.06 -44.64 7.64
N GLY A 142 24.01 -45.20 6.89
CA GLY A 142 23.71 -46.24 5.94
C GLY A 142 23.14 -45.75 4.62
N GLU A 143 21.94 -45.20 4.65
CA GLU A 143 21.25 -44.74 3.45
C GLU A 143 20.77 -43.32 3.66
N VAL A 144 20.77 -42.53 2.57
CA VAL A 144 20.34 -41.14 2.60
C VAL A 144 18.96 -41.03 1.98
N ALA A 145 18.06 -40.35 2.66
CA ALA A 145 16.73 -40.11 2.15
C ALA A 145 16.73 -38.91 1.20
N PRO A 146 15.76 -38.84 0.29
CA PRO A 146 15.65 -37.64 -0.57
C PRO A 146 15.44 -36.36 0.21
N GLU A 147 14.89 -36.42 1.41
CA GLU A 147 14.79 -35.24 2.26
C GLU A 147 16.09 -34.90 2.96
N TYR A 148 17.07 -35.80 2.93
CA TYR A 148 18.39 -35.55 3.49
C TYR A 148 19.37 -34.99 2.47
N ARG A 149 18.95 -34.77 1.24
CA ARG A 149 19.88 -34.43 0.15
C ARG A 149 19.67 -32.99 -0.30
N HIS A 150 20.48 -32.60 -1.28
CA HIS A 150 20.51 -31.26 -1.84
C HIS A 150 19.44 -31.01 -2.90
N ASP A 151 18.84 -32.06 -3.44
CA ASP A 151 17.92 -31.93 -4.57
C ASP A 151 16.59 -31.31 -4.18
N SER A 152 16.31 -31.16 -2.88
CA SER A 152 15.00 -30.69 -2.46
C SER A 152 14.78 -29.24 -2.87
N PRO A 153 13.54 -28.86 -3.19
CA PRO A 153 13.28 -27.49 -3.67
C PRO A 153 13.13 -26.47 -2.56
N ASP A 154 13.66 -26.77 -1.37
CA ASP A 154 13.49 -25.88 -0.22
C ASP A 154 14.79 -25.26 0.25
N CYS A 155 15.95 -25.68 -0.27
CA CYS A 155 17.21 -25.18 0.25
C CYS A 155 17.39 -23.69 -0.05
N GLY A 156 17.11 -23.28 -1.29
CA GLY A 156 17.25 -21.88 -1.63
C GLY A 156 16.38 -20.99 -0.78
N MET A 157 15.14 -21.42 -0.53
CA MET A 157 14.27 -20.60 0.30
C MET A 157 14.62 -20.70 1.77
N ILE A 158 15.35 -21.72 2.20
CA ILE A 158 15.89 -21.68 3.56
C ILE A 158 16.94 -20.57 3.67
N ILE A 159 17.86 -20.52 2.71
CA ILE A 159 18.86 -19.47 2.73
C ILE A 159 18.20 -18.10 2.66
N LEU A 160 17.18 -17.97 1.80
CA LEU A 160 16.47 -16.70 1.71
C LEU A 160 15.63 -16.41 2.94
N CYS A 161 15.23 -17.42 3.71
CA CYS A 161 14.56 -17.16 4.98
C CYS A 161 15.52 -16.51 5.96
N ILE A 162 16.75 -17.02 6.02
CA ILE A 162 17.73 -16.33 6.87
C ILE A 162 18.01 -14.93 6.35
N ALA A 163 17.99 -14.77 5.02
CA ALA A 163 18.12 -13.43 4.44
C ALA A 163 16.98 -12.52 4.89
N ALA A 164 15.76 -13.04 4.94
CA ALA A 164 14.62 -12.24 5.39
C ALA A 164 14.79 -11.82 6.84
N LEU A 165 15.27 -12.72 7.69
CA LEU A 165 15.56 -12.32 9.06
C LEU A 165 16.56 -11.19 9.11
N VAL A 166 17.67 -11.33 8.36
CA VAL A 166 18.70 -10.29 8.35
C VAL A 166 18.15 -8.98 7.80
N ILE A 167 17.27 -9.06 6.80
CA ILE A 167 16.76 -7.84 6.20
C ILE A 167 15.85 -7.13 7.20
N THR A 168 15.09 -7.90 7.99
CA THR A 168 14.29 -7.27 9.05
C THR A 168 15.18 -6.57 10.06
N LYS A 169 16.26 -7.23 10.48
CA LYS A 169 17.12 -6.67 11.52
C LYS A 169 18.20 -5.74 10.98
N LEU A 170 18.19 -5.46 9.68
CA LEU A 170 19.13 -4.51 9.09
C LEU A 170 18.67 -3.07 9.24
N ALA A 171 17.53 -2.83 9.88
CA ALA A 171 17.08 -1.46 10.14
C ALA A 171 18.06 -0.73 11.06
N ALA A 172 18.59 -1.42 12.07
CA ALA A 172 19.46 -0.78 13.05
C ALA A 172 20.70 -0.19 12.38
N GLY A 173 21.21 -0.84 11.34
CA GLY A 173 22.35 -0.30 10.62
C GLY A 173 23.65 -0.28 11.39
N ASP A 174 23.91 -1.30 12.23
CA ASP A 174 25.10 -1.31 13.06
C ASP A 174 25.63 -2.74 13.21
N ARG A 175 25.14 -3.67 12.39
CA ARG A 175 25.37 -5.10 12.59
C ARG A 175 25.02 -5.51 14.03
N SER A 176 23.94 -4.96 14.56
CA SER A 176 23.52 -5.25 15.93
C SER A 176 22.50 -6.35 16.02
N GLY A 177 21.83 -6.68 14.91
CA GLY A 177 20.78 -7.68 14.94
C GLY A 177 21.24 -9.09 14.73
N LEU A 178 22.53 -9.37 14.82
CA LEU A 178 23.02 -10.73 14.62
C LEU A 178 22.49 -11.67 15.70
N THR A 179 22.43 -11.19 16.95
CA THR A 179 21.90 -12.02 18.02
C THR A 179 20.44 -12.37 17.78
N ALA A 180 19.63 -11.37 17.40
CA ALA A 180 18.23 -11.62 17.14
C ALA A 180 18.04 -12.54 15.94
N VAL A 181 18.89 -12.38 14.92
CA VAL A 181 18.82 -13.27 13.77
C VAL A 181 19.12 -14.70 14.16
N ILE A 182 20.13 -14.90 15.01
CA ILE A 182 20.45 -16.26 15.47
C ILE A 182 19.29 -16.85 16.26
N ARG A 183 18.74 -16.08 17.20
CA ARG A 183 17.63 -16.59 18.00
C ARG A 183 16.43 -16.93 17.13
N ARG A 184 16.10 -16.05 16.19
CA ARG A 184 14.95 -16.28 15.34
C ARG A 184 15.16 -17.47 14.41
N ALA A 185 16.35 -17.59 13.83
CA ALA A 185 16.64 -18.72 12.95
C ALA A 185 16.83 -20.01 13.72
N ASN A 186 16.93 -19.95 15.05
CA ASN A 186 16.90 -21.19 15.82
C ASN A 186 15.48 -21.54 16.25
N ASN A 187 14.69 -20.55 16.64
CA ASN A 187 13.27 -20.78 16.90
C ASN A 187 12.58 -21.25 15.63
N VAL A 188 12.55 -20.40 14.61
CA VAL A 188 12.06 -20.80 13.31
C VAL A 188 13.05 -21.76 12.68
N LEU A 189 12.56 -22.56 11.73
CA LEU A 189 13.41 -23.44 10.92
C LEU A 189 14.06 -24.54 11.77
N LYS A 190 13.39 -24.95 12.84
CA LYS A 190 13.94 -26.04 13.66
C LYS A 190 14.07 -27.32 12.85
N ASN A 191 13.07 -27.61 12.01
CA ASN A 191 13.07 -28.85 11.24
C ASN A 191 14.26 -28.89 10.29
N GLU A 192 14.58 -27.76 9.66
CA GLU A 192 15.65 -27.75 8.67
C GLU A 192 17.03 -27.76 9.31
N MET A 193 17.17 -27.14 10.49
CA MET A 193 18.43 -27.32 11.21
C MET A 193 18.56 -28.74 11.73
N LYS A 194 17.44 -29.42 11.94
CA LYS A 194 17.49 -30.83 12.33
C LYS A 194 17.80 -31.75 11.15
N ARG A 195 17.38 -31.39 9.93
CA ARG A 195 17.59 -32.22 8.75
C ARG A 195 18.89 -31.90 8.04
N TYR A 196 19.06 -30.66 7.60
CA TYR A 196 20.28 -30.23 6.91
C TYR A 196 21.29 -29.88 7.98
N LYS A 197 22.46 -30.52 7.93
CA LYS A 197 23.45 -30.37 8.99
C LYS A 197 24.39 -29.19 8.77
N GLY A 198 24.27 -28.49 7.66
CA GLY A 198 25.11 -27.34 7.40
C GLY A 198 24.50 -25.99 7.69
N LEU A 199 23.25 -25.95 8.14
CA LEU A 199 22.63 -24.68 8.49
C LEU A 199 23.31 -24.09 9.71
N LEU A 200 24.14 -23.07 9.50
CA LEU A 200 24.67 -22.26 10.57
C LEU A 200 24.13 -20.85 10.44
N PRO A 201 23.16 -20.44 11.25
CA PRO A 201 22.61 -19.09 11.11
C PRO A 201 23.65 -18.00 11.28
N LYS A 202 24.69 -18.22 12.09
CA LYS A 202 25.69 -17.18 12.28
C LYS A 202 26.45 -16.90 10.99
N ASP A 203 26.96 -17.95 10.34
CA ASP A 203 27.75 -17.75 9.14
C ASP A 203 26.90 -17.21 7.99
N ILE A 204 25.69 -17.76 7.82
CA ILE A 204 24.81 -17.30 6.75
C ILE A 204 24.40 -15.85 6.98
N ALA A 205 24.06 -15.51 8.22
CA ALA A 205 23.69 -14.14 8.55
C ALA A 205 24.85 -13.19 8.31
N ASN A 206 26.07 -13.58 8.69
CA ASN A 206 27.22 -12.72 8.48
C ASN A 206 27.48 -12.51 7.00
N SER A 207 27.39 -13.58 6.20
CA SER A 207 27.60 -13.42 4.77
C SER A 207 26.53 -12.55 4.14
N PHE A 208 25.28 -12.66 4.61
CA PHE A 208 24.24 -11.80 4.06
C PHE A 208 24.44 -10.36 4.46
N TYR A 209 24.86 -10.12 5.70
CA TYR A 209 25.24 -8.78 6.11
C TYR A 209 26.29 -8.22 5.16
N GLU A 210 27.30 -9.05 4.84
CA GLU A 210 28.38 -8.58 4.00
C GLU A 210 27.89 -8.28 2.58
N VAL A 211 27.08 -9.16 2.01
CA VAL A 211 26.63 -8.97 0.63
C VAL A 211 25.70 -7.77 0.53
N PHE A 212 24.91 -7.49 1.57
CA PHE A 212 24.07 -6.29 1.53
C PHE A 212 24.87 -5.02 1.78
N GLU A 213 25.91 -5.09 2.61
CA GLU A 213 26.69 -3.88 2.88
C GLU A 213 27.58 -3.50 1.70
N LYS A 214 28.19 -4.48 1.04
CA LYS A 214 29.19 -4.14 0.03
C LYS A 214 28.56 -3.95 -1.35
N HIS A 215 27.37 -4.51 -1.58
CA HIS A 215 26.59 -4.24 -2.78
C HIS A 215 25.21 -3.70 -2.40
N PRO A 216 25.01 -2.39 -2.49
CA PRO A 216 23.73 -1.82 -2.02
C PRO A 216 22.55 -2.11 -2.92
N HIS A 217 22.77 -2.46 -4.18
CA HIS A 217 21.63 -2.74 -5.07
C HIS A 217 20.99 -4.08 -4.78
N PHE A 218 21.76 -5.01 -4.20
CA PHE A 218 21.20 -6.31 -3.86
C PHE A 218 20.06 -6.16 -2.87
N ILE A 219 20.07 -5.12 -2.04
CA ILE A 219 19.01 -4.95 -1.06
C ILE A 219 17.70 -4.60 -1.74
N ASP A 220 17.74 -3.77 -2.78
CA ASP A 220 16.51 -3.42 -3.50
C ASP A 220 16.03 -4.59 -4.35
N VAL A 221 16.96 -5.30 -4.99
CA VAL A 221 16.58 -6.52 -5.69
C VAL A 221 15.87 -7.47 -4.73
N PHE A 222 16.41 -7.63 -3.52
CA PHE A 222 15.83 -8.58 -2.58
C PHE A 222 14.48 -8.11 -2.06
N VAL A 223 14.33 -6.82 -1.75
CA VAL A 223 13.05 -6.35 -1.24
C VAL A 223 11.96 -6.52 -2.29
N HIS A 224 12.26 -6.17 -3.55
CA HIS A 224 11.22 -6.33 -4.55
C HIS A 224 11.03 -7.81 -4.90
N PHE A 225 12.04 -8.64 -4.72
CA PHE A 225 11.81 -10.07 -4.84
C PHE A 225 10.87 -10.57 -3.76
N GLY A 226 11.04 -10.09 -2.53
CA GLY A 226 10.15 -10.51 -1.45
C GLY A 226 8.72 -10.07 -1.70
N ILE A 227 8.54 -8.82 -2.15
CA ILE A 227 7.20 -8.34 -2.48
C ILE A 227 6.61 -9.17 -3.62
N ALA A 228 7.42 -9.57 -4.59
CA ALA A 228 6.92 -10.40 -5.67
C ALA A 228 6.57 -11.80 -5.17
N GLN A 229 7.37 -12.36 -4.27
CA GLN A 229 7.11 -13.69 -3.73
C GLN A 229 5.83 -13.73 -2.92
N SER A 230 5.68 -12.81 -1.99
CA SER A 230 4.52 -12.84 -1.13
C SER A 230 3.25 -12.52 -1.84
N SER A 231 3.26 -12.34 -3.16
CA SER A 231 2.04 -12.15 -3.92
C SER A 231 1.51 -13.44 -4.53
N THR A 232 2.35 -14.46 -4.67
CA THR A 232 1.96 -15.68 -5.36
C THR A 232 0.78 -16.33 -4.66
N ARG A 233 -0.08 -16.99 -5.45
CA ARG A 233 -1.27 -17.60 -4.89
C ARG A 233 -0.94 -18.73 -3.92
N GLY A 234 0.00 -19.60 -4.27
CA GLY A 234 0.32 -20.73 -3.43
C GLY A 234 1.81 -20.98 -3.42
N GLY A 235 2.19 -22.04 -2.70
CA GLY A 235 3.59 -22.43 -2.64
C GLY A 235 3.77 -23.54 -1.63
N SER A 236 5.03 -23.93 -1.44
CA SER A 236 5.33 -24.90 -0.40
C SER A 236 5.27 -24.23 0.96
N ARG A 237 5.61 -24.98 2.00
CA ARG A 237 5.58 -24.40 3.34
C ARG A 237 6.86 -23.64 3.65
N VAL A 238 7.95 -23.91 2.92
CA VAL A 238 9.17 -23.14 3.12
C VAL A 238 9.03 -21.75 2.50
N GLU A 239 8.42 -21.66 1.32
CA GLU A 239 8.05 -20.35 0.80
C GLU A 239 7.02 -19.68 1.71
N GLY A 240 6.20 -20.48 2.39
CA GLY A 240 5.32 -19.90 3.40
C GLY A 240 6.07 -19.31 4.56
N ILE A 241 7.12 -20.00 5.03
CA ILE A 241 7.99 -19.44 6.07
C ILE A 241 8.65 -18.17 5.58
N PHE A 242 9.13 -18.16 4.33
CA PHE A 242 9.76 -16.95 3.82
C PHE A 242 8.79 -15.80 3.76
N ALA A 243 7.58 -16.03 3.27
CA ALA A 243 6.60 -14.95 3.21
C ALA A 243 6.28 -14.43 4.60
N GLY A 244 6.08 -15.33 5.55
CA GLY A 244 5.76 -14.90 6.90
C GLY A 244 6.91 -14.15 7.55
N LEU A 245 8.14 -14.60 7.32
CA LEU A 245 9.29 -13.93 7.90
C LEU A 245 9.51 -12.57 7.26
N PHE A 246 9.34 -12.49 5.94
CA PHE A 246 9.52 -11.23 5.24
C PHE A 246 8.50 -10.20 5.67
N MET A 247 7.22 -10.57 5.70
CA MET A 247 6.21 -9.58 6.07
C MET A 247 6.33 -9.15 7.52
N ASN A 248 7.32 -9.65 8.25
CA ASN A 248 7.69 -9.00 9.50
C ASN A 248 8.43 -7.69 9.24
N ALA A 249 9.12 -7.59 8.11
CA ALA A 249 9.88 -6.39 7.81
C ALA A 249 8.96 -5.19 7.61
N TYR A 250 7.76 -5.40 7.05
CA TYR A 250 6.86 -4.29 6.85
C TYR A 250 6.63 -3.57 8.16
N GLY A 251 7.07 -2.32 8.23
CA GLY A 251 7.12 -1.64 9.50
C GLY A 251 8.42 -1.83 10.22
N ALA A 252 9.53 -1.82 9.50
CA ALA A 252 10.84 -1.82 10.12
C ALA A 252 11.34 -0.39 10.21
N GLY A 253 11.72 0.03 11.41
CA GLY A 253 12.11 1.40 11.62
C GLY A 253 10.96 2.38 11.73
N GLN A 254 9.74 1.90 11.83
CA GLN A 254 8.59 2.77 11.98
C GLN A 254 7.74 2.33 13.17
N VAL A 255 8.39 1.78 14.21
CA VAL A 255 7.63 1.29 15.34
C VAL A 255 6.90 2.40 16.05
N MET A 256 7.37 3.64 15.92
CA MET A 256 6.75 4.72 16.68
C MET A 256 5.37 5.05 16.14
N LEU A 257 5.15 4.86 14.83
CA LEU A 257 3.80 5.06 14.30
C LEU A 257 2.84 4.05 14.92
N ARG A 258 3.27 2.79 15.02
CA ARG A 258 2.42 1.75 15.60
C ARG A 258 2.15 2.03 17.07
N TRP A 259 3.18 2.43 17.82
CA TRP A 259 2.96 2.73 19.22
C TRP A 259 2.13 3.99 19.40
N GLY A 260 2.18 4.92 18.46
CA GLY A 260 1.27 6.05 18.52
C GLY A 260 -0.18 5.63 18.36
N VAL A 261 -0.44 4.73 17.40
CA VAL A 261 -1.78 4.19 17.27
C VAL A 261 -2.20 3.48 18.55
N LEU A 262 -1.29 2.70 19.13
CA LEU A 262 -1.60 1.98 20.35
C LEU A 262 -1.91 2.92 21.50
N ALA A 263 -1.12 3.98 21.67
CA ALA A 263 -1.39 4.96 22.72
C ALA A 263 -2.70 5.69 22.48
N LYS A 264 -3.10 5.84 21.23
CA LYS A 264 -4.44 6.33 20.97
C LYS A 264 -5.49 5.32 21.41
N SER A 265 -5.21 4.03 21.23
CA SER A 265 -6.22 3.01 21.53
C SER A 265 -6.49 2.91 23.02
N VAL A 266 -5.45 2.84 23.84
CA VAL A 266 -5.62 2.63 25.27
C VAL A 266 -6.01 3.93 25.96
N LYS A 267 -6.25 4.97 25.15
CA LYS A 267 -6.74 6.26 25.65
C LYS A 267 -5.80 6.82 26.72
N ASN A 268 -4.51 6.86 26.40
CA ASN A 268 -3.55 7.40 27.35
C ASN A 268 -3.85 8.86 27.64
N ILE A 269 -3.77 9.22 28.92
CA ILE A 269 -4.27 10.51 29.38
C ILE A 269 -3.50 11.65 28.73
N MET A 270 -2.19 11.58 28.74
CA MET A 270 -1.41 12.71 28.26
C MET A 270 -1.48 12.91 26.76
N LEU A 271 -2.29 12.21 25.98
CA LEU A 271 -2.52 12.65 24.62
C LEU A 271 -3.46 13.85 24.54
N GLY A 272 -4.06 14.25 25.66
CA GLY A 272 -4.79 15.48 25.76
C GLY A 272 -4.01 16.62 26.37
N HIS A 273 -2.73 16.41 26.63
CA HIS A 273 -1.88 17.46 27.17
C HIS A 273 -1.85 18.65 26.22
N ALA A 274 -1.61 19.83 26.78
CA ALA A 274 -1.51 21.02 25.95
C ALA A 274 -0.31 20.94 25.01
N SER A 275 0.85 20.57 25.56
CA SER A 275 2.05 20.44 24.76
C SER A 275 1.97 19.33 23.72
N VAL A 276 1.01 18.43 23.84
CA VAL A 276 0.81 17.39 22.84
C VAL A 276 -0.29 17.77 21.86
N GLN A 277 -1.31 18.49 22.35
CA GLN A 277 -2.31 19.02 21.44
C GLN A 277 -1.72 20.10 20.53
N ALA A 278 -0.59 20.68 20.92
CA ALA A 278 0.12 21.56 19.99
C ALA A 278 0.58 20.81 18.76
N GLU A 279 1.09 19.59 18.95
CA GLU A 279 1.72 18.82 17.90
C GLU A 279 0.75 17.92 17.15
N MET A 280 -0.45 17.71 17.70
CA MET A 280 -1.39 16.78 17.10
C MET A 280 -1.68 17.10 15.64
N GLU A 281 -1.67 18.38 15.27
CA GLU A 281 -2.01 18.72 13.89
C GLU A 281 -1.00 18.15 12.90
N GLN A 282 0.29 18.41 13.13
CA GLN A 282 1.28 17.87 12.21
C GLN A 282 1.49 16.37 12.42
N VAL A 283 1.15 15.83 13.59
CA VAL A 283 1.15 14.39 13.74
C VAL A 283 0.10 13.76 12.84
N VAL A 284 -1.10 14.32 12.84
CA VAL A 284 -2.14 13.84 11.93
C VAL A 284 -1.71 14.03 10.49
N GLU A 285 -0.97 15.10 10.21
CA GLU A 285 -0.45 15.27 8.86
C GLU A 285 0.48 14.12 8.48
N VAL A 286 1.37 13.73 9.39
CA VAL A 286 2.24 12.58 9.13
C VAL A 286 1.42 11.31 8.91
N TYR A 287 0.37 11.12 9.71
CA TYR A 287 -0.39 9.87 9.59
C TYR A 287 -1.18 9.82 8.29
N GLU A 288 -1.80 10.93 7.88
CA GLU A 288 -2.52 10.88 6.62
C GLU A 288 -1.56 10.79 5.45
N TYR A 289 -0.35 11.34 5.58
CA TYR A 289 0.67 11.10 4.55
C TYR A 289 1.05 9.63 4.48
N ALA A 290 1.19 8.99 5.64
CA ALA A 290 1.53 7.56 5.64
C ALA A 290 0.44 6.75 4.97
N GLN A 291 -0.82 7.06 5.27
CA GLN A 291 -1.92 6.36 4.62
C GLN A 291 -1.95 6.62 3.12
N LYS A 292 -1.65 7.86 2.71
CA LYS A 292 -1.61 8.19 1.29
C LYS A 292 -0.53 7.38 0.58
N LEU A 293 0.64 7.25 1.20
CA LEU A 293 1.67 6.37 0.65
C LEU A 293 1.16 4.95 0.56
N GLY A 294 0.47 4.49 1.60
CA GLY A 294 -0.22 3.22 1.54
C GLY A 294 0.69 2.01 1.59
N GLY A 295 0.78 1.30 0.47
CA GLY A 295 1.43 0.01 0.46
C GLY A 295 2.89 0.03 0.86
N GLU A 296 3.74 0.60 0.03
CA GLU A 296 5.18 0.49 0.20
C GLU A 296 5.72 1.32 1.36
N ALA A 297 4.86 2.03 2.09
CA ALA A 297 5.33 2.90 3.17
C ALA A 297 5.90 2.14 4.35
N GLY A 298 6.05 0.82 4.21
CA GLY A 298 6.64 0.04 5.27
C GLY A 298 8.04 -0.39 4.92
N PHE A 299 8.38 -0.29 3.64
CA PHE A 299 9.67 -0.71 3.15
C PHE A 299 10.56 0.47 2.76
N TYR A 300 10.28 1.65 3.31
CA TYR A 300 11.16 2.80 3.09
C TYR A 300 12.35 2.86 4.02
N HIS A 301 12.41 2.03 5.06
CA HIS A 301 13.60 2.02 5.89
C HIS A 301 14.47 0.81 5.64
N ILE A 302 13.90 -0.27 5.10
CA ILE A 302 14.69 -1.42 4.69
C ILE A 302 15.55 -1.05 3.51
N LEU A 303 14.91 -0.71 2.39
CA LEU A 303 15.52 0.21 1.45
C LEU A 303 15.83 1.48 2.21
N ASN A 304 16.99 2.08 1.97
CA ASN A 304 17.28 3.36 2.62
C ASN A 304 16.69 4.50 1.81
N ASN A 305 15.38 4.40 1.60
CA ASN A 305 14.67 5.37 0.77
C ASN A 305 14.77 6.76 1.40
N PRO A 306 15.14 7.78 0.62
CA PRO A 306 15.23 9.13 1.18
C PRO A 306 13.92 9.63 1.74
N LYS A 307 12.79 9.16 1.22
CA LYS A 307 11.50 9.55 1.77
C LYS A 307 11.18 8.83 3.07
N ALA A 308 12.16 8.20 3.70
CA ALA A 308 11.91 7.56 4.99
C ALA A 308 11.76 8.59 6.10
N SER A 309 12.59 9.64 6.07
CA SER A 309 12.58 10.60 7.16
C SER A 309 11.29 11.38 7.24
N LEU A 310 10.42 11.29 6.23
CA LEU A 310 9.13 11.95 6.31
C LEU A 310 8.15 11.21 7.19
N LEU A 311 8.46 9.97 7.58
CA LEU A 311 7.62 9.17 8.46
C LEU A 311 8.20 9.00 9.85
N SER A 312 8.87 10.03 10.36
CA SER A 312 9.49 9.96 11.68
C SER A 312 8.71 10.85 12.63
N LEU A 313 8.38 10.32 13.80
CA LEU A 313 7.75 11.10 14.84
C LEU A 313 8.74 11.68 15.84
N THR A 314 10.04 11.47 15.64
CA THR A 314 11.02 12.07 16.53
C THR A 314 11.17 13.56 16.28
N GLN A 315 10.60 14.08 15.19
CA GLN A 315 10.52 15.51 14.96
C GLN A 315 9.40 16.17 15.76
N PHE A 316 8.68 15.38 16.58
CA PHE A 316 7.67 15.86 17.51
C PHE A 316 8.04 15.37 18.91
N PRO A 317 8.89 16.09 19.64
CA PRO A 317 9.39 15.56 20.92
C PRO A 317 8.30 15.32 21.94
N HIS A 318 7.28 16.17 22.02
CA HIS A 318 6.22 15.94 23.00
C HIS A 318 5.45 14.66 22.70
N PHE A 319 4.95 14.53 21.47
CA PHE A 319 4.16 13.36 21.11
C PHE A 319 5.01 12.10 21.08
N SER A 320 6.23 12.18 20.53
CA SER A 320 7.10 11.02 20.54
C SER A 320 7.41 10.59 21.96
N SER A 321 7.65 11.54 22.85
CA SER A 321 7.98 11.17 24.22
C SER A 321 6.80 10.55 24.94
N VAL A 322 5.59 11.10 24.76
CA VAL A 322 4.45 10.50 25.44
C VAL A 322 4.16 9.12 24.88
N VAL A 323 4.31 8.94 23.56
CA VAL A 323 4.06 7.63 22.98
C VAL A 323 5.08 6.61 23.46
N LEU A 324 6.36 6.98 23.50
CA LEU A 324 7.37 6.05 23.99
C LEU A 324 7.18 5.75 25.47
N GLY A 325 6.74 6.73 26.25
CA GLY A 325 6.43 6.46 27.64
C GLY A 325 5.26 5.51 27.80
N ASN A 326 4.23 5.70 26.98
CA ASN A 326 3.09 4.79 27.02
C ASN A 326 3.51 3.38 26.65
N ALA A 327 4.35 3.25 25.63
CA ALA A 327 4.82 1.94 25.21
C ALA A 327 5.67 1.29 26.30
N ALA A 328 6.50 2.08 26.98
CA ALA A 328 7.27 1.53 28.08
C ALA A 328 6.37 1.07 29.22
N GLY A 329 5.32 1.83 29.51
CA GLY A 329 4.44 1.45 30.62
C GLY A 329 3.80 0.10 30.43
N LEU A 330 3.42 -0.22 29.20
CA LEU A 330 2.76 -1.48 28.89
C LEU A 330 3.74 -2.63 28.68
N GLY A 331 5.05 -2.37 28.78
CA GLY A 331 6.04 -3.41 28.66
C GLY A 331 6.36 -3.81 27.24
N ILE A 332 5.79 -3.13 26.24
CA ILE A 332 6.02 -3.50 24.85
C ILE A 332 7.48 -3.33 24.48
N MET A 333 8.08 -2.19 24.82
CA MET A 333 9.47 -1.95 24.46
C MET A 333 10.38 -2.71 25.41
N GLY A 334 11.20 -3.59 24.86
CA GLY A 334 12.06 -4.39 25.70
C GLY A 334 13.39 -3.72 25.97
N GLU A 335 14.12 -3.41 24.91
CA GLU A 335 15.45 -2.83 25.01
C GLU A 335 15.56 -1.75 23.93
N TYR A 336 14.47 -1.02 23.74
CA TYR A 336 14.39 -0.04 22.67
C TYR A 336 15.33 1.11 22.99
N ARG A 337 16.50 1.14 22.35
CA ARG A 337 17.55 2.11 22.66
C ARG A 337 17.21 3.49 22.12
N GLY A 338 16.06 4.01 22.54
CA GLY A 338 15.64 5.32 22.11
C GLY A 338 15.24 6.21 23.27
N THR A 339 16.00 7.26 23.48
CA THR A 339 15.75 8.11 24.62
C THR A 339 14.53 9.00 24.37
N PRO A 340 13.67 9.18 25.36
CA PRO A 340 12.59 10.15 25.23
C PRO A 340 13.13 11.56 25.32
N ARG A 341 12.58 12.45 24.50
CA ARG A 341 13.08 13.81 24.41
C ARG A 341 12.44 14.75 25.41
N ASN A 342 11.43 14.30 26.14
CA ASN A 342 10.74 15.10 27.14
C ASN A 342 10.51 14.21 28.36
N GLN A 343 11.48 14.21 29.29
CA GLN A 343 11.48 13.21 30.35
C GLN A 343 10.25 13.30 31.23
N ASP A 344 9.73 14.51 31.45
CA ASP A 344 8.54 14.65 32.29
C ASP A 344 7.35 13.93 31.69
N LEU A 345 7.04 14.19 30.42
CA LEU A 345 5.92 13.53 29.77
C LEU A 345 6.17 12.03 29.68
N TYR A 346 7.40 11.63 29.37
CA TYR A 346 7.70 10.21 29.28
C TYR A 346 7.36 9.50 30.59
N ASP A 347 7.87 10.03 31.71
CA ASP A 347 7.65 9.36 32.98
C ASP A 347 6.18 9.41 33.39
N ALA A 348 5.51 10.54 33.18
CA ALA A 348 4.10 10.63 33.57
C ALA A 348 3.24 9.67 32.77
N ALA A 349 3.46 9.60 31.45
CA ALA A 349 2.71 8.68 30.62
C ALA A 349 3.00 7.24 30.99
N LYS A 350 4.26 6.93 31.30
CA LYS A 350 4.59 5.57 31.71
C LYS A 350 3.88 5.21 33.00
N ALA A 351 3.82 6.16 33.95
CA ALA A 351 3.11 5.90 35.20
C ALA A 351 1.63 5.64 34.95
N TYR A 352 1.00 6.45 34.08
CA TYR A 352 -0.41 6.21 33.80
C TYR A 352 -0.62 4.88 33.11
N ALA A 353 0.26 4.52 32.18
CA ALA A 353 0.12 3.23 31.49
C ALA A 353 0.25 2.08 32.49
N GLU A 354 1.18 2.19 33.43
CA GLU A 354 1.28 1.19 34.48
C GLU A 354 0.03 1.15 35.33
N GLN A 355 -0.62 2.30 35.54
CA GLN A 355 -1.91 2.29 36.21
C GLN A 355 -2.94 1.52 35.40
N LEU A 356 -2.88 1.63 34.07
CA LEU A 356 -3.80 0.89 33.21
C LEU A 356 -3.58 -0.61 33.32
N LYS A 357 -2.32 -1.05 33.25
CA LYS A 357 -2.04 -2.46 32.96
C LYS A 357 -2.54 -3.42 34.03
N GLU A 358 -2.20 -3.21 35.30
CA GLU A 358 -2.64 -4.11 36.35
C GLU A 358 -4.10 -3.91 36.72
N ASN A 359 -4.60 -2.69 36.60
CA ASN A 359 -6.01 -2.42 36.88
C ASN A 359 -6.82 -2.75 35.63
N GLY A 360 -8.05 -2.24 35.55
CA GLY A 360 -8.91 -2.52 34.43
C GLY A 360 -10.17 -3.25 34.86
N VAL A 361 -11.30 -2.54 34.83
CA VAL A 361 -12.59 -3.09 35.22
C VAL A 361 -13.32 -3.55 33.98
N ILE A 362 -13.98 -4.70 34.07
CA ILE A 362 -14.67 -5.29 32.92
C ILE A 362 -15.84 -4.41 32.55
N ASN A 363 -15.77 -3.74 31.40
CA ASN A 363 -16.88 -2.92 30.95
C ASN A 363 -18.05 -3.81 30.58
N TYR A 364 -19.24 -3.46 31.07
CA TYR A 364 -20.46 -4.14 30.67
C TYR A 364 -21.24 -3.34 29.64
N SER A 365 -20.74 -2.18 29.23
CA SER A 365 -21.38 -1.42 28.16
C SER A 365 -21.10 -2.03 26.79
N VAL A 366 -19.90 -2.59 26.61
CA VAL A 366 -19.56 -3.22 25.34
C VAL A 366 -20.44 -4.44 25.10
N LEU A 367 -20.55 -5.31 26.10
CA LEU A 367 -21.46 -6.44 26.03
C LEU A 367 -22.90 -5.95 26.07
N ASP A 368 -23.75 -6.55 25.25
CA ASP A 368 -25.18 -6.22 25.26
C ASP A 368 -25.93 -7.12 26.24
N LEU A 369 -25.41 -7.17 27.47
CA LEU A 369 -26.08 -7.93 28.51
C LEU A 369 -27.28 -7.16 29.02
N THR A 370 -28.48 -7.70 28.75
CA THR A 370 -29.70 -7.03 29.18
C THR A 370 -29.78 -6.94 30.70
N ALA A 371 -29.49 -8.03 31.40
CA ALA A 371 -29.56 -8.06 32.84
C ALA A 371 -28.23 -8.56 33.40
N GLU A 372 -27.64 -7.77 34.30
CA GLU A 372 -26.41 -8.16 34.98
C GLU A 372 -26.74 -9.08 36.16
N GLU A 373 -27.30 -10.25 35.82
CA GLU A 373 -27.79 -11.16 36.84
C GLU A 373 -26.66 -11.84 37.60
N LEU A 374 -25.47 -11.93 36.99
CA LEU A 374 -24.35 -12.60 37.63
C LEU A 374 -23.86 -11.87 38.86
N GLU A 375 -24.25 -10.61 39.04
CA GLU A 375 -23.86 -9.85 40.23
C GLU A 375 -24.41 -10.49 41.50
N ALA A 376 -25.68 -10.91 41.46
CA ALA A 376 -26.24 -11.63 42.59
C ALA A 376 -25.66 -13.05 42.66
N ILE A 377 -25.30 -13.62 41.52
CA ILE A 377 -24.71 -14.95 41.49
C ILE A 377 -23.32 -14.93 42.13
N LYS A 378 -22.66 -13.78 42.11
CA LYS A 378 -21.33 -13.62 42.70
C LYS A 378 -21.28 -14.09 44.15
N ALA C 1 -7.25 16.66 16.66
CA ALA C 1 -7.79 15.74 15.67
C ALA C 1 -7.34 14.32 15.94
N LEU C 2 -7.46 13.88 17.19
CA LEU C 2 -6.95 12.57 17.59
C LEU C 2 -7.72 11.43 16.91
N SER C 3 -8.87 11.71 16.32
CA SER C 3 -9.60 10.66 15.63
C SER C 3 -8.95 10.25 14.33
N LYS C 4 -8.03 11.06 13.80
CA LYS C 4 -7.39 10.80 12.52
C LYS C 4 -6.00 10.19 12.66
N VAL C 5 -5.52 9.95 13.87
CA VAL C 5 -4.24 9.29 14.02
C VAL C 5 -4.48 7.79 13.99
N LYS C 6 -4.65 7.26 12.79
CA LYS C 6 -4.90 5.84 12.60
C LYS C 6 -4.02 5.31 11.49
N LEU C 7 -3.55 4.08 11.68
CA LEU C 7 -2.80 3.38 10.65
C LEU C 7 -3.53 2.07 10.36
N ASN C 8 -3.86 1.84 9.11
CA ASN C 8 -4.54 0.62 8.70
C ASN C 8 -3.48 -0.31 8.15
N ASP C 9 -3.13 -1.33 8.92
CA ASP C 9 -1.95 -2.12 8.62
C ASP C 9 -2.24 -3.33 7.76
N THR C 10 -3.30 -4.09 8.04
CA THR C 10 -3.65 -5.23 7.19
C THR C 10 -4.12 -4.80 5.81
N LEU C 11 -4.94 -3.76 5.72
CA LEU C 11 -5.35 -3.27 4.41
C LEU C 11 -4.18 -2.75 3.59
N ASN C 12 -3.25 -2.03 4.24
CA ASN C 12 -2.08 -1.53 3.51
C ASN C 12 -1.16 -2.67 3.10
N LYS C 13 -1.01 -3.68 3.95
CA LYS C 13 -0.23 -4.84 3.55
C LYS C 13 -0.86 -5.52 2.33
N ASP C 14 -2.18 -5.64 2.33
CA ASP C 14 -2.89 -6.22 1.19
C ASP C 14 -2.67 -5.38 -0.07
N GLN C 15 -2.77 -4.05 0.05
CA GLN C 15 -2.61 -3.20 -1.11
C GLN C 15 -1.18 -3.23 -1.63
N LEU C 16 -0.21 -3.33 -0.74
CA LEU C 16 1.17 -3.57 -1.17
C LEU C 16 1.27 -4.88 -1.91
N LEU C 17 0.61 -5.91 -1.40
CA LEU C 17 0.98 -7.26 -1.76
C LEU C 17 0.31 -7.70 -3.04
N SER C 18 -0.96 -7.30 -3.25
CA SER C 18 -1.65 -7.69 -4.46
C SER C 18 -1.35 -6.74 -5.62
N SER C 19 -0.81 -5.57 -5.33
CA SER C 19 -0.50 -4.58 -6.36
C SER C 19 0.99 -4.51 -6.69
N SER C 20 1.71 -5.63 -6.64
CA SER C 20 3.09 -5.65 -7.07
C SER C 20 3.15 -5.63 -8.58
N LYS C 21 4.13 -4.92 -9.14
CA LYS C 21 4.28 -4.81 -10.57
C LYS C 21 5.40 -5.66 -11.16
N TYR C 22 6.05 -6.49 -10.34
CA TYR C 22 7.02 -7.47 -10.83
C TYR C 22 6.61 -8.84 -10.32
N THR C 23 6.58 -9.82 -11.22
CA THR C 23 6.11 -11.15 -10.90
C THR C 23 7.24 -12.16 -11.06
N ILE C 24 7.22 -13.20 -10.23
CA ILE C 24 8.20 -14.28 -10.28
C ILE C 24 7.56 -15.45 -10.99
N GLN C 25 8.36 -16.41 -11.41
CA GLN C 25 7.87 -17.69 -11.89
C GLN C 25 8.84 -18.78 -11.50
N ARG C 26 8.36 -19.70 -10.67
CA ARG C 26 9.17 -20.76 -10.11
C ARG C 26 9.08 -22.00 -10.99
N SER C 27 10.22 -22.43 -11.52
CA SER C 27 10.25 -23.58 -12.40
C SER C 27 10.11 -24.86 -11.57
N THR C 28 9.19 -25.73 -11.98
CA THR C 28 8.92 -26.97 -11.27
C THR C 28 10.04 -27.99 -11.40
N GLY C 29 10.52 -28.18 -12.63
CA GLY C 29 11.39 -29.29 -12.95
C GLY C 29 11.31 -29.55 -14.44
N ASP C 30 11.03 -30.80 -14.83
CA ASP C 30 10.94 -31.13 -16.24
C ASP C 30 9.59 -30.72 -16.83
N SER C 31 8.51 -31.37 -16.40
CA SER C 31 7.19 -31.06 -16.93
C SER C 31 6.15 -31.79 -16.08
N ILE C 32 4.89 -31.38 -16.24
CA ILE C 32 3.77 -32.00 -15.57
C ILE C 32 2.79 -32.51 -16.61
N ASP C 33 2.35 -33.75 -16.46
CA ASP C 33 1.38 -34.32 -17.38
C ASP C 33 0.03 -33.68 -17.12
N THR C 34 -0.66 -33.28 -18.19
CA THR C 34 -1.93 -32.56 -18.08
C THR C 34 -2.97 -33.25 -18.96
N PRO C 35 -3.52 -34.37 -18.49
CA PRO C 35 -4.45 -35.14 -19.33
C PRO C 35 -5.68 -34.34 -19.71
N ASN C 36 -6.23 -34.67 -20.86
CA ASN C 36 -7.45 -34.05 -21.33
C ASN C 36 -8.64 -34.89 -20.90
N TYR C 37 -9.84 -34.49 -21.32
CA TYR C 37 -11.06 -35.16 -20.89
C TYR C 37 -11.17 -36.57 -21.45
N ASP C 38 -10.30 -36.95 -22.40
CA ASP C 38 -10.40 -38.27 -23.01
C ASP C 38 -9.92 -39.37 -22.06
N VAL C 39 -8.86 -39.09 -21.29
CA VAL C 39 -8.23 -40.11 -20.45
C VAL C 39 -8.88 -40.23 -19.09
N GLN C 40 -9.95 -39.46 -18.84
CA GLN C 40 -10.65 -39.52 -17.57
C GLN C 40 -11.19 -40.93 -17.30
N LYS C 41 -11.71 -41.59 -18.34
CA LYS C 41 -12.25 -42.94 -18.20
C LYS C 41 -11.18 -43.93 -17.80
N HIS C 42 -10.05 -43.93 -18.52
CA HIS C 42 -8.97 -44.82 -18.16
C HIS C 42 -8.39 -44.52 -16.79
N ILE C 43 -8.42 -43.24 -16.37
CA ILE C 43 -7.91 -42.93 -15.04
C ILE C 43 -8.85 -43.46 -13.97
N ASN C 44 -10.16 -43.35 -14.18
CA ASN C 44 -11.12 -43.99 -13.29
C ASN C 44 -10.87 -45.48 -13.21
N LYS C 45 -10.63 -46.11 -14.36
CA LYS C 45 -10.37 -47.55 -14.37
C LYS C 45 -9.09 -47.87 -13.61
N LEU C 46 -8.06 -47.03 -13.75
CA LEU C 46 -6.82 -47.23 -13.03
C LEU C 46 -7.04 -47.18 -11.53
N CYS C 47 -7.84 -46.21 -11.07
CA CYS C 47 -8.18 -46.17 -9.64
C CYS C 47 -9.00 -47.39 -9.24
N GLY C 48 -9.83 -47.90 -10.15
CA GLY C 48 -10.58 -49.11 -9.87
C GLY C 48 -9.68 -50.31 -9.63
N MET C 49 -8.68 -50.50 -10.49
CA MET C 49 -7.72 -51.57 -10.25
C MET C 49 -6.90 -51.29 -9.00
N LEU C 50 -6.69 -50.01 -8.66
CA LEU C 50 -6.00 -49.69 -7.42
C LEU C 50 -6.79 -50.20 -6.22
N LEU C 51 -8.11 -49.97 -6.21
CA LEU C 51 -8.91 -50.30 -5.04
C LEU C 51 -9.29 -51.78 -4.99
N ILE C 52 -9.47 -52.43 -6.15
CA ILE C 52 -9.83 -53.84 -6.16
C ILE C 52 -8.68 -54.69 -5.63
N THR C 53 -7.45 -54.31 -5.94
CA THR C 53 -6.29 -55.11 -5.56
C THR C 53 -6.23 -55.30 -4.06
N GLU C 54 -6.14 -56.55 -3.62
CA GLU C 54 -5.97 -56.84 -2.21
C GLU C 54 -4.65 -56.24 -1.72
N ASP C 55 -4.70 -55.66 -0.51
CA ASP C 55 -3.58 -55.05 0.21
C ASP C 55 -2.59 -54.37 -0.74
N ALA C 56 -3.12 -53.57 -1.67
CA ALA C 56 -2.31 -53.04 -2.76
C ALA C 56 -1.22 -52.13 -2.24
N ASN C 57 -0.12 -52.05 -3.01
CA ASN C 57 0.95 -51.10 -2.75
C ASN C 57 0.50 -49.76 -3.29
N HIS C 58 -0.24 -49.01 -2.46
CA HIS C 58 -0.83 -47.74 -2.88
C HIS C 58 0.16 -46.59 -2.83
N LYS C 59 1.46 -46.87 -2.83
CA LYS C 59 2.45 -45.82 -2.69
C LYS C 59 2.60 -45.00 -3.97
N PHE C 60 1.96 -45.44 -5.06
CA PHE C 60 1.82 -44.64 -6.27
C PHE C 60 0.39 -44.18 -6.51
N THR C 61 -0.38 -43.91 -5.45
CA THR C 61 -1.79 -43.54 -5.66
C THR C 61 -1.98 -42.03 -5.61
N GLY C 62 -1.14 -41.31 -4.90
CA GLY C 62 -1.28 -39.86 -4.86
C GLY C 62 -1.11 -39.23 -6.23
N LEU C 63 -0.12 -39.72 -7.00
CA LEU C 63 0.05 -39.21 -8.35
C LEU C 63 -1.16 -39.50 -9.21
N ILE C 64 -1.73 -40.70 -9.09
CA ILE C 64 -2.88 -41.06 -9.92
C ILE C 64 -4.10 -40.23 -9.54
N GLY C 65 -4.28 -39.97 -8.24
CA GLY C 65 -5.38 -39.12 -7.82
C GLY C 65 -5.26 -37.71 -8.34
N MET C 66 -4.06 -37.14 -8.26
CA MET C 66 -3.87 -35.79 -8.80
C MET C 66 -4.02 -35.80 -10.31
N LEU C 67 -3.62 -36.89 -10.97
CA LEU C 67 -3.85 -37.00 -12.41
C LEU C 67 -5.34 -36.99 -12.73
N TYR C 68 -6.13 -37.67 -11.90
CA TYR C 68 -7.58 -37.65 -12.11
C TYR C 68 -8.13 -36.25 -11.91
N ALA C 69 -7.62 -35.52 -10.92
CA ALA C 69 -8.07 -34.16 -10.69
C ALA C 69 -7.74 -33.26 -11.87
N MET C 70 -6.53 -33.37 -12.41
CA MET C 70 -6.17 -32.61 -13.60
C MET C 70 -7.05 -33.00 -14.79
N SER C 71 -7.35 -34.30 -14.92
CA SER C 71 -8.21 -34.73 -16.01
C SER C 71 -9.59 -34.10 -15.91
N ARG C 72 -10.22 -34.18 -14.74
CA ARG C 72 -11.54 -33.61 -14.58
C ARG C 72 -11.55 -32.10 -14.73
N LEU C 73 -10.45 -31.42 -14.38
CA LEU C 73 -10.35 -30.01 -14.70
C LEU C 73 -10.29 -29.78 -16.20
N GLY C 74 -9.40 -30.50 -16.88
CA GLY C 74 -9.21 -30.35 -18.30
C GLY C 74 -7.86 -29.76 -18.64
N ARG C 75 -7.43 -30.01 -19.88
CA ARG C 75 -6.10 -29.62 -20.33
C ARG C 75 -5.89 -28.10 -20.23
N GLU C 76 -6.65 -27.34 -21.00
CA GLU C 76 -6.52 -25.89 -20.93
C GLU C 76 -6.84 -25.37 -19.54
N ASP C 77 -7.72 -26.06 -18.80
CA ASP C 77 -8.05 -25.60 -17.46
C ASP C 77 -6.88 -25.77 -16.51
N THR C 78 -6.21 -26.93 -16.52
CA THR C 78 -5.08 -27.10 -15.61
C THR C 78 -3.90 -26.24 -16.02
N ILE C 79 -3.68 -26.04 -17.33
CA ILE C 79 -2.62 -25.12 -17.74
C ILE C 79 -2.94 -23.71 -17.30
N LYS C 80 -4.21 -23.30 -17.38
CA LYS C 80 -4.59 -21.99 -16.88
C LYS C 80 -4.34 -21.87 -15.39
N ILE C 81 -4.65 -22.94 -14.65
CA ILE C 81 -4.46 -22.91 -13.20
C ILE C 81 -2.98 -22.75 -12.85
N LEU C 82 -2.11 -23.53 -13.49
CA LEU C 82 -0.68 -23.38 -13.22
C LEU C 82 -0.14 -22.03 -13.65
N ARG C 83 -0.51 -21.56 -14.85
CA ARG C 83 -0.02 -20.26 -15.29
C ARG C 83 -0.47 -19.16 -14.36
N ASP C 84 -1.66 -19.29 -13.78
CA ASP C 84 -2.13 -18.30 -12.83
C ASP C 84 -1.41 -18.43 -11.49
N ALA C 85 -0.95 -19.63 -11.15
CA ALA C 85 -0.24 -19.82 -9.90
C ALA C 85 1.25 -19.49 -10.00
N GLY C 86 1.71 -19.00 -11.16
CA GLY C 86 3.11 -18.66 -11.32
C GLY C 86 3.99 -19.89 -11.39
N TYR C 87 3.97 -20.59 -12.51
CA TYR C 87 4.70 -21.84 -12.63
C TYR C 87 5.03 -22.12 -14.09
N HIS C 88 6.31 -22.35 -14.39
CA HIS C 88 6.72 -22.86 -15.69
C HIS C 88 6.52 -24.37 -15.76
N VAL C 89 5.59 -24.78 -16.62
CA VAL C 89 5.45 -26.15 -17.07
C VAL C 89 5.12 -26.10 -18.55
N LYS C 90 5.30 -27.23 -19.22
CA LYS C 90 4.86 -27.36 -20.60
C LYS C 90 3.71 -28.35 -20.69
N ALA C 91 2.79 -28.08 -21.61
CA ALA C 91 1.58 -28.87 -21.73
C ALA C 91 1.90 -30.27 -22.22
N ASN C 92 2.16 -31.18 -21.28
CA ASN C 92 2.51 -32.55 -21.62
C ASN C 92 1.22 -33.29 -21.96
N GLY C 93 1.04 -33.59 -23.25
CA GLY C 93 -0.13 -34.32 -23.67
C GLY C 93 -0.15 -35.72 -23.10
N VAL C 94 -1.35 -36.26 -22.92
CA VAL C 94 -1.55 -37.60 -22.39
C VAL C 94 -2.36 -38.40 -23.40
N ASP C 95 -1.85 -39.58 -23.75
CA ASP C 95 -2.49 -40.48 -24.71
C ASP C 95 -2.33 -41.92 -24.24
N VAL C 96 -3.14 -42.79 -24.83
CA VAL C 96 -3.19 -44.21 -24.46
C VAL C 96 -2.56 -45.02 -25.58
N THR C 97 -1.61 -45.89 -25.21
CA THR C 97 -0.99 -46.82 -26.14
C THR C 97 -1.16 -48.24 -25.59
N THR C 98 -0.69 -49.21 -26.36
CA THR C 98 -0.74 -50.61 -25.97
C THR C 98 0.67 -51.16 -25.93
N HIS C 99 1.03 -51.79 -24.81
CA HIS C 99 2.34 -52.39 -24.64
C HIS C 99 2.19 -53.90 -24.48
N ARG C 100 2.88 -54.65 -25.33
CA ARG C 100 2.84 -56.11 -25.30
C ARG C 100 4.13 -56.61 -24.66
N GLN C 101 4.01 -57.26 -23.50
CA GLN C 101 5.15 -57.83 -22.80
C GLN C 101 4.89 -59.30 -22.50
N ASP C 102 5.83 -60.15 -22.89
CA ASP C 102 5.74 -61.58 -22.63
C ASP C 102 6.24 -61.83 -21.22
N ILE C 103 5.32 -62.13 -20.30
CA ILE C 103 5.64 -62.27 -18.88
C ILE C 103 5.30 -63.70 -18.46
N ASN C 104 6.27 -64.35 -17.81
CA ASN C 104 6.11 -65.72 -17.29
C ASN C 104 5.74 -66.70 -18.42
N GLY C 105 6.36 -66.52 -19.58
CA GLY C 105 6.15 -67.42 -20.69
C GLY C 105 4.98 -67.03 -21.58
N LYS C 106 3.92 -66.50 -20.99
CA LYS C 106 2.74 -66.08 -21.73
C LYS C 106 2.87 -64.62 -22.13
N GLU C 107 2.39 -64.29 -23.32
CA GLU C 107 2.37 -62.90 -23.78
C GLU C 107 0.98 -62.32 -23.58
N MET C 108 0.90 -61.21 -22.85
CA MET C 108 -0.35 -60.50 -22.65
C MET C 108 -0.21 -59.07 -23.14
N LYS C 109 -1.30 -58.52 -23.65
CA LYS C 109 -1.35 -57.15 -24.15
C LYS C 109 -2.17 -56.30 -23.19
N PHE C 110 -1.63 -55.13 -22.84
CA PHE C 110 -2.27 -54.24 -21.88
C PHE C 110 -2.43 -52.87 -22.49
N GLU C 111 -3.46 -52.15 -22.04
CA GLU C 111 -3.68 -50.76 -22.45
C GLU C 111 -2.95 -49.86 -21.47
N VAL C 112 -1.90 -49.20 -21.94
CA VAL C 112 -1.00 -48.44 -21.09
C VAL C 112 -1.26 -46.95 -21.29
N LEU C 113 -1.13 -46.19 -20.21
CA LEU C 113 -1.23 -44.75 -20.27
C LEU C 113 0.17 -44.15 -20.30
N THR C 114 0.42 -43.28 -21.27
CA THR C 114 1.74 -42.69 -21.47
C THR C 114 1.84 -41.41 -20.65
N LEU C 115 2.76 -41.39 -19.69
CA LEU C 115 2.93 -40.29 -18.77
C LEU C 115 4.42 -40.07 -18.50
N ALA C 116 4.76 -38.84 -18.11
CA ALA C 116 6.15 -38.54 -17.80
C ALA C 116 6.51 -38.97 -16.38
N SER C 117 5.67 -38.58 -15.41
CA SER C 117 5.96 -38.89 -14.02
C SER C 117 5.49 -40.28 -13.61
N LEU C 118 4.82 -41.00 -14.51
CA LEU C 118 4.34 -42.35 -14.25
C LEU C 118 4.85 -43.24 -15.37
N THR C 119 5.45 -44.38 -15.00
CA THR C 119 6.07 -45.24 -16.01
C THR C 119 5.14 -46.40 -16.37
N THR C 120 5.47 -47.05 -17.50
CA THR C 120 4.63 -48.12 -18.01
C THR C 120 4.68 -49.36 -17.13
N GLU C 121 5.88 -49.77 -16.70
CA GLU C 121 6.05 -51.04 -16.02
C GLU C 121 5.29 -51.10 -14.71
N ILE C 122 5.27 -50.01 -13.93
CA ILE C 122 4.52 -50.01 -12.68
C ILE C 122 3.02 -50.02 -12.94
N GLN C 123 2.57 -49.40 -14.04
CA GLN C 123 1.17 -49.54 -14.43
C GLN C 123 0.84 -51.00 -14.74
N ILE C 124 1.74 -51.68 -15.43
CA ILE C 124 1.52 -53.08 -15.77
C ILE C 124 1.47 -53.94 -14.51
N ASN C 125 2.36 -53.64 -13.55
CA ASN C 125 2.34 -54.34 -12.27
C ASN C 125 1.02 -54.11 -11.55
N ILE C 126 0.52 -52.87 -11.56
CA ILE C 126 -0.79 -52.57 -11.00
C ILE C 126 -1.85 -53.44 -11.66
N GLU C 127 -1.84 -53.51 -12.99
CA GLU C 127 -2.87 -54.25 -13.72
C GLU C 127 -2.81 -55.74 -13.39
N ILE C 128 -1.60 -56.30 -13.34
CA ILE C 128 -1.48 -57.75 -13.11
C ILE C 128 -1.81 -58.10 -11.66
N GLU C 129 -1.45 -57.25 -10.70
CA GLU C 129 -1.87 -57.50 -9.33
C GLU C 129 -3.38 -57.38 -9.20
N SER C 130 -3.98 -56.48 -9.97
CA SER C 130 -5.43 -56.40 -10.02
C SER C 130 -6.03 -57.69 -10.57
N ARG C 131 -5.40 -58.26 -11.60
CA ARG C 131 -5.86 -59.54 -12.13
C ARG C 131 -5.78 -60.64 -11.08
N LYS C 132 -4.67 -60.69 -10.34
CA LYS C 132 -4.52 -61.71 -9.30
C LYS C 132 -5.58 -61.57 -8.22
N SER C 133 -5.80 -60.33 -7.75
CA SER C 133 -6.83 -60.09 -6.75
C SER C 133 -8.24 -60.39 -7.29
N TYR C 134 -8.48 -60.09 -8.56
CA TYR C 134 -9.75 -60.42 -9.19
C TYR C 134 -9.98 -61.92 -9.24
N LYS C 135 -8.94 -62.68 -9.57
CA LYS C 135 -9.03 -64.13 -9.57
C LYS C 135 -9.30 -64.68 -8.18
N LYS C 136 -8.63 -64.11 -7.18
CA LYS C 136 -8.88 -64.53 -5.80
C LYS C 136 -10.31 -64.20 -5.36
N MET C 137 -10.79 -63.02 -5.73
CA MET C 137 -12.15 -62.61 -5.36
C MET C 137 -13.18 -63.54 -5.99
N LEU C 138 -13.01 -63.82 -7.28
CA LEU C 138 -13.90 -64.72 -7.99
C LEU C 138 -13.82 -66.13 -7.40
N LYS C 139 -12.63 -66.56 -7.00
CA LYS C 139 -12.50 -67.87 -6.35
C LYS C 139 -13.24 -67.91 -5.02
N GLU C 140 -13.10 -66.87 -4.20
CA GLU C 140 -13.66 -66.95 -2.85
C GLU C 140 -15.18 -66.87 -2.87
N MET C 141 -15.76 -65.92 -3.60
CA MET C 141 -17.22 -65.85 -3.62
C MET C 141 -17.83 -65.99 -5.01
N GLY C 142 -17.16 -66.67 -5.93
CA GLY C 142 -17.85 -67.15 -7.11
C GLY C 142 -18.06 -66.13 -8.21
N GLU C 143 -18.90 -65.13 -7.95
CA GLU C 143 -19.25 -64.13 -8.96
C GLU C 143 -19.00 -62.74 -8.39
N VAL C 144 -18.44 -61.87 -9.22
CA VAL C 144 -18.20 -60.48 -8.86
C VAL C 144 -19.37 -59.64 -9.35
N ALA C 145 -19.96 -58.87 -8.45
CA ALA C 145 -21.01 -57.95 -8.82
C ALA C 145 -20.41 -56.72 -9.51
N PRO C 146 -21.21 -56.00 -10.30
CA PRO C 146 -20.71 -54.74 -10.88
C PRO C 146 -20.25 -53.74 -9.83
N GLU C 147 -20.87 -53.73 -8.65
CA GLU C 147 -20.38 -52.90 -7.55
C GLU C 147 -19.03 -53.37 -7.03
N TYR C 148 -18.72 -54.65 -7.17
CA TYR C 148 -17.54 -55.25 -6.57
C TYR C 148 -16.31 -55.20 -7.47
N ARG C 149 -16.39 -54.56 -8.63
CA ARG C 149 -15.27 -54.55 -9.56
C ARG C 149 -14.72 -53.14 -9.76
N HIS C 150 -13.74 -53.04 -10.65
CA HIS C 150 -13.02 -51.82 -10.97
C HIS C 150 -13.75 -50.91 -11.95
N ASP C 151 -14.90 -51.33 -12.48
CA ASP C 151 -15.63 -50.56 -13.45
C ASP C 151 -16.49 -49.45 -12.83
N SER C 152 -16.32 -49.18 -11.54
CA SER C 152 -17.14 -48.20 -10.87
C SER C 152 -16.80 -46.79 -11.33
N PRO C 153 -17.79 -45.89 -11.38
CA PRO C 153 -17.53 -44.51 -11.82
C PRO C 153 -17.13 -43.56 -10.70
N ASP C 154 -16.73 -44.07 -9.53
CA ASP C 154 -16.46 -43.22 -8.38
C ASP C 154 -15.20 -43.58 -7.61
N CYS C 155 -14.35 -44.46 -8.14
CA CYS C 155 -13.10 -44.77 -7.46
C CYS C 155 -12.19 -43.53 -7.38
N GLY C 156 -12.21 -42.72 -8.44
CA GLY C 156 -11.41 -41.51 -8.41
C GLY C 156 -11.81 -40.57 -7.29
N MET C 157 -13.11 -40.36 -7.13
CA MET C 157 -13.57 -39.54 -5.99
C MET C 157 -13.37 -40.24 -4.66
N ILE C 158 -13.30 -41.57 -4.61
CA ILE C 158 -12.95 -42.18 -3.33
C ILE C 158 -11.51 -41.82 -2.93
N ILE C 159 -10.58 -41.96 -3.87
CA ILE C 159 -9.20 -41.60 -3.58
C ILE C 159 -9.08 -40.11 -3.27
N LEU C 160 -9.79 -39.28 -4.03
CA LEU C 160 -9.82 -37.85 -3.74
C LEU C 160 -10.52 -37.52 -2.43
N CYS C 161 -11.36 -38.42 -1.92
CA CYS C 161 -11.94 -38.21 -0.59
C CYS C 161 -10.90 -38.42 0.50
N ILE C 162 -10.11 -39.49 0.40
CA ILE C 162 -8.97 -39.58 1.32
C ILE C 162 -8.03 -38.38 1.13
N ALA C 163 -7.88 -37.92 -0.11
CA ALA C 163 -7.09 -36.72 -0.35
C ALA C 163 -7.66 -35.51 0.37
N ALA C 164 -8.99 -35.35 0.34
CA ALA C 164 -9.61 -34.22 1.01
C ALA C 164 -9.36 -34.29 2.50
N LEU C 165 -9.39 -35.50 3.08
CA LEU C 165 -9.05 -35.62 4.48
C LEU C 165 -7.61 -35.17 4.74
N VAL C 166 -6.69 -35.57 3.88
CA VAL C 166 -5.29 -35.14 4.00
C VAL C 166 -5.17 -33.62 3.86
N ILE C 167 -5.89 -33.03 2.92
CA ILE C 167 -5.79 -31.61 2.70
C ILE C 167 -6.33 -30.86 3.91
N THR C 168 -7.41 -31.37 4.52
CA THR C 168 -7.93 -30.75 5.72
C THR C 168 -6.91 -30.81 6.85
N LYS C 169 -6.25 -31.96 7.01
CA LYS C 169 -5.34 -32.15 8.13
C LYS C 169 -3.89 -31.79 7.81
N LEU C 170 -3.64 -31.15 6.68
CA LEU C 170 -2.32 -30.59 6.39
C LEU C 170 -2.13 -29.19 6.98
N ALA C 171 -3.15 -28.65 7.65
CA ALA C 171 -2.99 -27.37 8.33
C ALA C 171 -1.94 -27.46 9.42
N ALA C 172 -1.76 -28.64 10.03
CA ALA C 172 -0.64 -28.85 10.93
C ALA C 172 0.68 -28.76 10.16
N GLY C 173 0.73 -29.33 8.96
CA GLY C 173 1.89 -29.18 8.10
C GLY C 173 3.06 -30.07 8.44
N ASP C 174 2.94 -30.94 9.43
CA ASP C 174 4.07 -31.74 9.90
C ASP C 174 3.70 -33.20 10.12
N ARG C 175 2.82 -33.74 9.28
CA ARG C 175 2.45 -35.16 9.32
C ARG C 175 1.89 -35.58 10.67
N SER C 176 1.37 -34.62 11.44
CA SER C 176 0.75 -34.95 12.72
C SER C 176 -0.74 -35.23 12.62
N GLY C 177 -1.34 -34.97 11.47
CA GLY C 177 -2.75 -35.21 11.26
C GLY C 177 -3.06 -36.57 10.69
N LEU C 178 -2.08 -37.47 10.60
CA LEU C 178 -2.31 -38.77 10.00
C LEU C 178 -3.32 -39.58 10.81
N THR C 179 -3.23 -39.52 12.13
CA THR C 179 -4.16 -40.28 12.96
C THR C 179 -5.59 -39.79 12.79
N ALA C 180 -5.78 -38.47 12.75
CA ALA C 180 -7.11 -37.92 12.54
C ALA C 180 -7.63 -38.29 11.16
N VAL C 181 -6.75 -38.29 10.15
CA VAL C 181 -7.17 -38.71 8.82
C VAL C 181 -7.62 -40.16 8.85
N ILE C 182 -6.89 -41.01 9.56
CA ILE C 182 -7.26 -42.42 9.65
C ILE C 182 -8.63 -42.57 10.30
N ARG C 183 -8.85 -41.89 11.42
CA ARG C 183 -10.13 -41.97 12.11
C ARG C 183 -11.26 -41.52 11.20
N ARG C 184 -11.10 -40.35 10.56
CA ARG C 184 -12.16 -39.84 9.71
C ARG C 184 -12.43 -40.77 8.54
N ALA C 185 -11.37 -41.28 7.89
CA ALA C 185 -11.55 -42.15 6.75
C ALA C 185 -12.17 -43.48 7.14
N ASN C 186 -12.06 -43.89 8.41
CA ASN C 186 -12.80 -45.07 8.83
C ASN C 186 -14.25 -44.74 9.17
N ASN C 187 -14.49 -43.61 9.84
CA ASN C 187 -15.87 -43.19 10.12
C ASN C 187 -16.62 -42.92 8.82
N VAL C 188 -16.11 -42.00 8.00
CA VAL C 188 -16.67 -41.78 6.69
C VAL C 188 -16.34 -42.99 5.80
N LEU C 189 -17.18 -43.21 4.80
CA LEU C 189 -16.94 -44.26 3.79
C LEU C 189 -16.87 -45.64 4.43
N LYS C 190 -17.85 -45.97 5.27
CA LYS C 190 -17.94 -47.33 5.79
C LYS C 190 -18.21 -48.32 4.66
N ASN C 191 -19.12 -47.95 3.76
CA ASN C 191 -19.48 -48.85 2.65
C ASN C 191 -18.29 -49.13 1.75
N GLU C 192 -17.52 -48.09 1.40
CA GLU C 192 -16.40 -48.29 0.50
C GLU C 192 -15.29 -49.08 1.18
N MET C 193 -15.02 -48.80 2.45
CA MET C 193 -14.03 -49.59 3.17
C MET C 193 -14.46 -51.05 3.26
N LYS C 194 -15.77 -51.29 3.34
CA LYS C 194 -16.29 -52.66 3.39
C LYS C 194 -16.25 -53.36 2.05
N ARG C 195 -16.39 -52.62 0.94
CA ARG C 195 -16.53 -53.20 -0.39
C ARG C 195 -15.18 -53.47 -1.06
N TYR C 196 -14.37 -52.43 -1.25
CA TYR C 196 -13.05 -52.57 -1.86
C TYR C 196 -12.06 -52.93 -0.77
N LYS C 197 -11.55 -54.15 -0.82
CA LYS C 197 -10.65 -54.65 0.21
C LYS C 197 -9.29 -54.00 0.17
N GLY C 198 -8.99 -53.20 -0.85
CA GLY C 198 -7.72 -52.53 -0.97
C GLY C 198 -7.67 -51.11 -0.45
N LEU C 199 -8.78 -50.57 0.02
CA LEU C 199 -8.81 -49.22 0.56
C LEU C 199 -8.08 -49.19 1.90
N LEU C 200 -6.86 -48.66 1.91
CA LEU C 200 -6.13 -48.45 3.15
C LEU C 200 -5.99 -46.95 3.39
N PRO C 201 -6.64 -46.39 4.41
CA PRO C 201 -6.45 -44.96 4.68
C PRO C 201 -5.02 -44.61 4.97
N LYS C 202 -4.27 -45.50 5.62
CA LYS C 202 -2.89 -45.18 5.98
C LYS C 202 -2.01 -45.04 4.75
N ASP C 203 -2.08 -46.02 3.84
CA ASP C 203 -1.22 -46.00 2.66
C ASP C 203 -1.56 -44.82 1.75
N ILE C 204 -2.85 -44.61 1.48
CA ILE C 204 -3.27 -43.52 0.61
C ILE C 204 -2.94 -42.17 1.24
N ALA C 205 -3.15 -42.04 2.55
CA ALA C 205 -2.83 -40.80 3.22
C ALA C 205 -1.34 -40.50 3.19
N ASN C 206 -0.50 -41.52 3.39
CA ASN C 206 0.95 -41.30 3.30
C ASN C 206 1.36 -40.94 1.89
N SER C 207 0.76 -41.60 0.89
CA SER C 207 1.03 -41.23 -0.49
C SER C 207 0.67 -39.78 -0.75
N PHE C 208 -0.46 -39.32 -0.21
CA PHE C 208 -0.89 -37.96 -0.48
C PHE C 208 -0.03 -36.95 0.24
N TYR C 209 0.38 -37.26 1.47
CA TYR C 209 1.44 -36.46 2.11
C TYR C 209 2.65 -36.33 1.20
N GLU C 210 3.13 -37.45 0.66
CA GLU C 210 4.35 -37.37 -0.14
C GLU C 210 4.13 -36.54 -1.40
N VAL C 211 3.02 -36.75 -2.09
CA VAL C 211 2.78 -36.04 -3.35
C VAL C 211 2.55 -34.55 -3.10
N PHE C 212 1.95 -34.19 -1.97
CA PHE C 212 1.72 -32.78 -1.69
C PHE C 212 2.96 -32.11 -1.11
N GLU C 213 3.88 -32.88 -0.54
CA GLU C 213 5.13 -32.29 -0.07
C GLU C 213 6.10 -32.06 -1.22
N LYS C 214 6.32 -33.08 -2.06
CA LYS C 214 7.36 -32.97 -3.08
C LYS C 214 6.99 -31.93 -4.13
N HIS C 215 5.72 -31.89 -4.53
CA HIS C 215 5.27 -31.08 -5.66
C HIS C 215 4.24 -30.06 -5.15
N PRO C 216 4.69 -28.85 -4.79
CA PRO C 216 3.77 -27.88 -4.20
C PRO C 216 2.76 -27.29 -5.17
N HIS C 217 2.92 -27.51 -6.48
CA HIS C 217 1.91 -27.06 -7.42
C HIS C 217 0.66 -27.95 -7.36
N PHE C 218 0.84 -29.21 -7.00
CA PHE C 218 -0.29 -30.12 -6.94
C PHE C 218 -1.32 -29.67 -5.91
N ILE C 219 -0.89 -28.98 -4.86
CA ILE C 219 -1.84 -28.60 -3.83
C ILE C 219 -2.76 -27.49 -4.33
N ASP C 220 -2.23 -26.55 -5.12
CA ASP C 220 -3.09 -25.52 -5.72
C ASP C 220 -3.98 -26.12 -6.80
N VAL C 221 -3.44 -27.04 -7.60
CA VAL C 221 -4.28 -27.75 -8.55
C VAL C 221 -5.45 -28.39 -7.83
N PHE C 222 -5.16 -29.08 -6.71
CA PHE C 222 -6.21 -29.80 -6.01
C PHE C 222 -7.20 -28.86 -5.35
N VAL C 223 -6.74 -27.76 -4.77
CA VAL C 223 -7.68 -26.87 -4.09
C VAL C 223 -8.61 -26.19 -5.08
N HIS C 224 -8.10 -25.78 -6.25
CA HIS C 224 -9.01 -25.19 -7.23
C HIS C 224 -9.88 -26.25 -7.89
N PHE C 225 -9.39 -27.48 -8.01
CA PHE C 225 -10.27 -28.57 -8.42
C PHE C 225 -11.39 -28.78 -7.42
N GLY C 226 -11.07 -28.69 -6.12
CA GLY C 226 -12.09 -28.87 -5.12
C GLY C 226 -13.12 -27.75 -5.12
N ILE C 227 -12.68 -26.52 -5.33
CA ILE C 227 -13.63 -25.41 -5.40
C ILE C 227 -14.52 -25.53 -6.64
N ALA C 228 -13.94 -25.93 -7.77
CA ALA C 228 -14.76 -26.09 -8.97
C ALA C 228 -15.69 -27.29 -8.86
N GLN C 229 -15.23 -28.35 -8.23
CA GLN C 229 -16.01 -29.57 -8.09
C GLN C 229 -17.27 -29.33 -7.26
N SER C 230 -17.13 -28.61 -6.17
CA SER C 230 -18.26 -28.36 -5.29
C SER C 230 -19.21 -27.33 -5.83
N SER C 231 -19.14 -26.95 -7.09
CA SER C 231 -20.08 -25.99 -7.67
C SER C 231 -21.11 -26.63 -8.59
N THR C 232 -20.82 -27.83 -9.10
CA THR C 232 -21.69 -28.44 -10.10
C THR C 232 -23.05 -28.79 -9.52
N ARG C 233 -24.09 -28.56 -10.32
CA ARG C 233 -25.47 -28.70 -9.84
C ARG C 233 -25.83 -30.13 -9.53
N GLY C 234 -25.03 -31.09 -9.99
CA GLY C 234 -25.36 -32.50 -9.79
C GLY C 234 -24.25 -33.20 -9.03
N GLY C 235 -24.37 -34.52 -8.98
CA GLY C 235 -23.33 -35.32 -8.37
C GLY C 235 -23.85 -36.70 -8.04
N SER C 236 -22.91 -37.60 -7.77
CA SER C 236 -23.27 -38.90 -7.22
C SER C 236 -23.21 -38.84 -5.71
N ARG C 237 -23.27 -40.00 -5.07
CA ARG C 237 -23.11 -40.02 -3.62
C ARG C 237 -21.66 -39.85 -3.23
N VAL C 238 -20.73 -40.31 -4.07
CA VAL C 238 -19.31 -40.22 -3.72
C VAL C 238 -18.75 -38.84 -4.00
N GLU C 239 -19.16 -38.22 -5.10
CA GLU C 239 -18.86 -36.81 -5.29
C GLU C 239 -19.50 -35.96 -4.20
N GLY C 240 -20.69 -36.35 -3.74
CA GLY C 240 -21.28 -35.67 -2.60
C GLY C 240 -20.43 -35.81 -1.35
N ILE C 241 -19.89 -37.01 -1.11
CA ILE C 241 -18.99 -37.21 0.02
C ILE C 241 -17.74 -36.36 -0.14
N PHE C 242 -17.22 -36.26 -1.36
CA PHE C 242 -16.02 -35.44 -1.57
C PHE C 242 -16.29 -33.98 -1.30
N ALA C 243 -17.42 -33.45 -1.79
CA ALA C 243 -17.75 -32.07 -1.52
C ALA C 243 -17.93 -31.85 -0.03
N GLY C 244 -18.56 -32.80 0.65
CA GLY C 244 -18.73 -32.66 2.09
C GLY C 244 -17.42 -32.67 2.84
N LEU C 245 -16.51 -33.57 2.45
CA LEU C 245 -15.20 -33.61 3.11
C LEU C 245 -14.41 -32.33 2.82
N PHE C 246 -14.45 -31.86 1.58
CA PHE C 246 -13.72 -30.67 1.21
C PHE C 246 -14.20 -29.46 2.00
N MET C 247 -15.51 -29.22 2.03
CA MET C 247 -16.00 -28.04 2.73
C MET C 247 -15.72 -28.09 4.22
N ASN C 248 -15.06 -29.14 4.70
CA ASN C 248 -14.46 -29.06 6.02
C ASN C 248 -13.20 -28.21 6.00
N ALA C 249 -12.44 -28.24 4.90
CA ALA C 249 -11.20 -27.50 4.85
C ALA C 249 -11.42 -26.00 4.88
N TYR C 250 -12.55 -25.52 4.40
CA TYR C 250 -12.81 -24.09 4.41
C TYR C 250 -12.69 -23.57 5.83
N GLY C 251 -11.74 -22.69 6.06
CA GLY C 251 -11.43 -22.29 7.41
C GLY C 251 -10.50 -23.22 8.13
N ALA C 252 -9.64 -23.93 7.40
CA ALA C 252 -8.54 -24.63 8.03
C ALA C 252 -7.50 -23.61 8.45
N GLY C 253 -6.86 -23.86 9.58
CA GLY C 253 -5.91 -22.90 10.12
C GLY C 253 -6.52 -21.63 10.65
N GLN C 254 -7.80 -21.39 10.40
CA GLN C 254 -8.49 -20.20 10.87
C GLN C 254 -9.64 -20.60 11.77
N VAL C 255 -9.37 -21.41 12.78
CA VAL C 255 -10.38 -21.69 13.79
C VAL C 255 -10.48 -20.56 14.79
N MET C 256 -9.44 -19.73 14.89
CA MET C 256 -9.45 -18.67 15.90
C MET C 256 -10.46 -17.60 15.55
N LEU C 257 -10.65 -17.32 14.27
CA LEU C 257 -11.66 -16.33 13.89
C LEU C 257 -13.05 -16.79 14.30
N ARG C 258 -13.36 -18.06 14.02
CA ARG C 258 -14.69 -18.57 14.35
C ARG C 258 -14.87 -18.69 15.85
N TRP C 259 -13.80 -18.98 16.59
CA TRP C 259 -13.92 -18.99 18.05
C TRP C 259 -14.09 -17.59 18.61
N GLY C 260 -13.52 -16.58 17.95
CA GLY C 260 -13.82 -15.21 18.35
C GLY C 260 -15.28 -14.85 18.12
N VAL C 261 -15.83 -15.29 16.99
CA VAL C 261 -17.26 -15.08 16.75
C VAL C 261 -18.09 -15.80 17.81
N LEU C 262 -17.68 -17.02 18.17
CA LEU C 262 -18.35 -17.75 19.23
C LEU C 262 -18.30 -16.99 20.55
N ALA C 263 -17.15 -16.40 20.87
CA ALA C 263 -17.05 -15.58 22.06
C ALA C 263 -18.00 -14.40 22.01
N LYS C 264 -18.16 -13.79 20.84
CA LYS C 264 -19.17 -12.75 20.71
C LYS C 264 -20.57 -13.28 20.97
N SER C 265 -20.88 -14.46 20.43
CA SER C 265 -22.26 -14.97 20.51
C SER C 265 -22.65 -15.30 21.94
N VAL C 266 -21.81 -16.04 22.66
CA VAL C 266 -22.16 -16.49 24.00
C VAL C 266 -21.98 -15.35 24.98
N LYS C 267 -21.62 -14.16 24.48
CA LYS C 267 -21.53 -12.95 25.29
C LYS C 267 -20.56 -13.13 26.46
N ASN C 268 -19.33 -13.54 26.14
CA ASN C 268 -18.34 -13.76 27.17
C ASN C 268 -18.01 -12.45 27.88
N ILE C 269 -17.76 -12.56 29.19
CA ILE C 269 -17.58 -11.37 30.01
C ILE C 269 -16.28 -10.66 29.67
N MET C 270 -15.20 -11.40 29.56
CA MET C 270 -13.91 -10.75 29.40
C MET C 270 -13.66 -10.21 28.03
N LEU C 271 -14.68 -10.09 27.17
CA LEU C 271 -14.55 -9.28 25.97
C LEU C 271 -14.76 -7.80 26.27
N GLY C 272 -15.22 -7.46 27.46
CA GLY C 272 -15.36 -6.09 27.86
C GLY C 272 -14.19 -5.55 28.64
N HIS C 273 -13.20 -6.38 28.95
CA HIS C 273 -12.02 -5.96 29.68
C HIS C 273 -11.33 -4.82 28.93
N ALA C 274 -10.61 -3.99 29.69
CA ALA C 274 -10.02 -2.79 29.09
C ALA C 274 -8.91 -3.15 28.09
N SER C 275 -8.03 -4.07 28.47
CA SER C 275 -6.95 -4.46 27.57
C SER C 275 -7.44 -5.21 26.35
N VAL C 276 -8.69 -5.67 26.34
CA VAL C 276 -9.29 -6.29 25.17
C VAL C 276 -9.99 -5.26 24.30
N GLN C 277 -10.65 -4.28 24.92
CA GLN C 277 -11.14 -3.14 24.17
C GLN C 277 -9.99 -2.34 23.56
N ALA C 278 -8.77 -2.53 24.05
CA ALA C 278 -7.61 -1.94 23.40
C ALA C 278 -7.42 -2.51 22.00
N GLU C 279 -7.66 -3.81 21.84
CA GLU C 279 -7.41 -4.51 20.58
C GLU C 279 -8.64 -4.63 19.71
N MET C 280 -9.82 -4.32 20.25
CA MET C 280 -11.05 -4.50 19.49
C MET C 280 -11.02 -3.77 18.15
N GLU C 281 -10.32 -2.63 18.07
CA GLU C 281 -10.26 -1.90 16.81
C GLU C 281 -9.61 -2.76 15.71
N GLN C 282 -8.43 -3.30 16.00
CA GLN C 282 -7.75 -4.10 14.99
C GLN C 282 -8.43 -5.45 14.78
N VAL C 283 -9.10 -5.98 15.80
CA VAL C 283 -9.87 -7.21 15.59
C VAL C 283 -11.02 -6.95 14.62
N VAL C 284 -11.72 -5.84 14.79
CA VAL C 284 -12.76 -5.46 13.84
C VAL C 284 -12.16 -5.29 12.46
N GLU C 285 -10.95 -4.73 12.38
CA GLU C 285 -10.32 -4.59 11.07
C GLU C 285 -10.02 -5.95 10.44
N VAL C 286 -9.53 -6.91 11.23
CA VAL C 286 -9.25 -8.23 10.68
C VAL C 286 -10.52 -8.90 10.19
N TYR C 287 -11.60 -8.79 10.97
CA TYR C 287 -12.85 -9.42 10.55
C TYR C 287 -13.45 -8.74 9.34
N GLU C 288 -13.34 -7.41 9.25
CA GLU C 288 -13.77 -6.72 8.04
C GLU C 288 -12.95 -7.14 6.83
N TYR C 289 -11.65 -7.33 7.02
CA TYR C 289 -10.81 -7.82 5.93
C TYR C 289 -11.23 -9.22 5.50
N ALA C 290 -11.54 -10.08 6.47
CA ALA C 290 -11.98 -11.44 6.14
C ALA C 290 -13.28 -11.40 5.34
N GLN C 291 -14.24 -10.57 5.77
CA GLN C 291 -15.48 -10.46 5.01
C GLN C 291 -15.22 -9.90 3.62
N LYS C 292 -14.36 -8.89 3.51
CA LYS C 292 -14.08 -8.28 2.21
C LYS C 292 -13.46 -9.28 1.26
N LEU C 293 -12.55 -10.13 1.76
CA LEU C 293 -12.08 -11.24 0.95
C LEU C 293 -13.23 -12.15 0.57
N GLY C 294 -14.09 -12.47 1.53
CA GLY C 294 -15.24 -13.30 1.24
C GLY C 294 -14.88 -14.73 0.90
N GLY C 295 -14.97 -15.06 -0.39
CA GLY C 295 -14.92 -16.43 -0.85
C GLY C 295 -13.72 -17.25 -0.43
N GLU C 296 -12.54 -16.92 -0.94
CA GLU C 296 -11.40 -17.82 -0.81
C GLU C 296 -10.68 -17.70 0.52
N ALA C 297 -11.09 -16.79 1.40
CA ALA C 297 -10.35 -16.52 2.62
C ALA C 297 -10.35 -17.70 3.58
N GLY C 298 -10.94 -18.82 3.16
CA GLY C 298 -10.89 -20.01 3.96
C GLY C 298 -9.80 -20.95 3.49
N PHE C 299 -9.39 -20.74 2.24
CA PHE C 299 -8.40 -21.59 1.61
C PHE C 299 -7.01 -20.94 1.55
N TYR C 300 -6.74 -19.97 2.43
CA TYR C 300 -5.42 -19.36 2.47
C TYR C 300 -4.42 -20.08 3.34
N HIS C 301 -4.82 -21.03 4.18
CA HIS C 301 -3.81 -21.77 4.91
C HIS C 301 -3.62 -23.17 4.37
N ILE C 302 -4.57 -23.66 3.58
CA ILE C 302 -4.38 -24.92 2.86
C ILE C 302 -3.38 -24.72 1.74
N LEU C 303 -3.74 -23.91 0.76
CA LEU C 303 -2.74 -23.18 0.01
C LEU C 303 -1.89 -22.42 1.02
N ASN C 304 -0.58 -22.46 0.85
CA ASN C 304 0.28 -21.71 1.76
C ASN C 304 0.37 -20.26 1.31
N ASN C 305 -0.81 -19.67 1.12
CA ASN C 305 -0.91 -18.36 0.53
C ASN C 305 -0.24 -17.32 1.45
N PRO C 306 0.71 -16.54 0.93
CA PRO C 306 1.38 -15.54 1.76
C PRO C 306 0.45 -14.48 2.32
N LYS C 307 -0.72 -14.28 1.74
CA LYS C 307 -1.70 -13.38 2.32
C LYS C 307 -2.45 -14.00 3.49
N ALA C 308 -2.05 -15.18 3.94
CA ALA C 308 -2.75 -15.83 5.04
C ALA C 308 -2.52 -15.09 6.35
N SER C 309 -1.29 -14.67 6.62
CA SER C 309 -0.94 -14.13 7.93
C SER C 309 -1.75 -12.89 8.27
N LEU C 310 -2.34 -12.23 7.27
CA LEU C 310 -3.18 -11.07 7.57
C LEU C 310 -4.46 -11.45 8.29
N LEU C 311 -4.82 -12.74 8.30
CA LEU C 311 -6.01 -13.22 9.00
C LEU C 311 -5.66 -13.96 10.29
N SER C 312 -4.63 -13.51 10.99
CA SER C 312 -4.19 -14.19 12.19
C SER C 312 -4.56 -13.38 13.41
N LEU C 313 -5.13 -14.04 14.41
CA LEU C 313 -5.39 -13.41 15.70
C LEU C 313 -4.33 -13.77 16.74
N THR C 314 -3.13 -14.14 16.32
CA THR C 314 -2.04 -14.29 17.28
C THR C 314 -1.33 -12.97 17.54
N GLN C 315 -1.41 -12.02 16.60
CA GLN C 315 -0.85 -10.69 16.82
C GLN C 315 -1.60 -9.91 17.89
N PHE C 316 -2.77 -10.38 18.33
CA PHE C 316 -3.54 -9.75 19.38
C PHE C 316 -3.49 -10.63 20.63
N PRO C 317 -2.46 -10.52 21.45
CA PRO C 317 -2.33 -11.44 22.58
C PRO C 317 -3.48 -11.41 23.57
N HIS C 318 -4.07 -10.23 23.83
CA HIS C 318 -5.17 -10.18 24.78
C HIS C 318 -6.43 -10.82 24.22
N PHE C 319 -6.81 -10.45 22.99
CA PHE C 319 -8.01 -11.01 22.39
C PHE C 319 -7.83 -12.49 22.11
N SER C 320 -6.66 -12.89 21.61
CA SER C 320 -6.41 -14.31 21.43
C SER C 320 -6.49 -15.05 22.75
N SER C 321 -5.94 -14.48 23.81
CA SER C 321 -5.96 -15.16 25.10
C SER C 321 -7.39 -15.32 25.59
N VAL C 322 -8.21 -14.28 25.51
CA VAL C 322 -9.57 -14.42 26.03
C VAL C 322 -10.38 -15.38 25.17
N VAL C 323 -10.19 -15.35 23.85
CA VAL C 323 -10.94 -16.23 22.97
C VAL C 323 -10.55 -17.69 23.19
N LEU C 324 -9.25 -17.96 23.33
CA LEU C 324 -8.82 -19.32 23.59
C LEU C 324 -9.26 -19.79 24.96
N GLY C 325 -9.28 -18.90 25.95
CA GLY C 325 -9.82 -19.26 27.24
C GLY C 325 -11.30 -19.60 27.17
N ASN C 326 -12.06 -18.82 26.40
CA ASN C 326 -13.46 -19.14 26.18
C ASN C 326 -13.62 -20.50 25.55
N ALA C 327 -12.85 -20.78 24.49
CA ALA C 327 -12.94 -22.07 23.83
C ALA C 327 -12.62 -23.19 24.80
N ALA C 328 -11.63 -22.98 25.67
CA ALA C 328 -11.33 -23.99 26.69
C ALA C 328 -12.48 -24.19 27.66
N GLY C 329 -13.10 -23.10 28.10
CA GLY C 329 -14.14 -23.22 29.12
C GLY C 329 -15.34 -23.99 28.63
N LEU C 330 -15.78 -23.72 27.41
CA LEU C 330 -16.86 -24.49 26.81
C LEU C 330 -16.42 -25.89 26.43
N GLY C 331 -15.13 -26.19 26.52
CA GLY C 331 -14.65 -27.54 26.28
C GLY C 331 -14.54 -27.93 24.83
N ILE C 332 -14.71 -26.98 23.90
CA ILE C 332 -14.76 -27.30 22.48
C ILE C 332 -13.38 -27.28 21.86
N MET C 333 -12.34 -27.13 22.66
CA MET C 333 -11.01 -27.22 22.09
C MET C 333 -10.66 -28.67 21.76
N GLY C 334 -10.57 -29.51 22.78
CA GLY C 334 -9.97 -30.81 22.58
C GLY C 334 -8.51 -30.75 22.95
N GLU C 335 -7.63 -30.59 21.95
CA GLU C 335 -6.21 -30.38 22.24
C GLU C 335 -5.76 -28.99 21.80
N TYR C 336 -5.83 -28.67 20.50
CA TYR C 336 -5.42 -27.36 20.01
C TYR C 336 -4.10 -26.92 20.64
N ARG C 337 -3.01 -27.58 20.27
CA ARG C 337 -1.73 -27.40 20.96
C ARG C 337 -1.32 -25.94 21.14
N GLY C 338 -1.96 -25.01 20.44
CA GLY C 338 -1.63 -23.61 20.63
C GLY C 338 -1.89 -23.14 22.05
N THR C 339 -1.00 -22.29 22.54
CA THR C 339 -1.01 -21.82 23.92
C THR C 339 -1.46 -20.37 23.98
N PRO C 340 -2.09 -19.97 25.10
CA PRO C 340 -2.48 -18.57 25.25
C PRO C 340 -1.27 -17.68 25.49
N ARG C 341 -1.47 -16.38 25.28
CA ARG C 341 -0.38 -15.43 25.41
C ARG C 341 -0.50 -14.54 26.64
N ASN C 342 -1.68 -14.46 27.25
CA ASN C 342 -1.88 -13.70 28.48
C ASN C 342 -2.58 -14.62 29.47
N GLN C 343 -1.80 -15.31 30.30
CA GLN C 343 -2.33 -16.40 31.10
C GLN C 343 -3.44 -15.95 32.04
N ASP C 344 -3.37 -14.71 32.54
CA ASP C 344 -4.40 -14.22 33.45
C ASP C 344 -5.76 -14.20 32.77
N LEU C 345 -5.84 -13.55 31.59
CA LEU C 345 -7.10 -13.51 30.88
C LEU C 345 -7.56 -14.90 30.47
N TYR C 346 -6.65 -15.74 30.03
CA TYR C 346 -7.03 -17.08 29.62
C TYR C 346 -7.69 -17.82 30.78
N ASP C 347 -7.05 -17.85 31.94
CA ASP C 347 -7.60 -18.58 33.07
C ASP C 347 -8.91 -17.97 33.55
N ALA C 348 -9.00 -16.65 33.61
CA ALA C 348 -10.21 -16.01 34.11
C ALA C 348 -11.39 -16.20 33.16
N ALA C 349 -11.15 -16.01 31.86
CA ALA C 349 -12.21 -16.23 30.88
C ALA C 349 -12.62 -17.69 30.84
N LYS C 350 -11.66 -18.61 30.99
CA LYS C 350 -12.00 -20.02 31.04
C LYS C 350 -12.88 -20.33 32.24
N ALA C 351 -12.58 -19.74 33.39
CA ALA C 351 -13.40 -19.96 34.56
C ALA C 351 -14.82 -19.44 34.33
N TYR C 352 -14.96 -18.25 33.75
CA TYR C 352 -16.30 -17.75 33.48
C TYR C 352 -17.02 -18.62 32.47
N ALA C 353 -16.32 -19.11 31.45
CA ALA C 353 -16.95 -19.96 30.45
C ALA C 353 -17.43 -21.26 31.05
N GLU C 354 -16.62 -21.88 31.92
CA GLU C 354 -17.07 -23.07 32.64
C GLU C 354 -18.28 -22.74 33.51
N GLN C 355 -18.33 -21.53 34.05
CA GLN C 355 -19.54 -21.10 34.74
C GLN C 355 -20.73 -21.04 33.80
N LEU C 356 -20.49 -20.69 32.53
CA LEU C 356 -21.58 -20.64 31.56
C LEU C 356 -22.17 -22.01 31.29
N LYS C 357 -21.31 -22.99 30.98
CA LYS C 357 -21.79 -24.27 30.48
C LYS C 357 -22.57 -25.08 31.51
N GLU C 358 -22.46 -24.75 32.79
CA GLU C 358 -23.23 -25.46 33.81
C GLU C 358 -24.48 -24.71 34.22
N ASN C 359 -24.45 -23.38 34.19
CA ASN C 359 -25.62 -22.56 34.41
C ASN C 359 -26.45 -22.47 33.14
N GLY C 360 -27.29 -21.46 33.04
CA GLY C 360 -28.15 -21.26 31.88
C GLY C 360 -29.62 -21.22 32.25
N VAL C 361 -30.17 -20.01 32.19
CA VAL C 361 -31.56 -19.75 32.54
C VAL C 361 -32.37 -19.70 31.25
N ILE C 362 -33.58 -20.25 31.30
CA ILE C 362 -34.45 -20.25 30.13
C ILE C 362 -35.01 -18.86 29.93
N ASN C 363 -34.43 -18.10 29.00
CA ASN C 363 -34.88 -16.74 28.75
C ASN C 363 -36.23 -16.75 28.08
N TYR C 364 -37.26 -16.31 28.81
CA TYR C 364 -38.62 -16.32 28.31
C TYR C 364 -38.93 -15.15 27.39
N SER C 365 -38.07 -14.13 27.36
CA SER C 365 -38.25 -13.04 26.41
C SER C 365 -37.98 -13.52 24.99
N VAL C 366 -37.17 -14.56 24.84
CA VAL C 366 -36.88 -15.11 23.51
C VAL C 366 -38.15 -15.62 22.87
N LEU C 367 -38.95 -16.37 23.62
CA LEU C 367 -40.26 -16.80 23.16
C LEU C 367 -41.19 -15.60 23.08
N ASP C 368 -41.71 -15.33 21.89
CA ASP C 368 -42.61 -14.20 21.69
C ASP C 368 -44.07 -14.63 21.87
N LEU C 369 -44.33 -15.19 23.05
CA LEU C 369 -45.67 -15.66 23.39
C LEU C 369 -46.35 -14.61 24.26
N THR C 370 -47.58 -14.26 23.91
CA THR C 370 -48.32 -13.28 24.69
C THR C 370 -48.96 -13.92 25.93
N ALA C 371 -49.02 -15.24 25.97
CA ALA C 371 -49.69 -15.94 27.06
C ALA C 371 -49.01 -15.64 28.40
N GLU C 372 -49.83 -15.27 29.38
CA GLU C 372 -49.35 -15.05 30.74
C GLU C 372 -49.38 -16.32 31.59
N GLU C 373 -49.90 -17.42 31.05
CA GLU C 373 -49.90 -18.69 31.79
C GLU C 373 -48.50 -19.22 32.02
N LEU C 374 -47.49 -18.68 31.32
CA LEU C 374 -46.11 -19.09 31.55
C LEU C 374 -45.71 -18.83 33.00
N GLU C 375 -46.23 -17.77 33.59
CA GLU C 375 -45.98 -17.50 35.01
C GLU C 375 -46.55 -18.61 35.88
N ALA C 376 -47.75 -19.10 35.54
CA ALA C 376 -48.30 -20.25 36.23
C ALA C 376 -47.47 -21.50 35.97
N ILE C 377 -46.92 -21.62 34.76
CA ILE C 377 -46.06 -22.75 34.44
C ILE C 377 -44.81 -22.73 35.32
N LYS C 378 -44.20 -21.56 35.47
CA LYS C 378 -43.02 -21.41 36.31
C LYS C 378 -43.39 -21.01 37.74
N ALA E 1 -17.65 -2.02 17.11
CA ALA E 1 -17.20 -2.53 18.40
C ALA E 1 -17.29 -4.04 18.43
N LEU E 2 -18.30 -4.57 19.11
CA LEU E 2 -18.52 -6.01 19.19
C LEU E 2 -19.70 -6.45 18.32
N SER E 3 -20.18 -5.57 17.44
CA SER E 3 -21.22 -5.93 16.49
C SER E 3 -20.67 -6.22 15.11
N LYS E 4 -19.46 -5.75 14.80
CA LYS E 4 -18.82 -6.03 13.53
C LYS E 4 -17.97 -7.27 13.57
N VAL E 5 -17.88 -7.94 14.72
CA VAL E 5 -17.13 -9.18 14.82
C VAL E 5 -18.03 -10.30 14.38
N LYS E 6 -18.19 -10.48 13.07
CA LYS E 6 -19.03 -11.53 12.51
C LYS E 6 -18.33 -12.10 11.29
N LEU E 7 -18.28 -13.41 11.21
CA LEU E 7 -17.69 -14.11 10.08
C LEU E 7 -18.82 -14.85 9.37
N ASN E 8 -19.42 -14.18 8.38
CA ASN E 8 -20.60 -14.70 7.69
C ASN E 8 -20.16 -15.90 6.86
N ASP E 9 -20.32 -17.09 7.44
CA ASP E 9 -19.62 -18.25 6.90
C ASP E 9 -20.40 -18.90 5.76
N THR E 10 -21.71 -19.12 5.93
CA THR E 10 -22.44 -19.85 4.90
C THR E 10 -22.69 -18.99 3.67
N LEU E 11 -22.89 -17.68 3.85
CA LEU E 11 -22.98 -16.79 2.71
C LEU E 11 -21.67 -16.76 1.93
N ASN E 12 -20.54 -16.75 2.64
CA ASN E 12 -19.24 -16.73 1.96
C ASN E 12 -18.95 -18.06 1.27
N LYS E 13 -19.37 -19.18 1.87
CA LYS E 13 -19.23 -20.45 1.19
C LYS E 13 -20.07 -20.49 -0.08
N ASP E 14 -21.30 -19.94 -0.01
CA ASP E 14 -22.11 -19.84 -1.21
C ASP E 14 -21.44 -18.98 -2.27
N GLN E 15 -20.88 -17.84 -1.86
CA GLN E 15 -20.22 -16.97 -2.83
C GLN E 15 -19.00 -17.64 -3.42
N LEU E 16 -18.28 -18.42 -2.63
CA LEU E 16 -17.16 -19.19 -3.15
C LEU E 16 -17.61 -20.19 -4.19
N LEU E 17 -18.68 -20.94 -3.88
CA LEU E 17 -19.10 -22.01 -4.78
C LEU E 17 -19.68 -21.45 -6.08
N SER E 18 -20.44 -20.36 -5.99
CA SER E 18 -21.07 -19.81 -7.17
C SER E 18 -20.07 -19.13 -8.10
N SER E 19 -19.03 -18.50 -7.54
CA SER E 19 -18.14 -17.64 -8.31
C SER E 19 -16.81 -18.31 -8.65
N SER E 20 -16.75 -19.64 -8.71
CA SER E 20 -15.55 -20.30 -9.18
C SER E 20 -15.49 -20.21 -10.69
N LYS E 21 -14.42 -19.64 -11.22
CA LYS E 21 -14.33 -19.32 -12.64
C LYS E 21 -13.80 -20.47 -13.48
N TYR E 22 -13.39 -21.57 -12.86
CA TYR E 22 -12.96 -22.75 -13.60
C TYR E 22 -14.06 -23.79 -13.48
N THR E 23 -14.47 -24.35 -14.61
CA THR E 23 -15.60 -25.26 -14.65
C THR E 23 -15.12 -26.65 -15.05
N ILE E 24 -15.57 -27.66 -14.31
CA ILE E 24 -15.29 -29.05 -14.61
C ILE E 24 -16.39 -29.56 -15.52
N GLN E 25 -16.06 -30.58 -16.31
CA GLN E 25 -17.06 -31.30 -17.08
C GLN E 25 -16.80 -32.79 -16.95
N ARG E 26 -17.81 -33.51 -16.47
CA ARG E 26 -17.67 -34.92 -16.11
C ARG E 26 -18.07 -35.81 -17.27
N SER E 27 -17.24 -36.81 -17.54
CA SER E 27 -17.48 -37.72 -18.65
C SER E 27 -18.56 -38.72 -18.27
N THR E 28 -19.68 -38.68 -19.00
CA THR E 28 -20.73 -39.69 -18.83
C THR E 28 -20.27 -41.06 -19.33
N GLY E 29 -19.62 -41.09 -20.48
CA GLY E 29 -19.26 -42.34 -21.13
C GLY E 29 -19.22 -42.18 -22.63
N ASP E 30 -19.93 -43.05 -23.35
CA ASP E 30 -19.99 -42.95 -24.81
C ASP E 30 -21.02 -41.92 -25.26
N SER E 31 -22.29 -42.14 -24.92
CA SER E 31 -23.35 -41.20 -25.27
C SER E 31 -24.60 -41.58 -24.49
N ILE E 32 -25.61 -40.72 -24.58
CA ILE E 32 -26.92 -40.96 -24.00
C ILE E 32 -27.96 -40.86 -25.09
N ASP E 33 -28.87 -41.82 -25.13
CA ASP E 33 -29.86 -41.86 -26.19
C ASP E 33 -30.93 -40.80 -25.95
N THR E 34 -31.13 -39.93 -26.93
CA THR E 34 -31.92 -38.71 -26.77
C THR E 34 -33.06 -38.63 -27.77
N PRO E 35 -34.23 -39.15 -27.41
CA PRO E 35 -35.39 -39.03 -28.30
C PRO E 35 -35.93 -37.61 -28.33
N ASN E 36 -36.70 -37.32 -29.38
CA ASN E 36 -37.38 -36.04 -29.51
C ASN E 36 -38.88 -36.24 -29.27
N TYR E 37 -39.67 -35.19 -29.50
CA TYR E 37 -41.11 -35.23 -29.26
C TYR E 37 -41.82 -36.32 -30.05
N ASP E 38 -41.32 -36.66 -31.25
CA ASP E 38 -42.05 -37.60 -32.11
C ASP E 38 -42.02 -39.02 -31.57
N VAL E 39 -40.95 -39.37 -30.85
CA VAL E 39 -40.80 -40.72 -30.29
C VAL E 39 -41.62 -40.90 -29.02
N GLN E 40 -42.25 -39.83 -28.53
CA GLN E 40 -42.97 -39.88 -27.27
C GLN E 40 -44.14 -40.86 -27.33
N LYS E 41 -44.84 -40.92 -28.47
CA LYS E 41 -45.93 -41.87 -28.64
C LYS E 41 -45.43 -43.31 -28.50
N HIS E 42 -44.34 -43.64 -29.19
CA HIS E 42 -43.76 -44.97 -29.06
C HIS E 42 -43.31 -45.26 -27.64
N ILE E 43 -42.74 -44.28 -26.95
CA ILE E 43 -42.26 -44.53 -25.59
C ILE E 43 -43.43 -44.78 -24.65
N ASN E 44 -44.51 -44.01 -24.79
CA ASN E 44 -45.72 -44.28 -24.03
C ASN E 44 -46.23 -45.68 -24.33
N LYS E 45 -46.20 -46.08 -25.60
CA LYS E 45 -46.62 -47.43 -25.98
C LYS E 45 -45.75 -48.47 -25.29
N LEU E 46 -44.44 -48.23 -25.25
CA LEU E 46 -43.53 -49.17 -24.61
C LEU E 46 -43.81 -49.29 -23.12
N CYS E 47 -44.06 -48.16 -22.45
CA CYS E 47 -44.37 -48.22 -21.03
C CYS E 47 -45.67 -48.97 -20.77
N GLY E 48 -46.70 -48.71 -21.57
CA GLY E 48 -47.94 -49.46 -21.43
C GLY E 48 -47.74 -50.94 -21.69
N MET E 49 -46.88 -51.27 -22.65
CA MET E 49 -46.59 -52.66 -22.96
C MET E 49 -45.86 -53.33 -21.81
N LEU E 50 -45.01 -52.58 -21.11
CA LEU E 50 -44.41 -53.08 -19.88
C LEU E 50 -45.48 -53.34 -18.82
N LEU E 51 -46.44 -52.44 -18.70
CA LEU E 51 -47.42 -52.53 -17.62
C LEU E 51 -48.54 -53.54 -17.89
N ILE E 52 -48.75 -53.94 -19.15
CA ILE E 52 -49.83 -54.87 -19.43
C ILE E 52 -49.36 -56.32 -19.27
N THR E 53 -48.09 -56.58 -19.55
CA THR E 53 -47.58 -57.95 -19.47
C THR E 53 -47.41 -58.39 -18.02
N GLU E 54 -47.91 -59.58 -17.71
CA GLU E 54 -47.91 -60.07 -16.34
C GLU E 54 -46.50 -60.49 -15.94
N ASP E 55 -46.14 -60.17 -14.69
CA ASP E 55 -44.88 -60.44 -14.00
C ASP E 55 -43.67 -60.44 -14.92
N ALA E 56 -43.55 -59.39 -15.74
CA ALA E 56 -42.37 -59.27 -16.60
C ALA E 56 -41.14 -58.99 -15.77
N ASN E 57 -39.98 -59.32 -16.33
CA ASN E 57 -38.71 -58.95 -15.73
C ASN E 57 -38.53 -57.45 -15.94
N HIS E 58 -39.02 -56.65 -15.01
CA HIS E 58 -39.03 -55.20 -15.13
C HIS E 58 -37.68 -54.58 -14.84
N LYS E 59 -36.59 -55.35 -14.95
CA LYS E 59 -35.28 -54.88 -14.56
C LYS E 59 -34.80 -53.70 -15.41
N PHE E 60 -35.31 -53.57 -16.64
CA PHE E 60 -34.93 -52.47 -17.51
C PHE E 60 -35.84 -51.26 -17.36
N THR E 61 -36.93 -51.38 -16.59
CA THR E 61 -38.02 -50.41 -16.69
C THR E 61 -37.56 -49.00 -16.32
N GLY E 62 -36.65 -48.87 -15.36
CA GLY E 62 -36.17 -47.54 -15.01
C GLY E 62 -35.57 -46.82 -16.20
N LEU E 63 -34.87 -47.55 -17.05
CA LEU E 63 -34.30 -46.95 -18.25
C LEU E 63 -35.40 -46.42 -19.17
N ILE E 64 -36.47 -47.21 -19.38
CA ILE E 64 -37.55 -46.76 -20.24
C ILE E 64 -38.25 -45.55 -19.64
N GLY E 65 -38.40 -45.54 -18.31
CA GLY E 65 -39.03 -44.39 -17.68
C GLY E 65 -38.22 -43.12 -17.83
N MET E 66 -36.90 -43.23 -17.66
CA MET E 66 -36.04 -42.07 -17.90
C MET E 66 -36.10 -41.64 -19.35
N LEU E 67 -36.14 -42.60 -20.28
CA LEU E 67 -36.31 -42.27 -21.69
C LEU E 67 -37.60 -41.49 -21.93
N TYR E 68 -38.70 -41.91 -21.30
CA TYR E 68 -39.96 -41.20 -21.46
C TYR E 68 -39.87 -39.78 -20.92
N ALA E 69 -39.29 -39.63 -19.73
CA ALA E 69 -39.19 -38.30 -19.14
C ALA E 69 -38.35 -37.38 -20.01
N MET E 70 -37.21 -37.87 -20.51
CA MET E 70 -36.34 -37.01 -21.29
C MET E 70 -36.88 -36.80 -22.69
N SER E 71 -37.72 -37.72 -23.17
CA SER E 71 -38.38 -37.52 -24.46
C SER E 71 -39.43 -36.43 -24.37
N ARG E 72 -40.24 -36.44 -23.30
CA ARG E 72 -41.12 -35.28 -23.11
C ARG E 72 -40.35 -34.02 -22.81
N LEU E 73 -39.16 -34.12 -22.23
CA LEU E 73 -38.31 -32.94 -22.09
C LEU E 73 -37.93 -32.39 -23.46
N GLY E 74 -37.39 -33.23 -24.33
CA GLY E 74 -37.05 -32.83 -25.67
C GLY E 74 -35.55 -32.91 -25.92
N ARG E 75 -35.21 -32.98 -27.21
CA ARG E 75 -33.82 -33.13 -27.65
C ARG E 75 -32.96 -31.99 -27.15
N GLU E 76 -33.23 -30.77 -27.63
CA GLU E 76 -32.49 -29.61 -27.20
C GLU E 76 -32.62 -29.39 -25.69
N ASP E 77 -33.77 -29.75 -25.12
CA ASP E 77 -33.97 -29.54 -23.70
C ASP E 77 -33.06 -30.43 -22.87
N THR E 78 -33.01 -31.72 -23.17
CA THR E 78 -32.12 -32.59 -22.40
C THR E 78 -30.66 -32.28 -22.67
N ILE E 79 -30.33 -31.83 -23.88
CA ILE E 79 -28.95 -31.43 -24.13
C ILE E 79 -28.59 -30.21 -23.28
N LYS E 80 -29.51 -29.26 -23.16
CA LYS E 80 -29.28 -28.12 -22.28
C LYS E 80 -29.16 -28.56 -20.83
N ILE E 81 -29.96 -29.55 -20.42
CA ILE E 81 -29.88 -30.05 -19.06
C ILE E 81 -28.50 -30.63 -18.79
N LEU E 82 -27.98 -31.45 -19.70
CA LEU E 82 -26.69 -32.07 -19.47
C LEU E 82 -25.53 -31.08 -19.65
N ARG E 83 -25.73 -30.02 -20.43
CA ARG E 83 -24.75 -28.94 -20.45
C ARG E 83 -24.72 -28.21 -19.12
N ASP E 84 -25.89 -27.94 -18.54
CA ASP E 84 -25.93 -27.22 -17.28
C ASP E 84 -25.41 -28.07 -16.13
N ALA E 85 -25.62 -29.38 -16.18
CA ALA E 85 -25.14 -30.26 -15.12
C ALA E 85 -23.66 -30.58 -15.23
N GLY E 86 -22.97 -30.07 -16.25
CA GLY E 86 -21.57 -30.34 -16.42
C GLY E 86 -21.27 -31.76 -16.84
N TYR E 87 -21.64 -32.11 -18.08
CA TYR E 87 -21.35 -33.42 -18.61
C TYR E 87 -21.03 -33.32 -20.09
N HIS E 88 -20.13 -34.20 -20.56
CA HIS E 88 -19.86 -34.38 -21.98
C HIS E 88 -20.80 -35.44 -22.54
N VAL E 89 -21.78 -35.01 -23.31
CA VAL E 89 -22.69 -35.91 -24.00
C VAL E 89 -22.71 -35.53 -25.47
N LYS E 90 -22.72 -36.55 -26.31
CA LYS E 90 -22.98 -36.38 -27.73
C LYS E 90 -24.38 -36.88 -28.02
N ALA E 91 -25.15 -36.05 -28.73
CA ALA E 91 -26.58 -36.28 -28.85
C ALA E 91 -26.86 -37.47 -29.76
N ASN E 92 -27.03 -38.64 -29.16
CA ASN E 92 -27.34 -39.87 -29.90
C ASN E 92 -28.83 -39.86 -30.22
N GLY E 93 -29.17 -39.32 -31.38
CA GLY E 93 -30.56 -39.15 -31.74
C GLY E 93 -31.29 -40.48 -31.81
N VAL E 94 -32.60 -40.42 -31.59
CA VAL E 94 -33.44 -41.61 -31.51
C VAL E 94 -34.47 -41.52 -32.63
N ASP E 95 -34.57 -42.58 -33.42
CA ASP E 95 -35.49 -42.64 -34.56
C ASP E 95 -36.24 -43.96 -34.55
N VAL E 96 -37.36 -43.98 -35.26
CA VAL E 96 -38.26 -45.11 -35.32
C VAL E 96 -37.87 -46.00 -36.50
N THR E 97 -37.67 -47.29 -36.23
CA THR E 97 -37.33 -48.26 -37.25
C THR E 97 -38.30 -49.44 -37.14
N THR E 98 -38.22 -50.34 -38.12
CA THR E 98 -39.03 -51.55 -38.14
C THR E 98 -38.13 -52.74 -38.48
N HIS E 99 -38.17 -53.76 -37.63
CA HIS E 99 -37.35 -54.96 -37.79
C HIS E 99 -38.26 -56.18 -37.85
N ARG E 100 -38.06 -57.02 -38.86
CA ARG E 100 -38.78 -58.28 -38.99
C ARG E 100 -37.93 -59.40 -38.44
N GLN E 101 -38.46 -60.14 -37.47
CA GLN E 101 -37.75 -61.25 -36.84
C GLN E 101 -38.60 -62.51 -36.93
N ASP E 102 -37.96 -63.62 -37.29
CA ASP E 102 -38.64 -64.91 -37.41
C ASP E 102 -38.56 -65.61 -36.06
N ILE E 103 -39.71 -65.73 -35.39
CA ILE E 103 -39.80 -66.33 -34.06
C ILE E 103 -40.79 -67.49 -34.13
N ASN E 104 -40.35 -68.66 -33.66
CA ASN E 104 -41.17 -69.87 -33.62
C ASN E 104 -41.74 -70.22 -35.00
N GLY E 105 -40.93 -70.02 -36.03
CA GLY E 105 -41.35 -70.33 -37.38
C GLY E 105 -42.03 -69.17 -38.09
N LYS E 106 -42.84 -68.41 -37.36
CA LYS E 106 -43.56 -67.28 -37.93
C LYS E 106 -42.68 -66.04 -37.91
N GLU E 107 -42.53 -65.41 -39.06
CA GLU E 107 -41.83 -64.13 -39.15
C GLU E 107 -42.86 -63.02 -39.30
N MET E 108 -42.90 -62.11 -38.33
CA MET E 108 -43.85 -61.02 -38.30
C MET E 108 -43.12 -59.71 -38.00
N LYS E 109 -43.80 -58.59 -38.22
CA LYS E 109 -43.20 -57.27 -38.13
C LYS E 109 -43.44 -56.68 -36.74
N PHE E 110 -42.36 -56.19 -36.12
CA PHE E 110 -42.47 -55.41 -34.89
C PHE E 110 -41.58 -54.18 -35.01
N GLU E 111 -42.13 -53.05 -34.58
CA GLU E 111 -41.45 -51.76 -34.66
C GLU E 111 -40.32 -51.72 -33.62
N VAL E 112 -39.20 -51.10 -34.00
CA VAL E 112 -38.00 -51.07 -33.17
C VAL E 112 -37.47 -49.65 -33.08
N LEU E 113 -36.98 -49.29 -31.90
CA LEU E 113 -36.43 -47.95 -31.64
C LEU E 113 -34.92 -48.06 -31.50
N THR E 114 -34.22 -46.99 -31.88
CA THR E 114 -32.76 -46.97 -31.88
C THR E 114 -32.26 -46.55 -30.51
N LEU E 115 -31.81 -47.52 -29.71
CA LEU E 115 -31.24 -47.26 -28.39
C LEU E 115 -29.87 -47.91 -28.31
N ALA E 116 -28.89 -47.17 -27.77
CA ALA E 116 -27.59 -47.76 -27.52
C ALA E 116 -27.64 -48.72 -26.34
N SER E 117 -28.26 -48.30 -25.23
CA SER E 117 -28.31 -49.12 -24.03
C SER E 117 -29.34 -50.24 -24.12
N LEU E 118 -30.40 -50.06 -24.92
CA LEU E 118 -31.46 -51.05 -25.04
C LEU E 118 -31.43 -51.63 -26.46
N THR E 119 -31.53 -52.94 -26.56
CA THR E 119 -31.35 -53.60 -27.83
C THR E 119 -32.69 -53.90 -28.49
N THR E 120 -32.62 -54.34 -29.75
CA THR E 120 -33.83 -54.70 -30.49
C THR E 120 -34.49 -55.94 -29.91
N GLU E 121 -33.70 -56.99 -29.65
CA GLU E 121 -34.26 -58.26 -29.25
C GLU E 121 -35.02 -58.16 -27.93
N ILE E 122 -34.56 -57.31 -27.02
CA ILE E 122 -35.27 -57.15 -25.75
C ILE E 122 -36.64 -56.52 -25.98
N GLN E 123 -36.71 -55.53 -26.87
CA GLN E 123 -38.01 -54.97 -27.23
C GLN E 123 -38.91 -56.03 -27.84
N ILE E 124 -38.35 -56.86 -28.72
CA ILE E 124 -39.16 -57.88 -29.38
C ILE E 124 -39.65 -58.92 -28.38
N ASN E 125 -38.80 -59.30 -27.42
CA ASN E 125 -39.26 -60.20 -26.37
C ASN E 125 -40.39 -59.57 -25.58
N ILE E 126 -40.14 -58.42 -24.95
CA ILE E 126 -41.17 -57.79 -24.15
C ILE E 126 -42.46 -57.66 -24.96
N GLU E 127 -42.33 -57.48 -26.28
CA GLU E 127 -43.47 -57.52 -27.17
C GLU E 127 -44.16 -58.88 -27.16
N ILE E 128 -43.39 -59.97 -27.23
CA ILE E 128 -44.03 -61.28 -27.35
C ILE E 128 -44.68 -61.69 -26.03
N GLU E 129 -44.04 -61.40 -24.89
CA GLU E 129 -44.74 -61.65 -23.62
C GLU E 129 -45.93 -60.71 -23.43
N SER E 130 -45.88 -59.50 -24.01
CA SER E 130 -47.06 -58.65 -24.00
C SER E 130 -48.20 -59.27 -24.79
N ARG E 131 -47.88 -59.83 -25.96
CA ARG E 131 -48.89 -60.56 -26.74
C ARG E 131 -49.43 -61.75 -25.97
N LYS E 132 -48.56 -62.46 -25.25
CA LYS E 132 -49.01 -63.57 -24.42
C LYS E 132 -49.99 -63.11 -23.35
N SER E 133 -49.65 -62.05 -22.63
CA SER E 133 -50.56 -61.51 -21.64
C SER E 133 -51.87 -61.04 -22.27
N TYR E 134 -51.80 -60.41 -23.44
CA TYR E 134 -52.99 -59.95 -24.14
C TYR E 134 -53.91 -61.11 -24.50
N LYS E 135 -53.34 -62.21 -25.02
CA LYS E 135 -54.15 -63.35 -25.42
C LYS E 135 -54.73 -64.08 -24.21
N LYS E 136 -53.96 -64.19 -23.13
CA LYS E 136 -54.51 -64.77 -21.90
C LYS E 136 -55.64 -63.92 -21.34
N MET E 137 -55.50 -62.59 -21.38
CA MET E 137 -56.57 -61.72 -20.91
C MET E 137 -57.82 -61.87 -21.79
N LEU E 138 -57.62 -61.92 -23.11
CA LEU E 138 -58.75 -62.11 -24.02
C LEU E 138 -59.41 -63.47 -23.77
N LYS E 139 -58.64 -64.47 -23.39
CA LYS E 139 -59.20 -65.78 -23.04
C LYS E 139 -59.99 -65.71 -21.74
N GLU E 140 -59.46 -65.03 -20.73
CA GLU E 140 -60.07 -65.06 -19.41
C GLU E 140 -61.29 -64.15 -19.34
N MET E 141 -61.10 -62.85 -19.55
CA MET E 141 -62.18 -61.88 -19.40
C MET E 141 -62.89 -61.57 -20.71
N GLY E 142 -62.62 -62.33 -21.76
CA GLY E 142 -63.33 -62.16 -23.01
C GLY E 142 -62.81 -61.05 -23.89
N GLU E 143 -63.02 -59.81 -23.46
CA GLU E 143 -62.62 -58.64 -24.23
C GLU E 143 -61.82 -57.68 -23.35
N VAL E 144 -60.88 -56.98 -23.95
CA VAL E 144 -60.06 -56.00 -23.24
C VAL E 144 -60.69 -54.61 -23.42
N ALA E 145 -60.86 -53.91 -22.31
CA ALA E 145 -61.44 -52.58 -22.34
C ALA E 145 -60.41 -51.55 -22.81
N PRO E 146 -60.85 -50.42 -23.34
CA PRO E 146 -59.91 -49.34 -23.69
C PRO E 146 -59.11 -48.83 -22.50
N GLU E 147 -59.63 -48.96 -21.28
CA GLU E 147 -58.89 -48.58 -20.09
C GLU E 147 -58.02 -49.72 -19.57
N TYR E 148 -58.36 -50.97 -19.87
CA TYR E 148 -57.58 -52.12 -19.46
C TYR E 148 -56.43 -52.44 -20.40
N ARG E 149 -56.27 -51.68 -21.48
CA ARG E 149 -55.25 -51.93 -22.47
C ARG E 149 -54.08 -50.95 -22.29
N HIS E 150 -52.99 -51.27 -22.97
CA HIS E 150 -51.75 -50.48 -22.92
C HIS E 150 -51.80 -49.21 -23.75
N ASP E 151 -52.97 -48.86 -24.30
CA ASP E 151 -53.09 -47.70 -25.17
C ASP E 151 -53.36 -46.40 -24.42
N SER E 152 -53.46 -46.44 -23.09
CA SER E 152 -53.74 -45.23 -22.34
C SER E 152 -52.53 -44.28 -22.38
N PRO E 153 -52.77 -42.97 -22.35
CA PRO E 153 -51.66 -42.02 -22.39
C PRO E 153 -51.07 -41.72 -21.02
N ASP E 154 -51.40 -42.53 -20.02
CA ASP E 154 -50.92 -42.31 -18.66
C ASP E 154 -50.01 -43.42 -18.15
N CYS E 155 -49.59 -44.34 -19.01
CA CYS E 155 -48.70 -45.42 -18.57
C CYS E 155 -47.34 -44.89 -18.18
N GLY E 156 -46.75 -44.02 -19.01
CA GLY E 156 -45.48 -43.42 -18.66
C GLY E 156 -45.56 -42.61 -17.38
N MET E 157 -46.67 -41.91 -17.18
CA MET E 157 -46.84 -41.16 -15.94
C MET E 157 -47.03 -42.06 -14.74
N ILE E 158 -47.63 -43.24 -14.91
CA ILE E 158 -47.68 -44.18 -13.79
C ILE E 158 -46.28 -44.65 -13.42
N ILE E 159 -45.49 -45.01 -14.44
CA ILE E 159 -44.11 -45.44 -14.18
C ILE E 159 -43.33 -44.34 -13.48
N LEU E 160 -43.45 -43.11 -13.96
CA LEU E 160 -42.74 -42.01 -13.33
C LEU E 160 -43.36 -41.61 -11.99
N CYS E 161 -44.61 -42.01 -11.71
CA CYS E 161 -45.15 -41.85 -10.37
C CYS E 161 -44.41 -42.73 -9.39
N ILE E 162 -44.21 -44.00 -9.76
CA ILE E 162 -43.44 -44.87 -8.90
C ILE E 162 -42.00 -44.38 -8.81
N ALA E 163 -41.47 -43.83 -9.90
CA ALA E 163 -40.15 -43.23 -9.85
C ALA E 163 -40.11 -42.03 -8.91
N ALA E 164 -41.17 -41.23 -8.88
CA ALA E 164 -41.21 -40.09 -7.98
C ALA E 164 -41.21 -40.54 -6.53
N LEU E 165 -41.95 -41.60 -6.23
CA LEU E 165 -41.87 -42.18 -4.88
C LEU E 165 -40.44 -42.61 -4.57
N VAL E 166 -39.79 -43.27 -5.52
CA VAL E 166 -38.40 -43.70 -5.35
C VAL E 166 -37.49 -42.50 -5.09
N ILE E 167 -37.65 -41.45 -5.87
CA ILE E 167 -36.73 -40.32 -5.77
C ILE E 167 -36.98 -39.56 -4.48
N THR E 168 -38.22 -39.56 -3.99
CA THR E 168 -38.49 -39.01 -2.67
C THR E 168 -37.75 -39.80 -1.59
N LYS E 169 -37.77 -41.12 -1.70
CA LYS E 169 -37.13 -41.93 -0.68
C LYS E 169 -35.63 -42.10 -0.91
N LEU E 170 -35.08 -41.53 -1.97
CA LEU E 170 -33.66 -41.59 -2.24
C LEU E 170 -32.86 -40.53 -1.49
N ALA E 171 -33.52 -39.71 -0.65
CA ALA E 171 -32.79 -38.71 0.12
C ALA E 171 -31.78 -39.36 1.06
N ALA E 172 -32.16 -40.46 1.71
CA ALA E 172 -31.21 -41.19 2.55
C ALA E 172 -30.04 -41.74 1.72
N GLY E 173 -30.34 -42.31 0.55
CA GLY E 173 -29.31 -42.76 -0.35
C GLY E 173 -28.61 -44.05 0.02
N ASP E 174 -29.26 -44.91 0.82
CA ASP E 174 -28.65 -46.17 1.22
C ASP E 174 -29.59 -47.34 1.02
N ARG E 175 -30.53 -47.22 0.07
CA ARG E 175 -31.48 -48.28 -0.25
C ARG E 175 -32.26 -48.74 0.99
N SER E 176 -32.66 -47.80 1.83
CA SER E 176 -33.48 -48.12 2.99
C SER E 176 -34.95 -47.79 2.78
N GLY E 177 -35.26 -46.89 1.87
CA GLY E 177 -36.62 -46.48 1.62
C GLY E 177 -37.41 -47.38 0.71
N LEU E 178 -36.88 -48.56 0.39
CA LEU E 178 -37.59 -49.47 -0.50
C LEU E 178 -38.92 -49.92 0.09
N THR E 179 -38.94 -50.22 1.40
CA THR E 179 -40.18 -50.64 2.04
C THR E 179 -41.22 -49.52 2.04
N ALA E 180 -40.78 -48.28 2.28
CA ALA E 180 -41.72 -47.16 2.28
C ALA E 180 -42.24 -46.88 0.88
N VAL E 181 -41.40 -47.05 -0.14
CA VAL E 181 -41.89 -46.94 -1.51
C VAL E 181 -42.91 -48.05 -1.78
N ILE E 182 -42.67 -49.25 -1.25
CA ILE E 182 -43.64 -50.32 -1.42
C ILE E 182 -44.98 -49.93 -0.80
N ARG E 183 -44.94 -49.40 0.43
CA ARG E 183 -46.17 -48.97 1.09
C ARG E 183 -46.89 -47.91 0.29
N ARG E 184 -46.15 -46.91 -0.20
CA ARG E 184 -46.78 -45.81 -0.92
C ARG E 184 -47.35 -46.27 -2.25
N ALA E 185 -46.62 -47.11 -2.97
CA ALA E 185 -47.10 -47.65 -4.23
C ALA E 185 -48.30 -48.56 -4.04
N ASN E 186 -48.41 -49.22 -2.89
CA ASN E 186 -49.63 -49.96 -2.61
C ASN E 186 -50.79 -49.01 -2.30
N ASN E 187 -50.54 -47.98 -1.49
CA ASN E 187 -51.59 -47.06 -1.09
C ASN E 187 -52.02 -46.18 -2.26
N VAL E 188 -51.08 -45.41 -2.82
CA VAL E 188 -51.37 -44.66 -4.03
C VAL E 188 -51.40 -45.61 -5.22
N LEU E 189 -52.08 -45.18 -6.29
CA LEU E 189 -52.19 -45.96 -7.52
C LEU E 189 -52.94 -47.27 -7.28
N LYS E 190 -53.95 -47.24 -6.40
CA LYS E 190 -54.77 -48.43 -6.20
C LYS E 190 -55.53 -48.79 -7.47
N ASN E 191 -56.16 -47.81 -8.11
CA ASN E 191 -56.94 -48.09 -9.31
C ASN E 191 -56.05 -48.55 -10.45
N GLU E 192 -54.86 -47.96 -10.55
CA GLU E 192 -53.90 -48.43 -11.55
C GLU E 192 -53.42 -49.83 -11.23
N MET E 193 -53.30 -50.16 -9.93
CA MET E 193 -52.94 -51.52 -9.54
C MET E 193 -54.01 -52.51 -9.96
N LYS E 194 -55.29 -52.15 -9.78
CA LYS E 194 -56.38 -53.06 -10.12
C LYS E 194 -56.65 -53.15 -11.62
N ARG E 195 -56.39 -52.09 -12.38
CA ARG E 195 -56.63 -52.09 -13.82
C ARG E 195 -55.44 -52.65 -14.58
N TYR E 196 -54.26 -52.09 -14.37
CA TYR E 196 -53.02 -52.66 -14.88
C TYR E 196 -52.53 -53.71 -13.90
N LYS E 197 -52.62 -54.97 -14.28
CA LYS E 197 -52.16 -56.05 -13.43
C LYS E 197 -50.64 -56.22 -13.49
N GLY E 198 -49.99 -55.58 -14.44
CA GLY E 198 -48.55 -55.69 -14.57
C GLY E 198 -47.74 -54.77 -13.68
N LEU E 199 -48.40 -54.01 -12.81
CA LEU E 199 -47.68 -53.10 -11.91
C LEU E 199 -47.06 -53.90 -10.78
N LEU E 200 -45.73 -53.86 -10.71
CA LEU E 200 -45.00 -54.49 -9.60
C LEU E 200 -44.18 -53.42 -8.88
N PRO E 201 -44.61 -52.95 -7.71
CA PRO E 201 -43.84 -51.93 -7.01
C PRO E 201 -42.42 -52.36 -6.70
N LYS E 202 -42.21 -53.62 -6.35
CA LYS E 202 -40.87 -54.08 -6.00
C LYS E 202 -39.93 -53.98 -7.19
N ASP E 203 -40.33 -54.53 -8.35
CA ASP E 203 -39.45 -54.53 -9.51
C ASP E 203 -39.22 -53.13 -10.05
N ILE E 204 -40.29 -52.33 -10.16
CA ILE E 204 -40.13 -50.97 -10.68
C ILE E 204 -39.25 -50.15 -9.75
N ALA E 205 -39.48 -50.25 -8.44
CA ALA E 205 -38.67 -49.51 -7.49
C ALA E 205 -37.22 -49.94 -7.55
N ASN E 206 -36.96 -51.24 -7.63
CA ASN E 206 -35.58 -51.72 -7.70
C ASN E 206 -34.90 -51.27 -8.98
N SER E 207 -35.60 -51.33 -10.11
CA SER E 207 -35.01 -50.89 -11.37
C SER E 207 -34.70 -49.41 -11.34
N PHE E 208 -35.61 -48.60 -10.81
CA PHE E 208 -35.34 -47.17 -10.71
C PHE E 208 -34.17 -46.90 -9.77
N TYR E 209 -34.10 -47.65 -8.66
CA TYR E 209 -32.96 -47.53 -7.77
C TYR E 209 -31.66 -47.79 -8.51
N GLU E 210 -31.60 -48.89 -9.25
CA GLU E 210 -30.35 -49.26 -9.91
C GLU E 210 -29.96 -48.26 -11.00
N VAL E 211 -30.94 -47.82 -11.81
CA VAL E 211 -30.61 -46.88 -12.88
C VAL E 211 -30.23 -45.52 -12.30
N PHE E 212 -30.80 -45.14 -11.16
CA PHE E 212 -30.40 -43.90 -10.53
C PHE E 212 -29.02 -44.00 -9.90
N GLU E 213 -28.66 -45.17 -9.36
CA GLU E 213 -27.37 -45.31 -8.70
C GLU E 213 -26.23 -45.45 -9.70
N LYS E 214 -26.46 -46.14 -10.82
CA LYS E 214 -25.40 -46.32 -11.80
C LYS E 214 -25.18 -45.06 -12.63
N HIS E 215 -26.26 -44.31 -12.88
CA HIS E 215 -26.24 -43.17 -13.80
C HIS E 215 -26.71 -41.92 -13.07
N PRO E 216 -25.80 -41.21 -12.42
CA PRO E 216 -26.20 -40.04 -11.62
C PRO E 216 -26.88 -38.94 -12.41
N HIS E 217 -26.46 -38.70 -13.66
CA HIS E 217 -27.03 -37.61 -14.45
C HIS E 217 -28.52 -37.80 -14.71
N PHE E 218 -29.00 -39.05 -14.72
CA PHE E 218 -30.42 -39.29 -14.90
C PHE E 218 -31.23 -38.69 -13.75
N ILE E 219 -30.65 -38.62 -12.55
CA ILE E 219 -31.36 -38.02 -11.43
C ILE E 219 -31.61 -36.54 -11.70
N ASP E 220 -30.60 -35.84 -12.21
CA ASP E 220 -30.77 -34.42 -12.55
C ASP E 220 -31.78 -34.24 -13.67
N VAL E 221 -31.70 -35.09 -14.70
CA VAL E 221 -32.68 -35.02 -15.78
C VAL E 221 -34.09 -35.14 -15.22
N PHE E 222 -34.30 -36.14 -14.35
CA PHE E 222 -35.63 -36.37 -13.82
C PHE E 222 -36.08 -35.25 -12.90
N VAL E 223 -35.16 -34.68 -12.11
CA VAL E 223 -35.56 -33.62 -11.19
C VAL E 223 -36.02 -32.39 -11.95
N HIS E 224 -35.28 -31.98 -12.97
CA HIS E 224 -35.78 -30.83 -13.75
C HIS E 224 -37.01 -31.18 -14.57
N PHE E 225 -37.16 -32.43 -15.01
CA PHE E 225 -38.43 -32.80 -15.63
C PHE E 225 -39.58 -32.65 -14.64
N GLY E 226 -39.36 -33.06 -13.40
CA GLY E 226 -40.42 -32.98 -12.41
C GLY E 226 -40.78 -31.54 -12.05
N ILE E 227 -39.78 -30.65 -12.02
CA ILE E 227 -40.10 -29.25 -11.82
C ILE E 227 -40.85 -28.69 -13.03
N ALA E 228 -40.49 -29.13 -14.24
CA ALA E 228 -41.21 -28.68 -15.43
C ALA E 228 -42.67 -29.13 -15.40
N GLN E 229 -42.90 -30.40 -15.06
CA GLN E 229 -44.26 -30.92 -15.01
C GLN E 229 -45.09 -30.21 -13.96
N SER E 230 -44.51 -29.94 -12.80
CA SER E 230 -45.24 -29.28 -11.74
C SER E 230 -45.38 -27.80 -11.96
N SER E 231 -45.19 -27.30 -13.17
CA SER E 231 -45.47 -25.92 -13.50
C SER E 231 -46.51 -25.75 -14.60
N THR E 232 -46.85 -26.83 -15.32
CA THR E 232 -47.84 -26.74 -16.38
C THR E 232 -49.20 -26.39 -15.80
N ARG E 233 -50.04 -25.74 -16.62
CA ARG E 233 -51.34 -25.28 -16.15
C ARG E 233 -52.25 -26.42 -15.74
N GLY E 234 -52.39 -27.44 -16.57
CA GLY E 234 -53.30 -28.53 -16.28
C GLY E 234 -52.79 -29.84 -16.80
N GLY E 235 -53.50 -30.91 -16.45
CA GLY E 235 -53.12 -32.24 -16.88
C GLY E 235 -54.16 -33.25 -16.44
N SER E 236 -53.91 -34.50 -16.83
CA SER E 236 -54.83 -35.58 -16.50
C SER E 236 -54.76 -35.90 -15.01
N ARG E 237 -55.63 -36.81 -14.58
CA ARG E 237 -55.62 -37.20 -13.16
C ARG E 237 -54.33 -37.90 -12.79
N VAL E 238 -53.75 -38.69 -13.70
CA VAL E 238 -52.49 -39.36 -13.40
C VAL E 238 -51.35 -38.35 -13.35
N GLU E 239 -51.36 -37.36 -14.24
CA GLU E 239 -50.36 -36.30 -14.15
C GLU E 239 -50.53 -35.48 -12.88
N GLY E 240 -51.78 -35.28 -12.44
CA GLY E 240 -51.99 -34.67 -11.14
C GLY E 240 -51.42 -35.49 -10.02
N ILE E 241 -51.58 -36.82 -10.10
CA ILE E 241 -50.99 -37.70 -9.09
C ILE E 241 -49.49 -37.55 -9.08
N PHE E 242 -48.86 -37.52 -10.25
CA PHE E 242 -47.41 -37.38 -10.32
C PHE E 242 -46.95 -36.04 -9.75
N ALA E 243 -47.64 -34.96 -10.09
CA ALA E 243 -47.27 -33.66 -9.53
C ALA E 243 -47.37 -33.68 -8.02
N GLY E 244 -48.46 -34.23 -7.49
CA GLY E 244 -48.61 -34.29 -6.05
C GLY E 244 -47.55 -35.16 -5.38
N LEU E 245 -47.14 -36.23 -6.06
CA LEU E 245 -46.12 -37.09 -5.48
C LEU E 245 -44.75 -36.43 -5.51
N PHE E 246 -44.40 -35.82 -6.64
CA PHE E 246 -43.08 -35.23 -6.78
C PHE E 246 -42.93 -33.99 -5.92
N MET E 247 -44.03 -33.29 -5.63
CA MET E 247 -43.89 -32.14 -4.76
C MET E 247 -43.62 -32.55 -3.32
N ASN E 248 -43.72 -33.84 -3.01
CA ASN E 248 -43.29 -34.31 -1.69
C ASN E 248 -41.78 -34.30 -1.56
N ALA E 249 -41.05 -34.52 -2.66
CA ALA E 249 -39.59 -34.52 -2.58
C ALA E 249 -39.05 -33.14 -2.21
N TYR E 250 -39.81 -32.09 -2.47
CA TYR E 250 -39.38 -30.77 -2.00
C TYR E 250 -39.19 -30.81 -0.50
N GLY E 251 -38.04 -30.35 -0.04
CA GLY E 251 -37.73 -30.45 1.37
C GLY E 251 -37.35 -31.85 1.81
N ALA E 252 -36.90 -32.70 0.89
CA ALA E 252 -36.38 -34.00 1.28
C ALA E 252 -34.99 -33.83 1.84
N GLY E 253 -34.75 -34.44 3.01
CA GLY E 253 -33.47 -34.35 3.65
C GLY E 253 -33.23 -33.10 4.45
N GLN E 254 -34.17 -32.16 4.46
CA GLN E 254 -34.03 -30.91 5.18
C GLN E 254 -35.05 -30.80 6.29
N VAL E 255 -35.52 -31.95 6.79
CA VAL E 255 -36.64 -31.94 7.72
C VAL E 255 -36.30 -31.21 9.01
N MET E 256 -35.01 -31.09 9.35
CA MET E 256 -34.63 -30.32 10.53
C MET E 256 -35.09 -28.88 10.43
N LEU E 257 -35.04 -28.30 9.23
CA LEU E 257 -35.49 -26.92 9.07
C LEU E 257 -36.99 -26.80 9.36
N ARG E 258 -37.78 -27.73 8.82
CA ARG E 258 -39.22 -27.68 9.05
C ARG E 258 -39.56 -27.91 10.51
N TRP E 259 -38.89 -28.87 11.15
CA TRP E 259 -39.15 -29.07 12.57
C TRP E 259 -38.69 -27.87 13.38
N GLY E 260 -37.68 -27.15 12.93
CA GLY E 260 -37.27 -25.94 13.61
C GLY E 260 -38.34 -24.87 13.54
N VAL E 261 -38.92 -24.66 12.35
CA VAL E 261 -39.96 -23.65 12.25
C VAL E 261 -41.20 -24.09 13.02
N LEU E 262 -41.44 -25.40 13.08
CA LEU E 262 -42.55 -25.90 13.89
C LEU E 262 -42.33 -25.64 15.38
N ALA E 263 -41.12 -25.91 15.87
CA ALA E 263 -40.78 -25.58 17.26
C ALA E 263 -40.90 -24.09 17.51
N LYS E 264 -40.66 -23.27 16.49
CA LYS E 264 -40.98 -21.86 16.62
C LYS E 264 -42.49 -21.65 16.79
N SER E 265 -43.30 -22.40 16.05
CA SER E 265 -44.75 -22.19 16.11
C SER E 265 -45.35 -22.73 17.40
N VAL E 266 -44.93 -23.92 17.84
CA VAL E 266 -45.54 -24.55 19.00
C VAL E 266 -44.93 -23.94 20.26
N LYS E 267 -43.92 -23.09 20.08
CA LYS E 267 -43.32 -22.33 21.18
C LYS E 267 -42.78 -23.25 22.27
N ASN E 268 -41.77 -24.05 21.92
CA ASN E 268 -41.08 -24.83 22.92
C ASN E 268 -40.38 -23.91 23.91
N ILE E 269 -40.48 -24.25 25.19
CA ILE E 269 -40.00 -23.35 26.25
C ILE E 269 -38.54 -23.03 26.07
N MET E 270 -37.74 -24.04 25.83
CA MET E 270 -36.30 -23.91 25.90
C MET E 270 -35.66 -23.59 24.60
N LEU E 271 -36.38 -22.95 23.68
CA LEU E 271 -35.72 -22.18 22.64
C LEU E 271 -35.19 -20.86 23.17
N GLY E 272 -35.52 -20.51 24.41
CA GLY E 272 -34.91 -19.41 25.11
C GLY E 272 -33.76 -19.81 26.00
N HIS E 273 -33.32 -21.07 25.92
CA HIS E 273 -32.17 -21.52 26.68
C HIS E 273 -30.93 -20.71 26.30
N ALA E 274 -29.96 -20.68 27.21
CA ALA E 274 -28.75 -19.90 26.98
C ALA E 274 -27.95 -20.48 25.82
N SER E 275 -27.67 -21.79 25.86
CA SER E 275 -26.87 -22.43 24.84
C SER E 275 -27.55 -22.45 23.48
N VAL E 276 -28.86 -22.24 23.42
CA VAL E 276 -29.57 -22.16 22.15
C VAL E 276 -29.61 -20.73 21.63
N GLN E 277 -29.78 -19.77 22.53
CA GLN E 277 -29.62 -18.36 22.16
C GLN E 277 -28.20 -18.04 21.72
N ALA E 278 -27.24 -18.89 22.09
CA ALA E 278 -25.89 -18.73 21.55
C ALA E 278 -25.89 -18.89 20.04
N GLU E 279 -26.46 -19.98 19.52
CA GLU E 279 -26.40 -20.31 18.11
C GLU E 279 -27.58 -19.78 17.31
N MET E 280 -28.53 -19.10 17.96
CA MET E 280 -29.65 -18.54 17.22
C MET E 280 -29.20 -17.63 16.09
N GLU E 281 -28.04 -16.97 16.23
CA GLU E 281 -27.59 -16.08 15.17
C GLU E 281 -27.26 -16.84 13.89
N GLN E 282 -26.48 -17.92 14.01
CA GLN E 282 -26.20 -18.72 12.83
C GLN E 282 -27.42 -19.48 12.35
N VAL E 283 -28.36 -19.79 13.25
CA VAL E 283 -29.62 -20.40 12.81
C VAL E 283 -30.41 -19.44 11.92
N VAL E 284 -30.52 -18.18 12.35
CA VAL E 284 -31.17 -17.17 11.53
C VAL E 284 -30.44 -17.02 10.20
N GLU E 285 -29.11 -17.10 10.24
CA GLU E 285 -28.33 -16.99 9.01
C GLU E 285 -28.66 -18.14 8.05
N VAL E 286 -28.78 -19.36 8.57
CA VAL E 286 -29.13 -20.50 7.73
C VAL E 286 -30.54 -20.35 7.15
N TYR E 287 -31.49 -19.91 7.98
CA TYR E 287 -32.86 -19.78 7.48
C TYR E 287 -32.96 -18.69 6.42
N GLU E 288 -32.28 -17.57 6.62
CA GLU E 288 -32.28 -16.53 5.60
C GLU E 288 -31.61 -17.00 4.33
N TYR E 289 -30.55 -17.81 4.45
CA TYR E 289 -29.95 -18.39 3.25
C TYR E 289 -30.91 -19.31 2.53
N ALA E 290 -31.67 -20.12 3.27
CA ALA E 290 -32.65 -21.00 2.65
C ALA E 290 -33.71 -20.20 1.91
N GLN E 291 -34.21 -19.12 2.54
CA GLN E 291 -35.18 -18.27 1.87
C GLN E 291 -34.59 -17.66 0.60
N LYS E 292 -33.35 -17.18 0.68
CA LYS E 292 -32.72 -16.55 -0.47
C LYS E 292 -32.55 -17.54 -1.62
N LEU E 293 -32.19 -18.79 -1.30
CA LEU E 293 -32.18 -19.82 -2.32
C LEU E 293 -33.56 -20.01 -2.91
N GLY E 294 -34.59 -20.05 -2.07
CA GLY E 294 -35.96 -19.99 -2.52
C GLY E 294 -36.50 -21.22 -3.20
N GLY E 295 -36.71 -21.13 -4.51
CA GLY E 295 -37.43 -22.15 -5.25
C GLY E 295 -36.86 -23.54 -5.22
N GLU E 296 -35.55 -23.67 -5.44
CA GLU E 296 -34.93 -24.97 -5.55
C GLU E 296 -34.34 -25.47 -4.23
N ALA E 297 -34.49 -24.72 -3.15
CA ALA E 297 -33.83 -25.02 -1.90
C ALA E 297 -34.33 -26.32 -1.28
N GLY E 298 -35.18 -27.04 -1.99
CA GLY E 298 -35.68 -28.31 -1.48
C GLY E 298 -35.14 -29.48 -2.27
N PHE E 299 -34.58 -29.19 -3.43
CA PHE E 299 -34.02 -30.23 -4.29
C PHE E 299 -32.49 -30.24 -4.25
N TYR E 300 -31.89 -29.66 -3.22
CA TYR E 300 -30.45 -29.79 -3.03
C TYR E 300 -30.03 -31.08 -2.36
N HIS E 301 -30.95 -31.86 -1.82
CA HIS E 301 -30.53 -33.15 -1.26
C HIS E 301 -30.94 -34.33 -2.12
N ILE E 302 -31.99 -34.19 -2.93
CA ILE E 302 -32.31 -35.22 -3.91
C ILE E 302 -31.17 -35.35 -4.90
N LEU E 303 -30.90 -34.29 -5.64
CA LEU E 303 -29.57 -34.08 -6.20
C LEU E 303 -28.60 -33.98 -5.04
N ASN E 304 -27.41 -34.55 -5.20
CA ASN E 304 -26.37 -34.30 -4.21
C ASN E 304 -25.65 -32.99 -4.52
N ASN E 305 -26.46 -31.95 -4.66
CA ASN E 305 -25.92 -30.62 -4.89
C ASN E 305 -25.00 -30.26 -3.74
N PRO E 306 -23.74 -29.89 -4.02
CA PRO E 306 -22.78 -29.75 -2.93
C PRO E 306 -23.00 -28.52 -2.07
N LYS E 307 -23.95 -27.67 -2.43
CA LYS E 307 -24.41 -26.61 -1.55
C LYS E 307 -25.51 -27.08 -0.61
N ALA E 308 -25.71 -28.39 -0.49
CA ALA E 308 -26.74 -28.91 0.40
C ALA E 308 -26.33 -28.80 1.85
N SER E 309 -25.05 -29.09 2.16
CA SER E 309 -24.57 -29.01 3.54
C SER E 309 -24.66 -27.60 4.08
N LEU E 310 -24.84 -26.61 3.21
CA LEU E 310 -25.09 -25.25 3.67
C LEU E 310 -26.44 -25.13 4.36
N LEU E 311 -27.38 -26.03 4.08
CA LEU E 311 -28.70 -26.04 4.69
C LEU E 311 -28.85 -27.12 5.74
N SER E 312 -27.82 -27.34 6.55
CA SER E 312 -27.87 -28.34 7.61
C SER E 312 -27.85 -27.63 8.96
N LEU E 313 -28.80 -27.99 9.82
CA LEU E 313 -28.81 -27.51 11.19
C LEU E 313 -28.24 -28.52 12.17
N THR E 314 -27.56 -29.56 11.68
CA THR E 314 -26.91 -30.50 12.57
C THR E 314 -25.58 -29.96 13.10
N GLN E 315 -25.01 -28.96 12.43
CA GLN E 315 -23.79 -28.33 12.90
C GLN E 315 -23.99 -27.46 14.13
N PHE E 316 -25.24 -27.24 14.54
CA PHE E 316 -25.58 -26.55 15.79
C PHE E 316 -26.14 -27.58 16.76
N PRO E 317 -25.31 -28.29 17.52
CA PRO E 317 -25.83 -29.37 18.35
C PRO E 317 -26.86 -28.94 19.38
N HIS E 318 -26.73 -27.75 19.96
CA HIS E 318 -27.72 -27.33 20.94
C HIS E 318 -29.09 -27.09 20.29
N PHE E 319 -29.12 -26.29 19.22
CA PHE E 319 -30.37 -26.05 18.52
C PHE E 319 -30.90 -27.31 17.88
N SER E 320 -30.01 -28.11 17.28
CA SER E 320 -30.45 -29.36 16.68
C SER E 320 -31.10 -30.27 17.70
N SER E 321 -30.50 -30.38 18.89
CA SER E 321 -31.05 -31.27 19.89
C SER E 321 -32.35 -30.72 20.47
N VAL E 322 -32.45 -29.42 20.68
CA VAL E 322 -33.71 -28.90 21.22
C VAL E 322 -34.84 -29.07 20.22
N VAL E 323 -34.58 -28.80 18.93
CA VAL E 323 -35.63 -28.95 17.93
C VAL E 323 -35.98 -30.42 17.72
N LEU E 324 -34.98 -31.30 17.70
CA LEU E 324 -35.26 -32.71 17.54
C LEU E 324 -36.05 -33.26 18.72
N GLY E 325 -35.70 -32.85 19.94
CA GLY E 325 -36.49 -33.26 21.08
C GLY E 325 -37.90 -32.73 21.03
N ASN E 326 -38.06 -31.48 20.58
CA ASN E 326 -39.40 -30.91 20.46
C ASN E 326 -40.24 -31.71 19.48
N ALA E 327 -39.66 -32.03 18.33
CA ALA E 327 -40.39 -32.82 17.33
C ALA E 327 -40.68 -34.21 17.85
N ALA E 328 -39.78 -34.76 18.68
CA ALA E 328 -40.02 -36.08 19.25
C ALA E 328 -41.15 -36.06 20.27
N GLY E 329 -41.24 -35.01 21.07
CA GLY E 329 -42.24 -34.92 22.10
C GLY E 329 -43.64 -34.84 21.54
N LEU E 330 -43.84 -34.02 20.51
CA LEU E 330 -45.14 -33.96 19.86
C LEU E 330 -45.46 -35.19 19.05
N GLY E 331 -44.55 -36.18 19.00
CA GLY E 331 -44.81 -37.42 18.33
C GLY E 331 -44.56 -37.42 16.84
N ILE E 332 -44.20 -36.26 16.27
CA ILE E 332 -43.98 -36.18 14.82
C ILE E 332 -42.85 -37.10 14.41
N MET E 333 -41.76 -37.10 15.16
CA MET E 333 -40.64 -37.98 14.86
C MET E 333 -41.09 -39.42 14.92
N GLY E 334 -40.88 -40.15 13.83
CA GLY E 334 -41.19 -41.56 13.82
C GLY E 334 -40.00 -42.39 14.23
N GLU E 335 -39.57 -43.31 13.37
CA GLU E 335 -38.32 -44.03 13.58
C GLU E 335 -37.18 -43.25 12.90
N TYR E 336 -37.15 -41.96 13.19
CA TYR E 336 -36.18 -41.07 12.59
C TYR E 336 -34.81 -41.34 13.18
N ARG E 337 -33.94 -42.00 12.41
CA ARG E 337 -32.66 -42.47 12.95
C ARG E 337 -31.69 -41.30 13.06
N GLY E 338 -32.13 -40.26 13.76
CA GLY E 338 -31.29 -39.11 13.99
C GLY E 338 -31.08 -38.83 15.46
N THR E 339 -29.87 -39.08 15.95
CA THR E 339 -29.59 -38.89 17.35
C THR E 339 -29.40 -37.40 17.67
N PRO E 340 -29.73 -36.98 18.89
CA PRO E 340 -29.37 -35.63 19.31
C PRO E 340 -27.94 -35.60 19.81
N ARG E 341 -27.27 -34.48 19.56
CA ARG E 341 -25.89 -34.33 20.01
C ARG E 341 -25.79 -33.65 21.38
N ASN E 342 -26.91 -33.21 21.95
CA ASN E 342 -26.95 -32.64 23.30
C ASN E 342 -28.08 -33.34 24.05
N GLN E 343 -27.71 -34.31 24.89
CA GLN E 343 -28.72 -35.16 25.51
C GLN E 343 -29.62 -34.37 26.45
N ASP E 344 -29.05 -33.42 27.21
CA ASP E 344 -29.82 -32.72 28.22
C ASP E 344 -30.95 -31.91 27.60
N LEU E 345 -30.64 -31.06 26.62
CA LEU E 345 -31.68 -30.27 25.97
C LEU E 345 -32.69 -31.15 25.25
N TYR E 346 -32.22 -32.22 24.61
CA TYR E 346 -33.14 -33.11 23.92
C TYR E 346 -34.15 -33.70 24.89
N ASP E 347 -33.67 -34.25 26.00
CA ASP E 347 -34.58 -34.87 26.96
C ASP E 347 -35.53 -33.84 27.56
N ALA E 348 -35.01 -32.66 27.91
CA ALA E 348 -35.87 -31.65 28.52
C ALA E 348 -36.94 -31.14 27.55
N ALA E 349 -36.55 -30.90 26.30
CA ALA E 349 -37.52 -30.46 25.30
C ALA E 349 -38.54 -31.55 25.00
N LYS E 350 -38.10 -32.82 24.97
CA LYS E 350 -39.04 -33.91 24.79
C LYS E 350 -40.04 -33.95 25.94
N ALA E 351 -39.57 -33.75 27.17
CA ALA E 351 -40.47 -33.75 28.31
C ALA E 351 -41.50 -32.63 28.20
N TYR E 352 -41.04 -31.42 27.88
CA TYR E 352 -42.00 -30.32 27.78
C TYR E 352 -42.97 -30.53 26.63
N ALA E 353 -42.50 -31.03 25.48
CA ALA E 353 -43.39 -31.24 24.36
C ALA E 353 -44.42 -32.31 24.67
N GLU E 354 -44.00 -33.39 25.35
CA GLU E 354 -44.97 -34.38 25.83
C GLU E 354 -45.99 -33.74 26.75
N GLN E 355 -45.55 -32.84 27.62
CA GLN E 355 -46.49 -32.14 28.50
C GLN E 355 -47.47 -31.28 27.73
N LEU E 356 -47.00 -30.62 26.67
CA LEU E 356 -47.79 -29.54 26.06
C LEU E 356 -49.03 -30.05 25.35
N LYS E 357 -48.88 -31.11 24.55
CA LYS E 357 -50.02 -31.54 23.75
C LYS E 357 -51.18 -32.07 24.60
N GLU E 358 -50.91 -32.55 25.80
CA GLU E 358 -51.96 -33.00 26.70
C GLU E 358 -52.75 -31.85 27.30
N ASN E 359 -52.07 -30.79 27.71
CA ASN E 359 -52.70 -29.59 28.23
C ASN E 359 -53.19 -28.74 27.05
N GLY E 360 -53.42 -27.45 27.29
CA GLY E 360 -53.89 -26.56 26.25
C GLY E 360 -55.25 -25.97 26.57
N VAL E 361 -55.27 -24.69 26.88
CA VAL E 361 -56.48 -23.97 27.25
C VAL E 361 -57.01 -23.25 26.03
N ILE E 362 -58.34 -23.05 26.00
CA ILE E 362 -58.94 -22.31 24.90
C ILE E 362 -58.41 -20.89 24.89
N ASN E 363 -57.68 -20.54 23.83
CA ASN E 363 -57.03 -19.25 23.74
C ASN E 363 -58.06 -18.20 23.34
N TYR E 364 -58.50 -17.40 24.30
CA TYR E 364 -59.58 -16.44 24.03
C TYR E 364 -59.12 -15.33 23.11
N SER E 365 -57.80 -15.10 23.00
CA SER E 365 -57.31 -14.15 21.99
C SER E 365 -57.61 -14.65 20.59
N VAL E 366 -57.47 -15.97 20.36
CA VAL E 366 -57.84 -16.54 19.07
C VAL E 366 -59.33 -16.40 18.82
N LEU E 367 -60.14 -16.71 19.83
CA LEU E 367 -61.59 -16.66 19.67
C LEU E 367 -62.06 -15.22 19.46
N ASP E 368 -63.01 -15.05 18.54
CA ASP E 368 -63.48 -13.74 18.14
C ASP E 368 -64.51 -13.15 19.10
N LEU E 369 -65.03 -13.94 20.03
CA LEU E 369 -66.13 -13.49 20.86
C LEU E 369 -65.69 -12.43 21.86
N THR E 370 -66.61 -11.50 22.14
CA THR E 370 -66.42 -10.49 23.18
C THR E 370 -67.11 -10.85 24.49
N ALA E 371 -68.30 -11.45 24.42
CA ALA E 371 -69.01 -11.95 25.59
C ALA E 371 -68.88 -13.47 25.63
N GLU E 372 -68.47 -14.00 26.77
CA GLU E 372 -68.19 -15.43 26.91
C GLU E 372 -69.51 -16.19 26.95
N GLU E 373 -69.99 -16.61 25.77
CA GLU E 373 -71.18 -17.43 25.71
C GLU E 373 -70.95 -18.83 26.26
N LEU E 374 -69.72 -19.35 26.17
CA LEU E 374 -69.42 -20.64 26.77
C LEU E 374 -69.59 -20.58 28.29
N GLU E 375 -69.21 -19.46 28.90
CA GLU E 375 -69.52 -19.25 30.32
C GLU E 375 -71.03 -19.21 30.54
N ALA E 376 -71.77 -18.57 29.63
CA ALA E 376 -73.22 -18.59 29.72
C ALA E 376 -73.77 -20.00 29.54
N ILE E 377 -73.18 -20.78 28.63
CA ILE E 377 -73.58 -22.18 28.47
C ILE E 377 -73.24 -22.97 29.74
N LYS E 378 -72.07 -22.70 30.33
CA LYS E 378 -71.67 -23.36 31.57
C LYS E 378 -72.66 -23.10 32.69
N ALA G 1 -19.98 42.68 -0.41
CA ALA G 1 -19.68 44.07 -0.11
C ALA G 1 -18.17 44.27 -0.04
N LEU G 2 -17.61 44.12 1.16
CA LEU G 2 -16.18 44.27 1.34
C LEU G 2 -15.46 42.94 1.45
N SER G 3 -16.11 41.83 1.12
CA SER G 3 -15.36 40.58 1.01
C SER G 3 -14.44 40.59 -0.20
N LYS G 4 -14.61 41.54 -1.11
CA LYS G 4 -13.80 41.65 -2.30
C LYS G 4 -12.87 42.86 -2.30
N VAL G 5 -12.77 43.58 -1.17
CA VAL G 5 -11.81 44.67 -1.06
C VAL G 5 -10.51 44.05 -0.53
N LYS G 6 -9.76 43.43 -1.44
CA LYS G 6 -8.49 42.82 -1.06
C LYS G 6 -7.52 42.93 -2.22
N LEU G 7 -6.40 43.58 -1.98
CA LEU G 7 -5.39 43.82 -2.99
C LEU G 7 -4.28 42.82 -2.78
N ASN G 8 -4.37 41.67 -3.46
CA ASN G 8 -3.38 40.62 -3.31
C ASN G 8 -2.05 41.12 -3.84
N ASP G 9 -1.08 41.25 -2.94
CA ASP G 9 0.14 41.98 -3.22
C ASP G 9 1.35 41.09 -3.47
N THR G 10 1.45 39.99 -2.71
CA THR G 10 2.54 39.06 -2.91
C THR G 10 2.48 38.43 -4.30
N LEU G 11 1.29 38.02 -4.74
CA LEU G 11 1.16 37.44 -6.07
C LEU G 11 1.48 38.47 -7.14
N ASN G 12 1.13 39.73 -6.91
CA ASN G 12 1.44 40.78 -7.88
C ASN G 12 2.94 40.97 -8.01
N LYS G 13 3.66 41.04 -6.88
CA LYS G 13 5.11 41.11 -6.96
C LYS G 13 5.68 39.86 -7.60
N ASP G 14 5.08 38.70 -7.32
CA ASP G 14 5.53 37.46 -7.93
C ASP G 14 5.49 37.54 -9.44
N GLN G 15 4.35 37.91 -10.01
CA GLN G 15 4.28 37.97 -11.46
C GLN G 15 5.11 39.11 -12.01
N LEU G 16 5.26 40.19 -11.25
CA LEU G 16 6.14 41.26 -11.70
C LEU G 16 7.57 40.75 -11.86
N LEU G 17 8.04 39.98 -10.89
CA LEU G 17 9.40 39.47 -10.95
C LEU G 17 9.55 38.40 -12.02
N SER G 18 8.62 37.45 -12.06
CA SER G 18 8.75 36.32 -12.98
C SER G 18 8.45 36.73 -14.42
N SER G 19 7.39 37.50 -14.64
CA SER G 19 6.92 37.81 -15.98
C SER G 19 7.52 39.08 -16.54
N SER G 20 8.69 39.48 -16.09
CA SER G 20 9.44 40.51 -16.80
C SER G 20 10.15 39.88 -17.98
N LYS G 21 9.92 40.42 -19.17
CA LYS G 21 10.37 39.79 -20.40
C LYS G 21 11.87 39.89 -20.62
N TYR G 22 12.61 40.46 -19.68
CA TYR G 22 14.06 40.60 -19.79
C TYR G 22 14.74 39.56 -18.91
N THR G 23 15.24 38.50 -19.54
CA THR G 23 16.06 37.50 -18.88
C THR G 23 17.49 37.72 -19.34
N ILE G 24 18.25 38.48 -18.55
CA ILE G 24 19.60 38.86 -18.93
C ILE G 24 20.57 37.84 -18.35
N GLN G 25 21.41 37.28 -19.21
CA GLN G 25 22.34 36.23 -18.84
C GLN G 25 23.72 36.83 -18.60
N ARG G 26 24.37 36.37 -17.54
CA ARG G 26 25.65 36.90 -17.11
C ARG G 26 26.79 36.04 -17.68
N SER G 27 27.95 36.66 -17.84
CA SER G 27 29.17 35.94 -18.20
C SER G 27 29.79 35.33 -16.95
N THR G 28 30.04 34.02 -16.98
CA THR G 28 30.51 33.30 -15.80
C THR G 28 32.03 33.22 -15.74
N GLY G 29 32.67 32.74 -16.81
CA GLY G 29 34.10 32.55 -16.80
C GLY G 29 34.56 31.62 -17.91
N ASP G 30 35.42 30.67 -17.58
CA ASP G 30 35.97 29.78 -18.60
C ASP G 30 35.00 28.64 -18.93
N SER G 31 34.78 27.73 -17.99
CA SER G 31 33.95 26.56 -18.20
C SER G 31 33.86 25.79 -16.89
N ILE G 32 33.07 24.72 -16.90
CA ILE G 32 32.98 23.79 -15.79
C ILE G 32 33.16 22.39 -16.34
N ASP G 33 33.94 21.57 -15.64
CA ASP G 33 34.10 20.18 -16.03
C ASP G 33 32.81 19.43 -15.73
N THR G 34 32.24 18.79 -16.74
CA THR G 34 30.94 18.12 -16.61
C THR G 34 31.09 16.66 -17.01
N PRO G 35 31.67 15.84 -16.15
CA PRO G 35 31.91 14.45 -16.52
C PRO G 35 30.60 13.68 -16.73
N ASN G 36 30.68 12.64 -17.55
CA ASN G 36 29.53 11.81 -17.81
C ASN G 36 29.46 10.72 -16.75
N TYR G 37 28.61 9.71 -16.96
CA TYR G 37 28.39 8.70 -15.94
C TYR G 37 29.57 7.73 -15.82
N ASP G 38 30.56 7.79 -16.71
CA ASP G 38 31.63 6.80 -16.66
C ASP G 38 32.79 7.24 -15.78
N VAL G 39 32.89 8.55 -15.48
CA VAL G 39 33.92 9.05 -14.59
C VAL G 39 33.53 8.89 -13.12
N GLN G 40 32.35 8.32 -12.86
CA GLN G 40 31.88 8.15 -11.50
C GLN G 40 32.85 7.30 -10.67
N LYS G 41 33.31 6.19 -11.24
CA LYS G 41 34.19 5.28 -10.51
C LYS G 41 35.50 5.95 -10.14
N HIS G 42 36.09 6.68 -11.09
CA HIS G 42 37.34 7.36 -10.77
C HIS G 42 37.15 8.47 -9.74
N ILE G 43 36.05 9.20 -9.79
CA ILE G 43 35.85 10.26 -8.80
C ILE G 43 35.60 9.67 -7.42
N ASN G 44 34.86 8.57 -7.36
CA ASN G 44 34.69 7.85 -6.09
C ASN G 44 36.04 7.41 -5.55
N LYS G 45 36.88 6.85 -6.43
CA LYS G 45 38.21 6.40 -6.00
C LYS G 45 39.05 7.57 -5.51
N LEU G 46 38.95 8.71 -6.19
CA LEU G 46 39.73 9.87 -5.78
C LEU G 46 39.27 10.40 -4.43
N CYS G 47 37.95 10.41 -4.19
CA CYS G 47 37.46 10.78 -2.87
C CYS G 47 37.99 9.82 -1.81
N GLY G 48 38.01 8.53 -2.13
CA GLY G 48 38.58 7.57 -1.20
C GLY G 48 40.05 7.84 -0.90
N MET G 49 40.82 8.17 -1.94
CA MET G 49 42.21 8.57 -1.73
C MET G 49 42.30 9.75 -0.78
N LEU G 50 41.44 10.74 -0.95
CA LEU G 50 41.44 11.87 -0.04
C LEU G 50 41.15 11.43 1.39
N LEU G 51 40.18 10.53 1.56
CA LEU G 51 39.73 10.19 2.91
C LEU G 51 40.67 9.27 3.66
N ILE G 52 41.36 8.35 2.97
CA ILE G 52 42.24 7.42 3.67
C ILE G 52 43.59 8.07 3.96
N THR G 53 43.93 9.12 3.22
CA THR G 53 45.20 9.79 3.43
C THR G 53 45.26 10.45 4.81
N GLU G 54 46.36 10.20 5.51
CA GLU G 54 46.58 10.86 6.79
C GLU G 54 46.60 12.37 6.60
N ASP G 55 45.88 13.08 7.48
CA ASP G 55 45.76 14.53 7.53
C ASP G 55 45.83 15.15 6.14
N ALA G 56 45.00 14.64 5.22
CA ALA G 56 45.15 14.92 3.80
C ALA G 56 44.96 16.40 3.50
N ASN G 57 45.61 16.86 2.45
CA ASN G 57 45.46 18.22 1.96
C ASN G 57 44.07 18.31 1.34
N HIS G 58 43.10 18.73 2.13
CA HIS G 58 41.71 18.76 1.71
C HIS G 58 41.32 20.06 1.04
N LYS G 59 42.28 20.94 0.77
CA LYS G 59 41.94 22.23 0.18
C LYS G 59 41.49 22.08 -1.27
N PHE G 60 41.69 20.91 -1.87
CA PHE G 60 41.13 20.60 -3.18
C PHE G 60 40.06 19.52 -3.12
N THR G 61 39.38 19.37 -1.98
CA THR G 61 38.35 18.33 -1.85
C THR G 61 36.98 18.83 -2.29
N GLY G 62 36.69 20.11 -2.07
CA GLY G 62 35.37 20.62 -2.46
C GLY G 62 35.11 20.45 -3.94
N LEU G 63 36.12 20.74 -4.76
CA LEU G 63 35.97 20.54 -6.20
C LEU G 63 35.73 19.07 -6.51
N ILE G 64 36.41 18.17 -5.79
CA ILE G 64 36.20 16.74 -6.02
C ILE G 64 34.77 16.35 -5.69
N GLY G 65 34.23 16.86 -4.58
CA GLY G 65 32.87 16.53 -4.22
C GLY G 65 31.87 17.03 -5.24
N MET G 66 32.02 18.28 -5.67
CA MET G 66 31.07 18.81 -6.65
C MET G 66 31.22 18.13 -8.01
N LEU G 67 32.44 17.76 -8.37
CA LEU G 67 32.65 17.01 -9.59
C LEU G 67 31.98 15.65 -9.51
N TYR G 68 32.00 15.04 -8.32
CA TYR G 68 31.25 13.80 -8.12
C TYR G 68 29.76 14.03 -8.28
N ALA G 69 29.27 15.17 -7.77
CA ALA G 69 27.85 15.50 -7.94
C ALA G 69 27.48 15.59 -9.42
N MET G 70 28.29 16.30 -10.20
CA MET G 70 28.02 16.38 -11.64
C MET G 70 28.11 15.01 -12.30
N SER G 71 29.09 14.20 -11.90
CA SER G 71 29.23 12.88 -12.49
C SER G 71 28.01 12.03 -12.23
N ARG G 72 27.42 12.15 -11.05
CA ARG G 72 26.19 11.42 -10.78
C ARG G 72 25.00 12.00 -11.53
N LEU G 73 24.96 13.31 -11.75
CA LEU G 73 23.89 13.89 -12.57
C LEU G 73 24.04 13.50 -14.03
N GLY G 74 25.26 13.59 -14.55
CA GLY G 74 25.52 13.33 -15.95
C GLY G 74 25.79 14.62 -16.72
N ARG G 75 26.50 14.47 -17.85
CA ARG G 75 26.90 15.62 -18.64
C ARG G 75 25.70 16.40 -19.15
N GLU G 76 24.78 15.72 -19.82
CA GLU G 76 23.65 16.44 -20.39
C GLU G 76 22.72 17.00 -19.32
N ASP G 77 22.53 16.28 -18.21
CA ASP G 77 21.67 16.78 -17.15
C ASP G 77 22.28 17.99 -16.46
N THR G 78 23.59 17.97 -16.21
CA THR G 78 24.20 19.14 -15.58
C THR G 78 24.26 20.32 -16.54
N ILE G 79 24.42 20.06 -17.84
CA ILE G 79 24.34 21.14 -18.81
C ILE G 79 22.95 21.75 -18.80
N LYS G 80 21.92 20.91 -18.75
CA LYS G 80 20.56 21.42 -18.69
C LYS G 80 20.32 22.24 -17.44
N ILE G 81 20.87 21.79 -16.30
CA ILE G 81 20.70 22.52 -15.06
C ILE G 81 21.36 23.88 -15.14
N LEU G 82 22.57 23.95 -15.68
CA LEU G 82 23.24 25.24 -15.82
C LEU G 82 22.54 26.14 -16.84
N ARG G 83 21.92 25.56 -17.87
CA ARG G 83 21.17 26.37 -18.82
C ARG G 83 19.93 26.96 -18.17
N ASP G 84 19.22 26.15 -17.38
CA ASP G 84 18.04 26.65 -16.68
C ASP G 84 18.41 27.72 -15.66
N ALA G 85 19.51 27.54 -14.93
CA ALA G 85 19.95 28.56 -13.99
C ALA G 85 20.48 29.79 -14.69
N GLY G 86 20.70 29.74 -16.00
CA GLY G 86 21.14 30.90 -16.75
C GLY G 86 22.61 31.22 -16.62
N TYR G 87 23.47 30.33 -17.14
CA TYR G 87 24.90 30.54 -17.08
C TYR G 87 25.51 30.32 -18.46
N HIS G 88 26.62 30.99 -18.72
CA HIS G 88 27.42 30.76 -19.93
C HIS G 88 28.58 29.84 -19.56
N VAL G 89 28.35 28.53 -19.60
CA VAL G 89 29.41 27.56 -19.37
C VAL G 89 29.32 26.50 -20.47
N LYS G 90 30.49 26.09 -20.95
CA LYS G 90 30.58 25.12 -22.04
C LYS G 90 30.99 23.77 -21.49
N ALA G 91 30.43 22.72 -22.10
CA ALA G 91 30.59 21.37 -21.57
C ALA G 91 32.01 20.88 -21.79
N ASN G 92 32.89 21.14 -20.82
CA ASN G 92 34.27 20.66 -20.86
C ASN G 92 34.23 19.17 -20.54
N GLY G 93 34.24 18.36 -21.59
CA GLY G 93 34.16 16.92 -21.40
C GLY G 93 35.34 16.38 -20.62
N VAL G 94 35.10 15.27 -19.92
CA VAL G 94 36.08 14.68 -19.02
C VAL G 94 36.29 13.23 -19.41
N ASP G 95 37.56 12.86 -19.63
CA ASP G 95 37.94 11.48 -19.90
C ASP G 95 39.13 11.10 -19.05
N VAL G 96 39.46 9.81 -19.08
CA VAL G 96 40.55 9.24 -18.28
C VAL G 96 41.74 9.00 -19.20
N THR G 97 42.91 9.49 -18.79
CA THR G 97 44.16 9.24 -19.48
C THR G 97 45.18 8.70 -18.49
N THR G 98 46.36 8.34 -18.99
CA THR G 98 47.44 7.83 -18.17
C THR G 98 48.63 8.76 -18.29
N HIS G 99 49.14 9.21 -17.15
CA HIS G 99 50.34 10.03 -17.10
C HIS G 99 51.38 9.33 -16.24
N ARG G 100 52.52 9.01 -16.86
CA ARG G 100 53.60 8.31 -16.19
C ARG G 100 54.61 9.34 -15.70
N GLN G 101 54.65 9.55 -14.39
CA GLN G 101 55.46 10.60 -13.78
C GLN G 101 56.62 9.99 -13.03
N ASP G 102 57.83 10.44 -13.35
CA ASP G 102 59.05 9.95 -12.70
C ASP G 102 59.25 10.73 -11.41
N ILE G 103 58.96 10.09 -10.28
CA ILE G 103 59.06 10.72 -8.97
C ILE G 103 59.98 9.88 -8.10
N ASN G 104 60.91 10.54 -7.42
CA ASN G 104 61.90 9.87 -6.55
C ASN G 104 62.75 8.89 -7.35
N GLY G 105 63.11 9.27 -8.58
CA GLY G 105 63.96 8.45 -9.40
C GLY G 105 63.23 7.35 -10.14
N LYS G 106 62.07 6.96 -9.61
CA LYS G 106 61.27 5.89 -10.18
C LYS G 106 60.12 6.46 -10.98
N GLU G 107 59.82 5.84 -12.12
CA GLU G 107 58.67 6.23 -12.93
C GLU G 107 57.55 5.22 -12.72
N MET G 108 56.35 5.71 -12.41
CA MET G 108 55.21 4.85 -12.14
C MET G 108 54.04 5.21 -13.05
N LYS G 109 53.17 4.23 -13.29
CA LYS G 109 51.98 4.39 -14.12
C LYS G 109 50.77 4.64 -13.24
N PHE G 110 50.01 5.68 -13.55
CA PHE G 110 48.87 6.06 -12.74
C PHE G 110 47.66 6.35 -13.63
N GLU G 111 46.48 6.29 -13.01
CA GLU G 111 45.24 6.73 -13.64
C GLU G 111 45.05 8.21 -13.37
N VAL G 112 45.05 9.01 -14.43
CA VAL G 112 44.93 10.46 -14.32
C VAL G 112 43.67 10.90 -15.06
N LEU G 113 42.98 11.88 -14.48
CA LEU G 113 41.75 12.40 -15.04
C LEU G 113 42.01 13.76 -15.66
N THR G 114 41.56 13.94 -16.91
CA THR G 114 41.81 15.16 -17.67
C THR G 114 40.81 16.23 -17.26
N LEU G 115 41.26 17.16 -16.42
CA LEU G 115 40.41 18.23 -15.92
C LEU G 115 41.14 19.56 -16.04
N ALA G 116 40.45 20.55 -16.57
CA ALA G 116 41.02 21.90 -16.63
C ALA G 116 41.21 22.47 -15.23
N SER G 117 40.27 22.19 -14.33
CA SER G 117 40.34 22.74 -12.98
C SER G 117 41.15 21.88 -12.03
N LEU G 118 41.53 20.67 -12.43
CA LEU G 118 42.27 19.76 -11.57
C LEU G 118 43.40 19.17 -12.40
N THR G 119 44.64 19.64 -12.16
CA THR G 119 45.74 19.24 -13.01
C THR G 119 46.29 17.89 -12.60
N THR G 120 47.21 17.36 -13.42
CA THR G 120 47.69 16.00 -13.24
C THR G 120 48.62 15.87 -12.04
N GLU G 121 49.54 16.81 -11.86
CA GLU G 121 50.56 16.68 -10.82
C GLU G 121 49.95 16.67 -9.43
N ILE G 122 48.91 17.46 -9.19
CA ILE G 122 48.28 17.47 -7.87
C ILE G 122 47.48 16.20 -7.63
N GLN G 123 46.85 15.65 -8.66
CA GLN G 123 46.22 14.34 -8.53
C GLN G 123 47.25 13.29 -8.15
N ILE G 124 48.43 13.35 -8.78
CA ILE G 124 49.49 12.39 -8.46
C ILE G 124 50.00 12.60 -7.05
N ASN G 125 50.09 13.85 -6.61
CA ASN G 125 50.48 14.13 -5.24
C ASN G 125 49.50 13.50 -4.26
N ILE G 126 48.20 13.64 -4.53
CA ILE G 126 47.18 13.06 -3.67
C ILE G 126 47.30 11.53 -3.68
N GLU G 127 47.52 10.94 -4.85
CA GLU G 127 47.63 9.50 -4.94
C GLU G 127 48.85 8.98 -4.17
N ILE G 128 49.97 9.69 -4.26
CA ILE G 128 51.17 9.27 -3.54
C ILE G 128 50.96 9.43 -2.03
N GLU G 129 50.25 10.47 -1.61
CA GLU G 129 49.90 10.59 -0.21
C GLU G 129 49.04 9.42 0.25
N SER G 130 48.11 8.99 -0.61
CA SER G 130 47.30 7.81 -0.29
C SER G 130 48.17 6.56 -0.16
N ARG G 131 49.15 6.42 -1.06
CA ARG G 131 50.07 5.29 -0.97
C ARG G 131 50.84 5.30 0.35
N LYS G 132 51.33 6.48 0.75
CA LYS G 132 52.06 6.59 2.02
C LYS G 132 51.17 6.21 3.19
N SER G 133 49.94 6.74 3.21
CA SER G 133 49.03 6.42 4.30
C SER G 133 48.66 4.95 4.34
N TYR G 134 48.46 4.33 3.18
CA TYR G 134 48.17 2.90 3.12
C TYR G 134 49.33 2.08 3.64
N LYS G 135 50.56 2.43 3.26
CA LYS G 135 51.72 1.69 3.75
C LYS G 135 51.87 1.88 5.26
N LYS G 136 51.57 3.08 5.76
CA LYS G 136 51.65 3.32 7.18
C LYS G 136 50.63 2.51 7.95
N MET G 137 49.38 2.47 7.47
CA MET G 137 48.36 1.66 8.14
C MET G 137 48.73 0.18 8.10
N LEU G 138 49.20 -0.30 6.95
CA LEU G 138 49.59 -1.70 6.84
C LEU G 138 50.75 -2.04 7.77
N LYS G 139 51.68 -1.11 7.94
CA LYS G 139 52.80 -1.34 8.85
C LYS G 139 52.35 -1.30 10.31
N GLU G 140 51.45 -0.38 10.65
CA GLU G 140 51.04 -0.24 12.05
C GLU G 140 50.14 -1.38 12.48
N MET G 141 48.96 -1.50 11.87
CA MET G 141 47.96 -2.45 12.34
C MET G 141 47.88 -3.70 11.48
N GLY G 142 48.92 -3.98 10.69
CA GLY G 142 49.02 -5.24 9.98
C GLY G 142 48.29 -5.30 8.66
N GLU G 143 46.96 -5.43 8.70
CA GLU G 143 46.16 -5.60 7.49
C GLU G 143 44.88 -4.81 7.60
N VAL G 144 44.68 -3.89 6.66
CA VAL G 144 43.48 -3.06 6.58
C VAL G 144 42.39 -3.86 5.89
N ALA G 145 41.16 -3.70 6.37
CA ALA G 145 40.02 -4.33 5.73
C ALA G 145 39.62 -3.59 4.46
N PRO G 146 38.91 -4.24 3.55
CA PRO G 146 38.39 -3.53 2.37
C PRO G 146 37.43 -2.40 2.71
N GLU G 147 36.82 -2.43 3.91
CA GLU G 147 36.00 -1.31 4.34
C GLU G 147 36.84 -0.09 4.73
N TYR G 148 38.08 -0.30 5.15
CA TYR G 148 38.98 0.77 5.54
C TYR G 148 39.57 1.53 4.35
N ARG G 149 39.39 1.05 3.13
CA ARG G 149 40.11 1.56 1.98
C ARG G 149 39.24 2.48 1.13
N HIS G 150 39.82 2.95 0.03
CA HIS G 150 39.22 3.94 -0.86
C HIS G 150 38.14 3.38 -1.78
N ASP G 151 38.24 2.11 -2.18
CA ASP G 151 37.37 1.57 -3.23
C ASP G 151 35.93 1.41 -2.77
N SER G 152 35.62 1.62 -1.49
CA SER G 152 34.26 1.50 -1.02
C SER G 152 33.37 2.50 -1.78
N PRO G 153 32.13 2.11 -2.08
CA PRO G 153 31.32 2.92 -3.01
C PRO G 153 30.65 4.14 -2.40
N ASP G 154 31.10 4.61 -1.23
CA ASP G 154 30.45 5.73 -0.59
C ASP G 154 31.41 6.77 0.00
N CYS G 155 32.69 6.77 -0.40
CA CYS G 155 33.58 7.83 0.06
C CYS G 155 33.14 9.18 -0.48
N GLY G 156 32.79 9.24 -1.76
CA GLY G 156 32.28 10.49 -2.31
C GLY G 156 31.04 10.96 -1.58
N MET G 157 30.19 10.03 -1.18
CA MET G 157 28.98 10.41 -0.47
C MET G 157 29.29 10.88 0.95
N ILE G 158 30.39 10.42 1.56
CA ILE G 158 30.82 11.03 2.82
C ILE G 158 31.20 12.48 2.60
N ILE G 159 31.99 12.74 1.55
CA ILE G 159 32.38 14.12 1.26
C ILE G 159 31.15 14.99 1.03
N LEU G 160 30.20 14.48 0.25
CA LEU G 160 28.99 15.24 -0.02
C LEU G 160 28.07 15.34 1.18
N CYS G 161 28.18 14.42 2.15
CA CYS G 161 27.45 14.60 3.40
C CYS G 161 27.95 15.84 4.13
N ILE G 162 29.27 16.00 4.21
CA ILE G 162 29.77 17.22 4.84
C ILE G 162 29.40 18.45 4.02
N ALA G 163 29.36 18.31 2.69
CA ALA G 163 28.86 19.40 1.86
C ALA G 163 27.42 19.74 2.22
N ALA G 164 26.58 18.73 2.46
CA ALA G 164 25.19 18.97 2.81
C ALA G 164 25.07 19.70 4.13
N LEU G 165 25.88 19.33 5.11
CA LEU G 165 25.89 20.10 6.36
C LEU G 165 26.22 21.56 6.09
N VAL G 166 27.25 21.80 5.28
CA VAL G 166 27.65 23.17 5.00
C VAL G 166 26.54 23.92 4.28
N ILE G 167 25.82 23.24 3.38
CA ILE G 167 24.76 23.92 2.64
C ILE G 167 23.59 24.25 3.57
N THR G 168 23.32 23.38 4.55
CA THR G 168 22.28 23.71 5.52
C THR G 168 22.65 24.96 6.29
N LYS G 169 23.91 25.07 6.71
CA LYS G 169 24.32 26.23 7.49
C LYS G 169 24.82 27.38 6.64
N LEU G 170 24.66 27.31 5.32
CA LEU G 170 25.01 28.41 4.44
C LEU G 170 23.87 29.39 4.24
N ALA G 171 22.81 29.32 5.07
CA ALA G 171 21.75 30.32 5.00
C ALA G 171 22.28 31.70 5.38
N ALA G 172 23.09 31.76 6.44
CA ALA G 172 23.71 33.03 6.82
C ALA G 172 24.68 33.51 5.75
N GLY G 173 25.46 32.60 5.18
CA GLY G 173 26.32 32.92 4.06
C GLY G 173 27.59 33.66 4.38
N ASP G 174 28.10 33.55 5.61
CA ASP G 174 29.30 34.27 5.99
C ASP G 174 30.26 33.40 6.79
N ARG G 175 30.25 32.09 6.53
CA ARG G 175 31.12 31.13 7.22
C ARG G 175 30.94 31.19 8.73
N SER G 176 29.75 31.58 9.19
CA SER G 176 29.46 31.64 10.61
C SER G 176 28.83 30.35 11.13
N GLY G 177 28.61 29.38 10.26
CA GLY G 177 28.10 28.08 10.65
C GLY G 177 29.15 27.00 10.74
N LEU G 178 30.43 27.36 10.80
CA LEU G 178 31.47 26.34 10.85
C LEU G 178 31.42 25.58 12.17
N THR G 179 31.11 26.25 13.27
CA THR G 179 30.99 25.54 14.54
C THR G 179 29.87 24.51 14.49
N ALA G 180 28.72 24.90 13.92
CA ALA G 180 27.61 23.97 13.81
C ALA G 180 27.94 22.81 12.88
N VAL G 181 28.65 23.09 11.79
CA VAL G 181 29.06 22.01 10.89
C VAL G 181 30.00 21.05 11.60
N ILE G 182 30.92 21.58 12.41
CA ILE G 182 31.84 20.70 13.13
C ILE G 182 31.08 19.83 14.13
N ARG G 183 30.18 20.43 14.91
CA ARG G 183 29.43 19.65 15.89
C ARG G 183 28.56 18.60 15.22
N ARG G 184 27.89 18.96 14.13
CA ARG G 184 27.03 18.01 13.45
C ARG G 184 27.84 16.90 12.79
N ALA G 185 28.98 17.24 12.19
CA ALA G 185 29.80 16.21 11.55
C ALA G 185 30.51 15.35 12.56
N ASN G 186 30.66 15.80 13.79
CA ASN G 186 31.16 14.91 14.83
C ASN G 186 30.07 13.98 15.33
N ASN G 187 28.89 14.53 15.62
CA ASN G 187 27.76 13.69 16.03
C ASN G 187 27.37 12.72 14.93
N VAL G 188 27.04 13.24 13.76
CA VAL G 188 26.81 12.37 12.61
C VAL G 188 28.15 11.81 12.15
N LEU G 189 28.11 10.68 11.44
CA LEU G 189 29.30 10.06 10.86
C LEU G 189 30.33 9.70 11.92
N LYS G 190 29.87 9.13 13.04
CA LYS G 190 30.83 8.66 14.04
C LYS G 190 31.64 7.49 13.52
N ASN G 191 30.98 6.49 12.94
CA ASN G 191 31.70 5.34 12.42
C ASN G 191 32.67 5.75 11.33
N GLU G 192 32.23 6.62 10.42
CA GLU G 192 33.06 6.98 9.29
C GLU G 192 34.29 7.75 9.74
N MET G 193 34.13 8.64 10.72
CA MET G 193 35.30 9.31 11.27
C MET G 193 36.18 8.35 12.04
N LYS G 194 35.60 7.29 12.59
CA LYS G 194 36.40 6.26 13.25
C LYS G 194 37.25 5.49 12.25
N ARG G 195 36.74 5.26 11.04
CA ARG G 195 37.43 4.42 10.06
C ARG G 195 38.33 5.22 9.12
N TYR G 196 37.76 6.11 8.31
CA TYR G 196 38.54 6.93 7.39
C TYR G 196 39.24 8.01 8.20
N LYS G 197 40.55 7.85 8.38
CA LYS G 197 41.29 8.68 9.31
C LYS G 197 41.64 10.05 8.74
N GLY G 198 41.36 10.30 7.46
CA GLY G 198 41.58 11.61 6.89
C GLY G 198 40.42 12.54 6.98
N LEU G 199 39.27 12.09 7.48
CA LEU G 199 38.10 12.94 7.63
C LEU G 199 38.41 14.02 8.66
N LEU G 200 38.62 15.24 8.19
CA LEU G 200 38.68 16.39 9.07
C LEU G 200 37.50 17.29 8.75
N PRO G 201 36.42 17.26 9.51
CA PRO G 201 35.23 18.04 9.14
C PRO G 201 35.54 19.52 9.01
N LYS G 202 36.47 20.05 9.80
CA LYS G 202 36.84 21.45 9.64
C LYS G 202 37.41 21.70 8.25
N ASP G 203 38.31 20.84 7.80
CA ASP G 203 38.97 21.07 6.52
C ASP G 203 38.01 20.91 5.34
N ILE G 204 37.23 19.82 5.32
CA ILE G 204 36.30 19.62 4.22
C ILE G 204 35.23 20.71 4.22
N ALA G 205 34.77 21.09 5.41
CA ALA G 205 33.78 22.16 5.49
C ALA G 205 34.34 23.47 4.97
N ASN G 206 35.57 23.81 5.33
CA ASN G 206 36.17 25.05 4.84
C ASN G 206 36.35 25.00 3.33
N SER G 207 36.76 23.85 2.79
CA SER G 207 36.92 23.73 1.36
C SER G 207 35.58 23.89 0.64
N PHE G 208 34.51 23.33 1.20
CA PHE G 208 33.21 23.47 0.55
C PHE G 208 32.69 24.89 0.64
N TYR G 209 32.95 25.57 1.76
CA TYR G 209 32.68 27.00 1.84
C TYR G 209 33.42 27.74 0.71
N GLU G 210 34.70 27.44 0.54
CA GLU G 210 35.48 28.15 -0.46
C GLU G 210 34.96 27.88 -1.87
N VAL G 211 34.64 26.63 -2.18
CA VAL G 211 34.21 26.31 -3.54
C VAL G 211 32.82 26.87 -3.81
N PHE G 212 31.96 26.97 -2.78
CA PHE G 212 30.64 27.56 -2.99
C PHE G 212 30.70 29.08 -2.97
N GLU G 213 31.79 29.68 -2.50
CA GLU G 213 31.92 31.13 -2.58
C GLU G 213 32.63 31.56 -3.85
N LYS G 214 33.51 30.71 -4.39
CA LYS G 214 34.24 31.05 -5.60
C LYS G 214 33.42 30.71 -6.83
N HIS G 215 32.65 29.61 -6.78
CA HIS G 215 31.84 29.14 -7.89
C HIS G 215 30.39 29.10 -7.46
N PRO G 216 29.65 30.21 -7.63
CA PRO G 216 28.24 30.21 -7.23
C PRO G 216 27.39 29.17 -7.94
N HIS G 217 27.67 28.88 -9.21
CA HIS G 217 26.84 27.91 -9.93
C HIS G 217 26.91 26.53 -9.29
N PHE G 218 27.96 26.26 -8.52
CA PHE G 218 28.02 24.99 -7.80
C PHE G 218 26.92 24.89 -6.77
N ILE G 219 26.45 26.01 -6.23
CA ILE G 219 25.38 25.93 -5.24
C ILE G 219 24.11 25.38 -5.87
N ASP G 220 23.82 25.80 -7.10
CA ASP G 220 22.62 25.31 -7.79
C ASP G 220 22.82 23.88 -8.28
N VAL G 221 24.03 23.57 -8.79
CA VAL G 221 24.32 22.19 -9.16
C VAL G 221 24.09 21.27 -7.97
N PHE G 222 24.61 21.66 -6.80
CA PHE G 222 24.51 20.79 -5.65
C PHE G 222 23.08 20.69 -5.14
N VAL G 223 22.34 21.80 -5.12
CA VAL G 223 20.96 21.73 -4.64
C VAL G 223 20.14 20.80 -5.52
N HIS G 224 20.31 20.90 -6.84
CA HIS G 224 19.54 19.99 -7.69
C HIS G 224 20.08 18.58 -7.63
N PHE G 225 21.37 18.41 -7.32
CA PHE G 225 21.87 17.06 -7.08
C PHE G 225 21.22 16.45 -5.86
N GLY G 226 21.05 17.23 -4.80
CA GLY G 226 20.40 16.72 -3.61
C GLY G 226 18.96 16.37 -3.87
N ILE G 227 18.24 17.23 -4.59
CA ILE G 227 16.83 16.97 -4.88
C ILE G 227 16.70 15.75 -5.79
N ALA G 228 17.65 15.54 -6.70
CA ALA G 228 17.61 14.35 -7.53
C ALA G 228 17.98 13.10 -6.74
N GLN G 229 18.96 13.23 -5.84
CA GLN G 229 19.39 12.11 -5.03
C GLN G 229 18.29 11.63 -4.11
N SER G 230 17.59 12.56 -3.48
CA SER G 230 16.51 12.23 -2.57
C SER G 230 15.32 11.64 -3.28
N SER G 231 15.37 11.43 -4.59
CA SER G 231 14.27 10.84 -5.32
C SER G 231 14.44 9.34 -5.57
N THR G 232 15.66 8.81 -5.44
CA THR G 232 15.91 7.42 -5.77
C THR G 232 15.14 6.50 -4.84
N ARG G 233 14.71 5.36 -5.38
CA ARG G 233 13.88 4.44 -4.60
C ARG G 233 14.63 3.86 -3.41
N GLY G 234 15.91 3.51 -3.58
CA GLY G 234 16.69 2.97 -2.50
C GLY G 234 18.17 3.21 -2.72
N GLY G 235 18.96 2.85 -1.72
CA GLY G 235 20.40 3.03 -1.82
C GLY G 235 21.09 2.55 -0.57
N SER G 236 22.40 2.77 -0.54
CA SER G 236 23.19 2.39 0.62
C SER G 236 22.82 3.24 1.82
N ARG G 237 23.44 2.96 2.95
CA ARG G 237 23.14 3.73 4.15
C ARG G 237 23.77 5.11 4.11
N VAL G 238 24.90 5.25 3.42
CA VAL G 238 25.55 6.57 3.34
C VAL G 238 24.75 7.52 2.47
N GLU G 239 24.21 7.03 1.36
CA GLU G 239 23.31 7.84 0.56
C GLU G 239 22.06 8.22 1.34
N GLY G 240 21.57 7.30 2.18
CA GLY G 240 20.46 7.65 3.05
C GLY G 240 20.83 8.75 4.04
N ILE G 241 22.04 8.68 4.59
CA ILE G 241 22.51 9.73 5.47
C ILE G 241 22.57 11.05 4.74
N PHE G 242 23.09 11.05 3.51
CA PHE G 242 23.20 12.29 2.75
C PHE G 242 21.82 12.87 2.45
N ALA G 243 20.88 12.04 2.02
CA ALA G 243 19.56 12.56 1.72
C ALA G 243 18.88 13.11 2.97
N GLY G 244 19.00 12.40 4.09
CA GLY G 244 18.42 12.89 5.32
C GLY G 244 19.05 14.18 5.79
N LEU G 245 20.36 14.33 5.56
CA LEU G 245 21.04 15.56 5.92
C LEU G 245 20.67 16.70 4.98
N PHE G 246 20.39 16.38 3.72
CA PHE G 246 19.95 17.40 2.78
C PHE G 246 18.56 17.90 3.10
N MET G 247 17.68 17.01 3.55
CA MET G 247 16.33 17.43 3.92
C MET G 247 16.34 18.47 5.01
N ASN G 248 17.43 18.58 5.78
CA ASN G 248 17.50 19.62 6.79
C ASN G 248 17.53 21.00 6.17
N ALA G 249 18.07 21.14 4.96
CA ALA G 249 18.16 22.46 4.35
C ALA G 249 16.79 22.97 3.92
N TYR G 250 15.89 22.09 3.49
CA TYR G 250 14.59 22.53 3.03
C TYR G 250 13.93 23.39 4.10
N GLY G 251 13.79 24.67 3.80
CA GLY G 251 13.40 25.60 4.83
C GLY G 251 14.57 26.28 5.47
N ALA G 252 15.63 26.56 4.72
CA ALA G 252 16.73 27.34 5.24
C ALA G 252 16.47 28.81 4.96
N GLY G 253 16.59 29.63 5.98
CA GLY G 253 16.25 31.02 5.86
C GLY G 253 14.79 31.32 6.01
N GLN G 254 13.96 30.32 6.24
CA GLN G 254 12.53 30.50 6.45
C GLN G 254 12.11 29.84 7.74
N VAL G 255 12.86 30.08 8.82
CA VAL G 255 12.44 29.56 10.12
C VAL G 255 11.23 30.32 10.63
N MET G 256 11.05 31.57 10.18
CA MET G 256 9.94 32.37 10.68
C MET G 256 8.60 31.78 10.28
N LEU G 257 8.51 31.22 9.08
CA LEU G 257 7.24 30.62 8.66
C LEU G 257 6.86 29.45 9.54
N ARG G 258 7.82 28.55 9.80
CA ARG G 258 7.50 27.37 10.61
C ARG G 258 7.25 27.76 12.05
N TRP G 259 7.98 28.75 12.57
CA TRP G 259 7.68 29.26 13.90
C TRP G 259 6.32 29.92 13.95
N GLY G 260 5.88 30.54 12.86
CA GLY G 260 4.53 31.09 12.84
C GLY G 260 3.48 30.01 12.88
N VAL G 261 3.69 28.92 12.14
CA VAL G 261 2.75 27.80 12.21
C VAL G 261 2.72 27.24 13.62
N LEU G 262 3.88 27.13 14.26
CA LEU G 262 3.93 26.64 15.63
C LEU G 262 3.19 27.58 16.58
N ALA G 263 3.38 28.89 16.42
CA ALA G 263 2.69 29.86 17.26
C ALA G 263 1.19 29.81 17.05
N LYS G 264 0.74 29.48 15.84
CA LYS G 264 -0.67 29.21 15.65
C LYS G 264 -1.11 27.96 16.41
N SER G 265 -0.33 26.89 16.32
CA SER G 265 -0.75 25.61 16.90
C SER G 265 -0.76 25.67 18.42
N VAL G 266 0.20 26.37 19.02
CA VAL G 266 0.35 26.37 20.46
C VAL G 266 -0.68 27.33 21.05
N LYS G 267 -1.45 27.98 20.17
CA LYS G 267 -2.55 28.87 20.57
C LYS G 267 -2.05 30.03 21.43
N ASN G 268 -0.99 30.69 20.96
CA ASN G 268 -0.56 31.90 21.63
C ASN G 268 -1.67 32.94 21.59
N ILE G 269 -1.83 33.66 22.70
CA ILE G 269 -2.93 34.61 22.81
C ILE G 269 -2.69 35.80 21.90
N MET G 270 -1.48 36.33 21.90
CA MET G 270 -1.28 37.60 21.20
C MET G 270 -1.44 37.49 19.71
N LEU G 271 -1.74 36.34 19.13
CA LEU G 271 -2.16 36.31 17.73
C LEU G 271 -3.52 36.94 17.54
N GLY G 272 -4.24 37.21 18.61
CA GLY G 272 -5.51 37.90 18.55
C GLY G 272 -5.46 39.36 18.90
N HIS G 273 -4.27 39.92 19.06
CA HIS G 273 -4.13 41.34 19.34
C HIS G 273 -4.71 42.15 18.17
N ALA G 274 -4.88 43.45 18.39
CA ALA G 274 -5.34 44.30 17.30
C ALA G 274 -4.24 44.50 16.26
N SER G 275 -3.04 44.84 16.72
CA SER G 275 -1.92 45.10 15.81
C SER G 275 -1.48 43.87 15.04
N VAL G 276 -1.88 42.68 15.45
CA VAL G 276 -1.59 41.48 14.68
C VAL G 276 -2.71 41.18 13.71
N GLN G 277 -3.96 41.39 14.11
CA GLN G 277 -5.06 41.22 13.19
C GLN G 277 -5.04 42.25 12.08
N ALA G 278 -4.34 43.38 12.27
CA ALA G 278 -4.19 44.35 11.20
C ALA G 278 -3.49 43.73 10.00
N GLU G 279 -2.52 42.87 10.23
CA GLU G 279 -1.66 42.29 9.20
C GLU G 279 -1.90 40.82 8.97
N MET G 280 -2.88 40.22 9.66
CA MET G 280 -3.13 38.80 9.44
C MET G 280 -3.58 38.51 8.01
N GLU G 281 -4.11 39.50 7.29
CA GLU G 281 -4.49 39.24 5.90
C GLU G 281 -3.26 39.11 5.01
N GLN G 282 -2.30 40.03 5.14
CA GLN G 282 -1.07 39.86 4.39
C GLN G 282 -0.32 38.60 4.82
N VAL G 283 -0.35 38.27 6.11
CA VAL G 283 0.31 37.05 6.55
C VAL G 283 -0.33 35.83 5.90
N VAL G 284 -1.66 35.78 5.85
CA VAL G 284 -2.31 34.62 5.27
C VAL G 284 -2.08 34.58 3.77
N GLU G 285 -1.90 35.75 3.13
CA GLU G 285 -1.57 35.71 1.71
C GLU G 285 -0.16 35.19 1.48
N VAL G 286 0.77 35.50 2.38
CA VAL G 286 2.12 34.94 2.27
C VAL G 286 2.08 33.43 2.44
N TYR G 287 1.31 32.94 3.42
CA TYR G 287 1.23 31.50 3.61
C TYR G 287 0.55 30.82 2.43
N GLU G 288 -0.47 31.45 1.87
CA GLU G 288 -1.10 30.93 0.66
C GLU G 288 -0.12 30.89 -0.50
N TYR G 289 0.72 31.92 -0.63
CA TYR G 289 1.74 31.92 -1.66
C TYR G 289 2.74 30.78 -1.46
N ALA G 290 3.15 30.55 -0.22
CA ALA G 290 4.08 29.44 0.04
C ALA G 290 3.44 28.10 -0.29
N GLN G 291 2.17 27.91 0.08
CA GLN G 291 1.49 26.65 -0.26
C GLN G 291 1.34 26.51 -1.77
N LYS G 292 1.06 27.61 -2.46
CA LYS G 292 0.93 27.56 -3.91
C LYS G 292 2.25 27.16 -4.56
N LEU G 293 3.36 27.72 -4.08
CA LEU G 293 4.67 27.30 -4.57
C LEU G 293 4.89 25.83 -4.31
N GLY G 294 4.61 25.38 -3.09
CA GLY G 294 4.72 23.97 -2.77
C GLY G 294 6.14 23.47 -2.67
N GLY G 295 6.56 22.68 -3.64
CA GLY G 295 7.81 21.98 -3.59
C GLY G 295 9.05 22.83 -3.40
N GLU G 296 9.27 23.80 -4.27
CA GLU G 296 10.53 24.53 -4.26
C GLU G 296 10.52 25.73 -3.32
N ALA G 297 9.49 25.90 -2.51
CA ALA G 297 9.41 27.09 -1.67
C ALA G 297 10.34 26.98 -0.47
N GLY G 298 11.20 25.97 -0.45
CA GLY G 298 12.10 25.79 0.67
C GLY G 298 13.52 26.09 0.28
N PHE G 299 13.82 25.94 -1.00
CA PHE G 299 15.16 26.13 -1.51
C PHE G 299 15.32 27.48 -2.23
N TYR G 300 14.51 28.48 -1.89
CA TYR G 300 14.75 29.83 -2.39
C TYR G 300 15.87 30.56 -1.70
N HIS G 301 16.02 30.43 -0.38
CA HIS G 301 17.07 31.22 0.27
C HIS G 301 18.44 30.60 0.13
N ILE G 302 18.53 29.28 0.00
CA ILE G 302 19.81 28.64 -0.29
C ILE G 302 20.35 29.15 -1.63
N LEU G 303 19.59 28.94 -2.69
CA LEU G 303 19.83 29.65 -3.93
C LEU G 303 19.65 31.13 -3.70
N ASN G 304 20.08 31.95 -4.66
CA ASN G 304 19.81 33.38 -4.60
C ASN G 304 18.60 33.72 -5.46
N ASN G 305 17.52 32.97 -5.25
CA ASN G 305 16.33 33.13 -6.08
C ASN G 305 15.76 34.53 -5.91
N PRO G 306 15.46 35.23 -7.01
CA PRO G 306 15.00 36.62 -6.88
C PRO G 306 13.78 36.78 -6.02
N LYS G 307 12.86 35.83 -6.06
CA LYS G 307 11.63 35.83 -5.29
C LYS G 307 11.84 35.38 -3.86
N ALA G 308 13.06 35.51 -3.36
CA ALA G 308 13.34 35.07 -1.99
C ALA G 308 12.60 35.89 -0.97
N SER G 309 12.62 37.22 -1.11
CA SER G 309 12.15 38.09 -0.04
C SER G 309 10.64 38.13 0.06
N LEU G 310 9.93 37.51 -0.88
CA LEU G 310 8.48 37.50 -0.82
C LEU G 310 7.96 36.61 0.29
N LEU G 311 8.76 35.64 0.74
CA LEU G 311 8.38 34.69 1.78
C LEU G 311 8.97 35.07 3.13
N SER G 312 9.03 36.34 3.45
CA SER G 312 9.54 36.78 4.74
C SER G 312 8.44 37.43 5.55
N LEU G 313 8.30 37.02 6.81
CA LEU G 313 7.38 37.63 7.73
C LEU G 313 8.00 38.80 8.48
N THR G 314 9.25 39.16 8.16
CA THR G 314 9.90 40.25 8.87
C THR G 314 9.41 41.61 8.36
N GLN G 315 8.74 41.64 7.21
CA GLN G 315 8.11 42.87 6.76
C GLN G 315 6.82 43.18 7.51
N PHE G 316 6.31 42.23 8.29
CA PHE G 316 5.15 42.45 9.16
C PHE G 316 5.67 42.51 10.59
N PRO G 317 6.07 43.67 11.08
CA PRO G 317 6.78 43.72 12.37
C PRO G 317 5.97 43.22 13.55
N HIS G 318 4.64 43.35 13.53
CA HIS G 318 3.86 42.93 14.69
C HIS G 318 3.70 41.41 14.73
N PHE G 319 3.29 40.80 13.62
CA PHE G 319 3.20 39.34 13.60
C PHE G 319 4.58 38.72 13.73
N SER G 320 5.60 39.34 13.15
CA SER G 320 6.96 38.86 13.33
C SER G 320 7.37 38.91 14.79
N SER G 321 7.08 40.01 15.47
CA SER G 321 7.45 40.11 16.88
C SER G 321 6.71 39.07 17.71
N VAL G 322 5.42 38.86 17.45
CA VAL G 322 4.68 37.85 18.22
C VAL G 322 5.25 36.46 17.98
N VAL G 323 5.50 36.10 16.72
CA VAL G 323 6.00 34.76 16.43
C VAL G 323 7.37 34.55 17.06
N LEU G 324 8.25 35.54 16.93
CA LEU G 324 9.60 35.39 17.45
C LEU G 324 9.61 35.42 18.97
N GLY G 325 8.72 36.19 19.58
CA GLY G 325 8.61 36.18 21.02
C GLY G 325 8.08 34.86 21.54
N ASN G 326 7.14 34.26 20.83
CA ASN G 326 6.68 32.94 21.21
C ASN G 326 7.82 31.93 21.10
N ALA G 327 8.55 31.97 20.00
CA ALA G 327 9.64 31.02 19.81
C ALA G 327 10.68 31.16 20.90
N ALA G 328 11.03 32.39 21.26
CA ALA G 328 11.95 32.59 22.37
C ALA G 328 11.31 32.22 23.70
N GLY G 329 9.99 32.23 23.79
CA GLY G 329 9.33 31.87 25.02
C GLY G 329 9.39 30.38 25.29
N LEU G 330 9.05 29.57 24.30
CA LEU G 330 9.12 28.13 24.44
C LEU G 330 10.55 27.61 24.48
N GLY G 331 11.53 28.46 24.21
CA GLY G 331 12.92 28.07 24.22
C GLY G 331 13.43 27.42 22.95
N ILE G 332 12.57 27.26 21.95
CA ILE G 332 12.96 26.53 20.75
C ILE G 332 13.98 27.28 19.91
N MET G 333 14.24 28.54 20.21
CA MET G 333 15.31 29.27 19.53
C MET G 333 16.51 29.33 20.47
N GLY G 334 17.57 28.62 20.12
CA GLY G 334 18.74 28.59 20.99
C GLY G 334 19.48 29.91 20.99
N GLU G 335 20.11 30.25 19.86
CA GLU G 335 20.82 31.52 19.77
C GLU G 335 20.47 32.27 18.49
N TYR G 336 19.25 32.12 18.00
CA TYR G 336 18.80 32.85 16.83
C TYR G 336 19.00 34.33 17.03
N ARG G 337 19.89 34.92 16.23
CA ARG G 337 20.31 36.29 16.44
C ARG G 337 19.31 37.32 15.93
N GLY G 338 18.25 36.87 15.26
CA GLY G 338 17.27 37.81 14.75
C GLY G 338 16.47 38.45 15.87
N THR G 339 16.34 39.76 15.80
CA THR G 339 15.68 40.55 16.83
C THR G 339 14.27 40.90 16.40
N PRO G 340 13.34 41.03 17.35
CA PRO G 340 12.00 41.49 17.01
C PRO G 340 12.01 42.97 16.68
N ARG G 341 11.07 43.38 15.83
CA ARG G 341 10.93 44.79 15.50
C ARG G 341 10.05 45.54 16.48
N ASN G 342 9.11 44.86 17.13
CA ASN G 342 8.23 45.45 18.13
C ASN G 342 8.52 44.78 19.46
N GLN G 343 9.07 45.55 20.41
CA GLN G 343 9.55 44.93 21.65
C GLN G 343 8.42 44.56 22.59
N ASP G 344 7.39 45.39 22.72
CA ASP G 344 6.34 45.15 23.69
C ASP G 344 5.60 43.86 23.38
N LEU G 345 5.20 43.68 22.12
CA LEU G 345 4.54 42.44 21.72
C LEU G 345 5.46 41.25 21.92
N TYR G 346 6.75 41.42 21.63
CA TYR G 346 7.72 40.34 21.82
C TYR G 346 7.75 39.88 23.26
N ASP G 347 7.91 40.83 24.19
CA ASP G 347 7.98 40.48 25.60
C ASP G 347 6.69 39.85 26.09
N ALA G 348 5.55 40.40 25.69
CA ALA G 348 4.26 39.86 26.15
C ALA G 348 4.05 38.44 25.62
N ALA G 349 4.35 38.22 24.35
CA ALA G 349 4.22 36.88 23.78
C ALA G 349 5.18 35.91 24.44
N LYS G 350 6.40 36.34 24.72
CA LYS G 350 7.36 35.47 25.38
C LYS G 350 6.89 35.10 26.79
N ALA G 351 6.36 36.07 27.53
CA ALA G 351 5.89 35.77 28.88
C ALA G 351 4.72 34.80 28.85
N TYR G 352 3.77 35.01 27.93
CA TYR G 352 2.66 34.06 27.85
C TYR G 352 3.16 32.68 27.43
N ALA G 353 4.12 32.61 26.51
CA ALA G 353 4.64 31.32 26.08
C ALA G 353 5.31 30.58 27.23
N GLU G 354 6.11 31.30 28.03
CA GLU G 354 6.71 30.67 29.20
C GLU G 354 5.66 30.23 30.20
N GLN G 355 4.55 30.98 30.31
CA GLN G 355 3.45 30.53 31.13
C GLN G 355 2.85 29.22 30.60
N LEU G 356 2.84 29.06 29.27
CA LEU G 356 2.35 27.82 28.67
C LEU G 356 3.22 26.64 29.09
N LYS G 357 4.54 26.81 29.03
CA LYS G 357 5.46 25.69 29.17
C LYS G 357 5.39 25.02 30.54
N GLU G 358 5.08 25.76 31.60
CA GLU G 358 5.06 25.21 32.95
C GLU G 358 3.68 24.69 33.34
N ASN G 359 2.63 25.42 32.99
CA ASN G 359 1.26 25.00 33.25
C ASN G 359 0.81 24.03 32.16
N GLY G 360 -0.49 23.85 32.01
CA GLY G 360 -1.02 22.92 31.04
C GLY G 360 -1.88 21.85 31.65
N VAL G 361 -3.18 21.94 31.41
CA VAL G 361 -4.18 21.06 32.01
C VAL G 361 -4.62 20.05 30.97
N ILE G 362 -4.76 18.79 31.38
CA ILE G 362 -5.11 17.71 30.47
C ILE G 362 -6.52 17.96 29.93
N ASN G 363 -6.65 18.02 28.61
CA ASN G 363 -7.98 18.06 28.02
C ASN G 363 -8.60 16.68 28.06
N TYR G 364 -9.74 16.56 28.74
CA TYR G 364 -10.43 15.29 28.88
C TYR G 364 -11.50 15.09 27.83
N SER G 365 -11.75 16.11 26.99
CA SER G 365 -12.72 16.01 25.91
C SER G 365 -12.08 15.62 24.59
N VAL G 366 -10.92 16.22 24.27
CA VAL G 366 -10.22 15.85 23.05
C VAL G 366 -9.81 14.39 23.12
N LEU G 367 -9.26 13.97 24.24
CA LEU G 367 -9.15 12.56 24.55
C LEU G 367 -10.55 11.97 24.65
N ASP G 368 -10.77 10.82 24.01
CA ASP G 368 -12.11 10.28 23.81
C ASP G 368 -12.59 9.52 25.04
N LEU G 369 -12.53 10.18 26.19
CA LEU G 369 -12.95 9.59 27.46
C LEU G 369 -14.46 9.73 27.64
N THR G 370 -15.20 9.06 26.75
CA THR G 370 -16.65 9.04 26.86
C THR G 370 -17.10 8.33 28.14
N ALA G 371 -16.42 7.25 28.50
CA ALA G 371 -16.78 6.48 29.69
C ALA G 371 -16.66 7.33 30.94
N GLU G 372 -17.80 7.57 31.61
CA GLU G 372 -17.78 8.37 32.82
C GLU G 372 -17.06 7.67 33.96
N GLU G 373 -17.02 6.33 33.94
CA GLU G 373 -16.29 5.60 34.97
C GLU G 373 -14.80 5.94 34.92
N LEU G 374 -14.20 5.92 33.73
CA LEU G 374 -12.82 6.36 33.59
C LEU G 374 -12.69 7.86 33.83
N GLU G 375 -13.71 8.63 33.42
CA GLU G 375 -13.69 10.07 33.65
C GLU G 375 -13.72 10.39 35.14
N ALA G 376 -14.49 9.64 35.91
CA ALA G 376 -14.60 9.90 37.34
C ALA G 376 -13.36 9.44 38.10
N ILE G 377 -12.78 8.30 37.68
CA ILE G 377 -11.62 7.77 38.40
C ILE G 377 -10.46 8.75 38.36
N LYS G 378 -10.16 9.28 37.17
CA LYS G 378 -9.08 10.24 37.04
C LYS G 378 -9.56 11.62 37.45
N ALA I 1 -32.33 41.31 -10.03
CA ALA I 1 -32.73 42.04 -11.23
C ALA I 1 -32.14 43.44 -11.23
N LEU I 2 -31.77 43.94 -10.05
CA LEU I 2 -31.07 45.21 -9.96
C LEU I 2 -29.57 45.04 -9.83
N SER I 3 -29.06 43.82 -9.92
CA SER I 3 -27.63 43.64 -10.15
C SER I 3 -27.25 44.08 -11.56
N LYS I 4 -28.24 44.33 -12.40
CA LYS I 4 -28.06 44.86 -13.74
C LYS I 4 -27.54 46.29 -13.73
N VAL I 5 -27.88 47.09 -12.73
CA VAL I 5 -27.54 48.51 -12.73
C VAL I 5 -26.17 48.66 -12.08
N LYS I 6 -25.13 48.47 -12.87
CA LYS I 6 -23.78 48.81 -12.45
C LYS I 6 -23.08 49.55 -13.58
N LEU I 7 -22.90 50.84 -13.41
CA LEU I 7 -22.14 51.65 -14.35
C LEU I 7 -20.71 51.61 -13.85
N ASN I 8 -19.89 50.76 -14.47
CA ASN I 8 -18.50 50.59 -14.09
C ASN I 8 -17.69 51.75 -14.64
N ASP I 9 -17.14 52.56 -13.75
CA ASP I 9 -16.62 53.86 -14.12
C ASP I 9 -15.11 53.91 -14.23
N THR I 10 -14.40 53.25 -13.32
CA THR I 10 -12.94 53.24 -13.40
C THR I 10 -12.46 52.44 -14.59
N LEU I 11 -13.11 51.32 -14.88
CA LEU I 11 -12.74 50.54 -16.06
C LEU I 11 -13.07 51.28 -17.35
N ASN I 12 -14.13 52.09 -17.33
CA ASN I 12 -14.44 52.88 -18.51
C ASN I 12 -13.45 54.02 -18.70
N LYS I 13 -13.03 54.68 -17.63
CA LYS I 13 -11.95 55.64 -17.76
C LYS I 13 -10.68 54.97 -18.24
N ASP I 14 -10.42 53.75 -17.78
CA ASP I 14 -9.34 52.93 -18.32
C ASP I 14 -9.42 52.86 -19.83
N GLN I 15 -10.50 52.28 -20.36
CA GLN I 15 -10.54 52.04 -21.81
C GLN I 15 -10.64 53.36 -22.58
N LEU I 16 -11.04 54.43 -21.91
CA LEU I 16 -11.04 55.74 -22.56
C LEU I 16 -9.62 56.29 -22.70
N LEU I 17 -8.79 56.11 -21.67
CA LEU I 17 -7.43 56.60 -21.72
C LEU I 17 -6.55 55.70 -22.59
N SER I 18 -6.86 54.41 -22.63
CA SER I 18 -6.02 53.46 -23.35
C SER I 18 -6.29 53.50 -24.85
N SER I 19 -7.56 53.43 -25.25
CA SER I 19 -7.94 53.37 -26.66
C SER I 19 -8.09 54.74 -27.29
N SER I 20 -7.44 55.76 -26.73
CA SER I 20 -7.43 57.08 -27.36
C SER I 20 -6.74 57.00 -28.70
N LYS I 21 -7.20 57.80 -29.66
CA LYS I 21 -6.63 57.77 -31.01
C LYS I 21 -5.68 58.93 -31.29
N TYR I 22 -5.75 60.01 -30.53
CA TYR I 22 -4.77 61.10 -30.64
C TYR I 22 -3.73 60.93 -29.55
N THR I 23 -2.57 60.38 -29.90
CA THR I 23 -1.45 60.28 -28.98
C THR I 23 -0.37 61.24 -29.44
N ILE I 24 -0.26 62.37 -28.75
CA ILE I 24 0.72 63.39 -29.09
C ILE I 24 2.02 63.05 -28.36
N GLN I 25 3.12 63.03 -29.11
CA GLN I 25 4.40 62.54 -28.63
C GLN I 25 5.36 63.70 -28.37
N ARG I 26 6.34 63.45 -27.52
CA ARG I 26 7.21 64.50 -26.99
C ARG I 26 8.65 64.29 -27.45
N SER I 27 9.28 65.36 -27.90
CA SER I 27 10.70 65.33 -28.22
C SER I 27 11.51 65.70 -26.98
N THR I 28 12.48 64.85 -26.63
CA THR I 28 13.25 65.03 -25.40
C THR I 28 14.23 66.19 -25.50
N GLY I 29 14.91 66.34 -26.63
CA GLY I 29 15.94 67.34 -26.76
C GLY I 29 17.00 66.91 -27.76
N ASP I 30 18.26 66.86 -27.33
CA ASP I 30 19.33 66.43 -28.21
C ASP I 30 19.43 64.92 -28.29
N SER I 31 19.81 64.28 -27.19
CA SER I 31 20.03 62.84 -27.11
C SER I 31 20.55 62.54 -25.71
N ILE I 32 20.71 61.26 -25.42
CA ILE I 32 21.30 60.83 -24.15
C ILE I 32 22.30 59.71 -24.43
N ASP I 33 23.39 59.70 -23.67
CA ASP I 33 24.43 58.70 -23.85
C ASP I 33 23.91 57.34 -23.42
N THR I 34 24.10 56.32 -24.27
CA THR I 34 23.56 54.98 -24.03
C THR I 34 24.67 53.96 -24.19
N PRO I 35 25.53 53.80 -23.19
CA PRO I 35 26.66 52.87 -23.32
C PRO I 35 26.21 51.43 -23.47
N ASN I 36 27.04 50.64 -24.17
CA ASN I 36 26.81 49.23 -24.37
C ASN I 36 27.42 48.44 -23.21
N TYR I 37 27.58 47.12 -23.37
CA TYR I 37 28.13 46.31 -22.30
C TYR I 37 29.61 46.61 -22.02
N ASP I 38 30.34 47.14 -23.00
CA ASP I 38 31.79 47.27 -22.84
C ASP I 38 32.13 48.39 -21.87
N VAL I 39 31.39 49.50 -21.91
CA VAL I 39 31.66 50.63 -21.02
C VAL I 39 31.31 50.32 -19.56
N GLN I 40 30.67 49.17 -19.31
CA GLN I 40 30.33 48.77 -17.95
C GLN I 40 31.57 48.75 -17.05
N LYS I 41 32.67 48.17 -17.53
CA LYS I 41 33.85 48.01 -16.71
C LYS I 41 34.42 49.35 -16.27
N HIS I 42 34.59 50.26 -17.23
CA HIS I 42 35.14 51.56 -16.86
C HIS I 42 34.19 52.39 -16.02
N ILE I 43 32.88 52.32 -16.26
CA ILE I 43 31.96 53.06 -15.40
C ILE I 43 32.01 52.51 -13.98
N ASN I 44 32.13 51.19 -13.84
CA ASN I 44 32.25 50.58 -12.53
C ASN I 44 33.50 51.05 -11.82
N LYS I 45 34.62 51.09 -12.54
CA LYS I 45 35.86 51.60 -11.96
C LYS I 45 35.71 53.06 -11.57
N LEU I 46 34.99 53.84 -12.38
CA LEU I 46 34.79 55.25 -12.07
C LEU I 46 33.96 55.43 -10.80
N CYS I 47 32.91 54.63 -10.63
CA CYS I 47 32.15 54.68 -9.39
C CYS I 47 33.01 54.29 -8.20
N GLY I 48 33.88 53.30 -8.38
CA GLY I 48 34.85 53.00 -7.34
C GLY I 48 35.72 54.19 -7.00
N MET I 49 36.16 54.92 -8.03
CA MET I 49 37.00 56.10 -7.80
C MET I 49 36.24 57.18 -7.06
N LEU I 50 34.94 57.33 -7.32
CA LEU I 50 34.13 58.24 -6.52
C LEU I 50 34.07 57.79 -5.06
N LEU I 51 33.78 56.50 -4.84
CA LEU I 51 33.60 56.03 -3.46
C LEU I 51 34.88 56.09 -2.63
N ILE I 52 36.02 55.69 -3.20
CA ILE I 52 37.25 55.65 -2.42
C ILE I 52 37.64 57.05 -1.95
N THR I 53 37.42 58.05 -2.80
CA THR I 53 37.78 59.41 -2.47
C THR I 53 37.06 59.87 -1.22
N GLU I 54 37.78 60.50 -0.30
CA GLU I 54 37.14 61.15 0.83
C GLU I 54 36.39 62.37 0.35
N ASP I 55 35.22 62.61 0.95
CA ASP I 55 34.34 63.75 0.68
C ASP I 55 34.32 64.16 -0.79
N ALA I 56 34.19 63.19 -1.68
CA ALA I 56 34.29 63.44 -3.11
C ALA I 56 33.16 64.36 -3.58
N ASN I 57 33.47 65.18 -4.58
CA ASN I 57 32.47 66.04 -5.20
C ASN I 57 31.50 65.13 -5.94
N HIS I 58 30.31 64.93 -5.37
CA HIS I 58 29.33 64.01 -5.92
C HIS I 58 28.30 64.71 -6.80
N LYS I 59 28.58 65.93 -7.26
CA LYS I 59 27.60 66.65 -8.07
C LYS I 59 27.35 65.95 -9.41
N PHE I 60 28.23 65.04 -9.83
CA PHE I 60 28.05 64.30 -11.06
C PHE I 60 27.89 62.80 -10.82
N THR I 61 27.63 62.38 -9.59
CA THR I 61 27.54 60.95 -9.31
C THR I 61 26.22 60.36 -9.79
N GLY I 62 25.15 61.16 -9.81
CA GLY I 62 23.88 60.65 -10.28
C GLY I 62 23.91 60.25 -11.75
N LEU I 63 24.47 61.12 -12.58
CA LEU I 63 24.59 60.81 -14.00
C LEU I 63 25.47 59.60 -14.21
N ILE I 64 26.55 59.49 -13.43
CA ILE I 64 27.45 58.34 -13.56
C ILE I 64 26.73 57.05 -13.17
N GLY I 65 25.97 57.07 -12.08
CA GLY I 65 25.21 55.89 -11.71
C GLY I 65 24.20 55.50 -12.77
N MET I 66 23.53 56.49 -13.36
CA MET I 66 22.53 56.16 -14.38
C MET I 66 23.20 55.65 -15.65
N LEU I 67 24.39 56.18 -15.97
CA LEU I 67 25.17 55.63 -17.06
C LEU I 67 25.54 54.18 -16.79
N TYR I 68 25.90 53.86 -15.55
CA TYR I 68 26.16 52.48 -15.19
C TYR I 68 24.91 51.63 -15.37
N ALA I 69 23.75 52.18 -15.04
CA ALA I 69 22.50 51.45 -15.23
C ALA I 69 22.28 51.10 -16.70
N MET I 70 22.40 52.09 -17.59
CA MET I 70 22.23 51.82 -19.01
C MET I 70 23.29 50.85 -19.52
N SER I 71 24.52 50.99 -19.03
CA SER I 71 25.59 50.10 -19.48
C SER I 71 25.29 48.67 -19.12
N ARG I 72 24.76 48.43 -17.91
CA ARG I 72 24.37 47.07 -17.56
C ARG I 72 23.19 46.57 -18.37
N LEU I 73 22.18 47.41 -18.64
CA LEU I 73 21.09 46.96 -19.49
C LEU I 73 21.57 46.64 -20.90
N GLY I 74 22.40 47.51 -21.47
CA GLY I 74 22.82 47.32 -22.83
C GLY I 74 22.46 48.52 -23.70
N ARG I 75 22.66 48.36 -25.01
CA ARG I 75 22.34 49.42 -25.94
C ARG I 75 20.94 49.25 -26.50
N GLU I 76 20.69 48.13 -27.17
CA GLU I 76 19.37 47.89 -27.74
C GLU I 76 18.29 47.86 -26.67
N ASP I 77 18.60 47.40 -25.47
CA ASP I 77 17.59 47.32 -24.42
C ASP I 77 17.21 48.69 -23.89
N THR I 78 18.21 49.55 -23.63
CA THR I 78 17.86 50.90 -23.19
C THR I 78 17.15 51.67 -24.29
N ILE I 79 17.52 51.44 -25.55
CA ILE I 79 16.79 52.08 -26.65
C ILE I 79 15.36 51.60 -26.68
N LYS I 80 15.14 50.29 -26.52
CA LYS I 80 13.78 49.75 -26.52
C LYS I 80 12.96 50.32 -25.37
N ILE I 81 13.56 50.44 -24.19
CA ILE I 81 12.85 50.98 -23.03
C ILE I 81 12.45 52.43 -23.28
N LEU I 82 13.38 53.25 -23.79
CA LEU I 82 13.05 54.62 -24.09
C LEU I 82 11.98 54.73 -25.17
N ARG I 83 11.98 53.81 -26.14
CA ARG I 83 10.96 53.85 -27.19
C ARG I 83 9.59 53.50 -26.64
N ASP I 84 9.50 52.41 -25.88
CA ASP I 84 8.20 52.01 -25.33
C ASP I 84 7.69 53.01 -24.33
N ALA I 85 8.58 53.76 -23.68
CA ALA I 85 8.13 54.85 -22.83
C ALA I 85 7.64 56.05 -23.65
N GLY I 86 7.80 56.02 -24.97
CA GLY I 86 7.39 57.12 -25.81
C GLY I 86 8.31 58.31 -25.75
N TYR I 87 9.57 58.11 -26.15
CA TYR I 87 10.54 59.20 -26.17
C TYR I 87 11.24 59.21 -27.53
N HIS I 88 11.65 60.41 -27.95
CA HIS I 88 12.38 60.61 -29.20
C HIS I 88 13.83 60.91 -28.85
N VAL I 89 14.68 59.89 -28.90
CA VAL I 89 16.10 60.03 -28.60
C VAL I 89 16.90 59.22 -29.62
N LYS I 90 18.11 59.69 -29.88
CA LYS I 90 19.05 58.98 -30.74
C LYS I 90 20.15 58.38 -29.88
N ALA I 91 20.54 57.16 -30.24
CA ALA I 91 21.54 56.43 -29.46
C ALA I 91 22.93 57.02 -29.67
N ASN I 92 23.32 57.95 -28.79
CA ASN I 92 24.64 58.57 -28.85
C ASN I 92 25.62 57.65 -28.15
N GLY I 93 26.12 56.65 -28.88
CA GLY I 93 26.94 55.63 -28.27
C GLY I 93 28.20 56.20 -27.65
N VAL I 94 28.71 55.48 -26.66
CA VAL I 94 29.85 55.92 -25.87
C VAL I 94 30.90 54.82 -25.92
N ASP I 95 32.15 55.20 -26.14
CA ASP I 95 33.25 54.26 -26.30
C ASP I 95 34.42 54.66 -25.44
N VAL I 96 35.31 53.69 -25.21
CA VAL I 96 36.50 53.88 -24.38
C VAL I 96 37.62 54.41 -25.25
N THR I 97 38.04 55.65 -24.98
CA THR I 97 39.16 56.28 -25.64
C THR I 97 40.20 56.64 -24.59
N THR I 98 41.38 57.06 -25.05
CA THR I 98 42.48 57.38 -24.16
C THR I 98 42.86 58.85 -24.35
N HIS I 99 42.99 59.57 -23.24
CA HIS I 99 43.31 60.98 -23.26
C HIS I 99 44.53 61.24 -22.38
N ARG I 100 45.64 61.62 -23.01
CA ARG I 100 46.86 61.98 -22.31
C ARG I 100 46.88 63.49 -22.08
N GLN I 101 46.69 63.90 -20.84
CA GLN I 101 46.76 65.30 -20.47
C GLN I 101 47.92 65.51 -19.52
N ASP I 102 48.81 66.44 -19.88
CA ASP I 102 50.01 66.71 -19.11
C ASP I 102 49.63 67.51 -17.88
N ILE I 103 49.83 66.95 -16.70
CA ILE I 103 49.42 67.55 -15.44
C ILE I 103 50.65 67.79 -14.58
N ASN I 104 50.84 69.04 -14.16
CA ASN I 104 51.95 69.43 -13.29
C ASN I 104 53.30 69.00 -13.85
N GLY I 105 53.47 69.15 -15.17
CA GLY I 105 54.72 68.81 -15.81
C GLY I 105 54.80 67.36 -16.24
N LYS I 106 54.04 66.49 -15.57
CA LYS I 106 54.03 65.08 -15.89
C LYS I 106 52.84 64.75 -16.79
N GLU I 107 53.10 64.00 -17.85
CA GLU I 107 52.04 63.53 -18.74
C GLU I 107 51.63 62.12 -18.34
N MET I 108 50.36 61.96 -17.97
CA MET I 108 49.84 60.70 -17.46
C MET I 108 48.85 60.12 -18.45
N LYS I 109 48.86 58.79 -18.59
CA LYS I 109 47.98 58.09 -19.50
C LYS I 109 46.67 57.74 -18.79
N PHE I 110 45.57 58.32 -19.27
CA PHE I 110 44.25 58.01 -18.72
C PHE I 110 43.32 57.62 -19.85
N GLU I 111 42.57 56.54 -19.64
CA GLU I 111 41.54 56.13 -20.59
C GLU I 111 40.20 56.73 -20.17
N VAL I 112 39.55 57.39 -21.11
CA VAL I 112 38.50 58.37 -20.82
C VAL I 112 37.30 58.10 -21.71
N LEU I 113 36.15 58.65 -21.32
CA LEU I 113 34.88 58.41 -22.00
C LEU I 113 34.45 59.63 -22.78
N THR I 114 33.94 59.42 -23.98
CA THR I 114 33.33 60.49 -24.77
C THR I 114 31.85 60.54 -24.44
N LEU I 115 31.48 61.48 -23.57
CA LEU I 115 30.10 61.63 -23.10
C LEU I 115 29.62 63.04 -23.38
N ALA I 116 28.36 63.17 -23.79
CA ALA I 116 27.81 64.48 -24.13
C ALA I 116 27.73 65.37 -22.89
N SER I 117 27.15 64.85 -21.81
CA SER I 117 26.96 65.66 -20.61
C SER I 117 28.07 65.51 -19.59
N LEU I 118 28.99 64.55 -19.79
CA LEU I 118 30.13 64.35 -18.91
C LEU I 118 31.40 64.61 -19.70
N THR I 119 32.10 65.70 -19.37
CA THR I 119 33.25 66.10 -20.14
C THR I 119 34.44 65.20 -19.85
N THR I 120 35.52 65.41 -20.61
CA THR I 120 36.76 64.68 -20.36
C THR I 120 37.48 65.19 -19.12
N GLU I 121 37.55 66.51 -18.96
CA GLU I 121 38.32 67.09 -17.87
C GLU I 121 37.70 66.80 -16.51
N ILE I 122 36.37 66.73 -16.42
CA ILE I 122 35.73 66.43 -15.15
C ILE I 122 36.12 65.03 -14.67
N GLN I 123 36.08 64.05 -15.56
CA GLN I 123 36.42 62.70 -15.15
C GLN I 123 37.92 62.52 -14.96
N ILE I 124 38.73 63.36 -15.63
CA ILE I 124 40.15 63.42 -15.28
C ILE I 124 40.34 63.92 -13.86
N ASN I 125 39.59 64.97 -13.48
CA ASN I 125 39.65 65.46 -12.10
C ASN I 125 39.23 64.38 -11.12
N ILE I 126 38.20 63.62 -11.46
CA ILE I 126 37.76 62.53 -10.59
C ILE I 126 38.87 61.49 -10.44
N GLU I 127 39.52 61.14 -11.56
CA GLU I 127 40.62 60.18 -11.51
C GLU I 127 41.73 60.67 -10.59
N ILE I 128 42.14 61.93 -10.75
CA ILE I 128 43.27 62.43 -9.97
C ILE I 128 42.90 62.56 -8.51
N GLU I 129 41.65 62.94 -8.20
CA GLU I 129 41.25 63.02 -6.79
C GLU I 129 41.18 61.63 -6.16
N SER I 130 40.77 60.62 -6.93
CA SER I 130 40.83 59.25 -6.42
C SER I 130 42.27 58.85 -6.15
N ARG I 131 43.19 59.25 -7.02
CA ARG I 131 44.60 58.95 -6.79
C ARG I 131 45.12 59.63 -5.52
N LYS I 132 44.78 60.91 -5.31
CA LYS I 132 45.22 61.60 -4.11
C LYS I 132 44.65 60.95 -2.86
N SER I 133 43.36 60.59 -2.90
CA SER I 133 42.74 59.94 -1.75
C SER I 133 43.34 58.58 -1.45
N TYR I 134 43.66 57.81 -2.49
CA TYR I 134 44.38 56.56 -2.32
C TYR I 134 45.74 56.80 -1.68
N LYS I 135 46.45 57.84 -2.14
CA LYS I 135 47.73 58.22 -1.55
C LYS I 135 47.59 58.47 -0.05
N LYS I 136 46.64 59.32 0.32
CA LYS I 136 46.44 59.65 1.73
C LYS I 136 46.08 58.43 2.55
N MET I 137 45.16 57.61 2.04
CA MET I 137 44.71 56.43 2.78
C MET I 137 45.86 55.46 2.99
N LEU I 138 46.65 55.22 1.94
CA LEU I 138 47.80 54.33 2.03
C LEU I 138 48.84 54.88 3.00
N LYS I 139 49.06 56.19 3.00
CA LYS I 139 50.01 56.77 3.94
C LYS I 139 49.52 56.62 5.38
N GLU I 140 48.22 56.81 5.60
CA GLU I 140 47.71 56.82 6.97
C GLU I 140 47.70 55.41 7.58
N MET I 141 47.24 54.41 6.84
CA MET I 141 47.16 53.07 7.43
C MET I 141 48.22 52.12 6.90
N GLY I 142 48.86 52.44 5.77
CA GLY I 142 49.89 51.56 5.25
C GLY I 142 49.44 50.66 4.11
N GLU I 143 48.55 49.72 4.40
CA GLU I 143 48.13 48.73 3.42
C GLU I 143 46.62 48.70 3.30
N VAL I 144 46.13 48.49 2.07
CA VAL I 144 44.71 48.39 1.80
C VAL I 144 44.43 47.05 1.12
N ALA I 145 43.32 46.43 1.49
CA ALA I 145 42.94 45.12 0.97
C ALA I 145 42.30 45.24 -0.41
N PRO I 146 42.20 44.13 -1.14
CA PRO I 146 41.52 44.16 -2.45
C PRO I 146 40.07 44.59 -2.39
N GLU I 147 39.36 44.33 -1.28
CA GLU I 147 37.99 44.83 -1.15
C GLU I 147 37.93 46.33 -0.88
N TYR I 148 39.06 46.94 -0.53
CA TYR I 148 39.12 48.34 -0.14
C TYR I 148 39.40 49.28 -1.29
N ARG I 149 39.49 48.78 -2.53
CA ARG I 149 39.95 49.60 -3.65
C ARG I 149 38.89 49.67 -4.75
N HIS I 150 39.26 50.33 -5.84
CA HIS I 150 38.33 50.69 -6.90
C HIS I 150 37.90 49.54 -7.78
N ASP I 151 38.73 48.50 -7.93
CA ASP I 151 38.40 47.41 -8.84
C ASP I 151 37.21 46.59 -8.38
N SER I 152 36.57 46.98 -7.28
CA SER I 152 35.45 46.23 -6.75
C SER I 152 34.30 46.22 -7.76
N PRO I 153 33.71 45.07 -8.02
CA PRO I 153 32.63 44.99 -9.02
C PRO I 153 31.27 45.43 -8.47
N ASP I 154 31.27 46.14 -7.35
CA ASP I 154 30.02 46.50 -6.68
C ASP I 154 29.95 47.95 -6.23
N CYS I 155 30.94 48.79 -6.57
CA CYS I 155 30.83 50.20 -6.24
C CYS I 155 29.66 50.85 -6.97
N GLY I 156 29.51 50.56 -8.25
CA GLY I 156 28.37 51.04 -8.99
C GLY I 156 27.06 50.59 -8.38
N MET I 157 27.03 49.35 -7.88
CA MET I 157 25.78 48.88 -7.27
C MET I 157 25.54 49.49 -5.90
N ILE I 158 26.58 49.95 -5.20
CA ILE I 158 26.33 50.74 -4.00
C ILE I 158 25.66 52.06 -4.38
N ILE I 159 26.18 52.72 -5.42
CA ILE I 159 25.56 53.93 -5.91
C ILE I 159 24.10 53.67 -6.27
N LEU I 160 23.85 52.57 -6.97
CA LEU I 160 22.48 52.27 -7.36
C LEU I 160 21.61 51.81 -6.19
N CYS I 161 22.19 51.31 -5.11
CA CYS I 161 21.38 51.02 -3.93
C CYS I 161 20.86 52.31 -3.30
N ILE I 162 21.73 53.33 -3.20
CA ILE I 162 21.22 54.62 -2.76
C ILE I 162 20.19 55.14 -3.76
N ALA I 163 20.40 54.87 -5.04
CA ALA I 163 19.39 55.23 -6.04
C ALA I 163 18.06 54.54 -5.77
N ALA I 164 18.09 53.28 -5.33
CA ALA I 164 16.86 52.57 -5.03
C ALA I 164 16.13 53.20 -3.85
N LEU I 165 16.87 53.60 -2.82
CA LEU I 165 16.24 54.35 -1.73
C LEU I 165 15.57 55.61 -2.25
N VAL I 166 16.27 56.33 -3.12
CA VAL I 166 15.69 57.52 -3.74
C VAL I 166 14.40 57.18 -4.48
N ILE I 167 14.39 56.08 -5.23
CA ILE I 167 13.23 55.78 -6.04
C ILE I 167 12.04 55.43 -5.15
N THR I 168 12.29 54.75 -4.03
CA THR I 168 11.18 54.47 -3.11
C THR I 168 10.60 55.76 -2.56
N LYS I 169 11.48 56.69 -2.15
CA LYS I 169 11.02 57.91 -1.50
C LYS I 169 10.66 59.02 -2.47
N LEU I 170 10.73 58.77 -3.77
CA LEU I 170 10.42 59.79 -4.77
C LEU I 170 8.92 59.97 -5.00
N ALA I 171 8.08 59.34 -4.18
CA ALA I 171 6.63 59.51 -4.33
C ALA I 171 6.21 60.94 -4.02
N ALA I 172 6.75 61.52 -2.94
CA ALA I 172 6.41 62.90 -2.61
C ALA I 172 6.86 63.86 -3.70
N GLY I 173 8.06 63.65 -4.25
CA GLY I 173 8.50 64.37 -5.42
C GLY I 173 9.02 65.78 -5.18
N ASP I 174 9.20 66.18 -3.92
CA ASP I 174 9.66 67.53 -3.63
C ASP I 174 10.79 67.53 -2.62
N ARG I 175 11.70 66.56 -2.73
CA ARG I 175 12.92 66.50 -1.91
C ARG I 175 12.60 66.49 -0.42
N SER I 176 11.43 65.95 -0.06
CA SER I 176 11.05 65.84 1.33
C SER I 176 11.52 64.55 1.99
N GLY I 177 11.79 63.51 1.21
CA GLY I 177 12.21 62.24 1.74
C GLY I 177 13.71 62.10 1.93
N LEU I 178 14.45 63.20 1.93
CA LEU I 178 15.90 63.11 2.04
C LEU I 178 16.33 62.57 3.39
N THR I 179 15.66 62.96 4.47
CA THR I 179 16.03 62.45 5.78
C THR I 179 15.75 60.95 5.88
N ALA I 180 14.65 60.48 5.29
CA ALA I 180 14.38 59.05 5.29
C ALA I 180 15.40 58.31 4.45
N VAL I 181 15.83 58.91 3.34
CA VAL I 181 16.86 58.29 2.53
C VAL I 181 18.16 58.17 3.31
N ILE I 182 18.53 59.21 4.06
CA ILE I 182 19.77 59.16 4.84
C ILE I 182 19.67 58.10 5.93
N ARG I 183 18.55 58.06 6.65
CA ARG I 183 18.41 57.07 7.71
C ARG I 183 18.47 55.65 7.16
N ARG I 184 17.76 55.40 6.07
CA ARG I 184 17.76 54.07 5.49
C ARG I 184 19.12 53.73 4.91
N ALA I 185 19.87 54.72 4.45
CA ALA I 185 21.20 54.44 3.90
C ALA I 185 22.27 54.39 4.98
N ASN I 186 21.93 54.71 6.22
CA ASN I 186 22.87 54.50 7.31
C ASN I 186 22.60 53.19 8.05
N ASN I 187 21.32 52.83 8.22
CA ASN I 187 20.99 51.49 8.71
C ASN I 187 21.49 50.45 7.71
N VAL I 188 20.92 50.44 6.51
CA VAL I 188 21.49 49.68 5.42
C VAL I 188 22.84 50.27 5.04
N LEU I 189 23.70 49.42 4.47
CA LEU I 189 25.01 49.85 3.98
C LEU I 189 25.86 50.49 5.07
N LYS I 190 25.86 49.87 6.25
CA LYS I 190 26.78 50.34 7.29
C LYS I 190 28.20 49.85 7.02
N ASN I 191 28.34 48.63 6.49
CA ASN I 191 29.64 48.09 6.15
C ASN I 191 30.34 48.96 5.11
N GLU I 192 29.60 49.37 4.09
CA GLU I 192 30.19 50.17 3.03
C GLU I 192 30.62 51.54 3.55
N MET I 193 29.77 52.21 4.34
CA MET I 193 30.18 53.48 4.92
C MET I 193 31.39 53.30 5.83
N LYS I 194 31.53 52.14 6.44
CA LYS I 194 32.78 51.81 7.12
C LYS I 194 33.95 51.70 6.16
N ARG I 195 33.72 51.17 4.95
CA ARG I 195 34.79 50.87 4.00
C ARG I 195 35.05 52.02 3.04
N TYR I 196 34.06 52.41 2.26
CA TYR I 196 34.22 53.46 1.24
C TYR I 196 33.86 54.79 1.88
N LYS I 197 34.87 55.54 2.28
CA LYS I 197 34.63 56.79 3.02
C LYS I 197 34.07 57.91 2.17
N GLY I 198 33.71 57.64 0.91
CA GLY I 198 33.09 58.65 0.08
C GLY I 198 31.58 58.63 0.09
N LEU I 199 30.97 57.67 0.76
CA LEU I 199 29.51 57.54 0.75
C LEU I 199 28.92 58.64 1.62
N LEU I 200 28.38 59.67 0.98
CA LEU I 200 27.53 60.65 1.66
C LEU I 200 26.12 60.54 1.10
N PRO I 201 25.22 59.81 1.75
CA PRO I 201 23.87 59.67 1.20
C PRO I 201 23.16 61.00 1.02
N LYS I 202 23.48 62.00 1.83
CA LYS I 202 22.99 63.34 1.55
C LYS I 202 23.40 63.79 0.15
N ASP I 203 24.70 63.72 -0.15
CA ASP I 203 25.20 64.20 -1.43
C ASP I 203 24.75 63.34 -2.59
N ILE I 204 24.87 62.01 -2.45
CA ILE I 204 24.46 61.12 -3.53
C ILE I 204 22.96 61.26 -3.79
N ALA I 205 22.16 61.35 -2.73
CA ALA I 205 20.72 61.41 -2.91
C ALA I 205 20.28 62.75 -3.48
N ASN I 206 20.94 63.85 -3.09
CA ASN I 206 20.66 65.12 -3.76
C ASN I 206 21.03 65.03 -5.23
N SER I 207 22.15 64.37 -5.55
CA SER I 207 22.52 64.18 -6.94
C SER I 207 21.45 63.37 -7.68
N PHE I 208 20.86 62.38 -7.02
CA PHE I 208 19.90 61.54 -7.71
C PHE I 208 18.54 62.22 -7.89
N TYR I 209 18.11 63.02 -6.91
CA TYR I 209 16.99 63.93 -7.17
C TYR I 209 17.28 64.86 -8.33
N GLU I 210 18.51 65.40 -8.38
CA GLU I 210 18.84 66.31 -9.48
C GLU I 210 18.78 65.60 -10.81
N VAL I 211 19.26 64.36 -10.88
CA VAL I 211 19.33 63.68 -12.17
C VAL I 211 17.98 63.08 -12.55
N PHE I 212 17.10 62.80 -11.58
CA PHE I 212 15.78 62.30 -11.91
C PHE I 212 14.81 63.42 -12.26
N GLU I 213 14.99 64.62 -11.70
CA GLU I 213 14.19 65.75 -12.12
C GLU I 213 14.71 66.38 -13.40
N LYS I 214 16.04 66.39 -13.58
CA LYS I 214 16.64 67.09 -14.70
C LYS I 214 16.51 66.27 -15.98
N HIS I 215 16.49 64.94 -15.86
CA HIS I 215 16.16 64.03 -16.96
C HIS I 215 15.00 63.14 -16.52
N PRO I 216 13.75 63.54 -16.78
CA PRO I 216 12.62 62.74 -16.31
C PRO I 216 12.55 61.35 -16.92
N HIS I 217 13.21 61.11 -18.04
CA HIS I 217 13.20 59.76 -18.61
C HIS I 217 14.17 58.81 -17.91
N PHE I 218 15.11 59.34 -17.13
CA PHE I 218 15.95 58.47 -16.32
C PHE I 218 15.13 57.70 -15.30
N ILE I 219 13.99 58.23 -14.87
CA ILE I 219 13.19 57.50 -13.90
C ILE I 219 12.66 56.21 -14.51
N ASP I 220 12.25 56.25 -15.77
CA ASP I 220 11.73 55.03 -16.39
C ASP I 220 12.87 54.09 -16.74
N VAL I 221 13.99 54.64 -17.22
CA VAL I 221 15.16 53.81 -17.43
C VAL I 221 15.52 53.07 -16.15
N PHE I 222 15.57 53.79 -15.04
CA PHE I 222 15.98 53.19 -13.78
C PHE I 222 14.94 52.21 -13.24
N VAL I 223 13.66 52.52 -13.37
CA VAL I 223 12.64 51.61 -12.84
C VAL I 223 12.65 50.30 -13.60
N HIS I 224 12.75 50.36 -14.93
CA HIS I 224 12.85 49.12 -15.67
C HIS I 224 14.17 48.43 -15.40
N PHE I 225 15.23 49.19 -15.15
CA PHE I 225 16.51 48.60 -14.77
C PHE I 225 16.37 47.83 -13.47
N GLY I 226 15.71 48.41 -12.47
CA GLY I 226 15.54 47.72 -11.20
C GLY I 226 14.68 46.49 -11.33
N ILE I 227 13.59 46.57 -12.10
CA ILE I 227 12.76 45.39 -12.30
C ILE I 227 13.56 44.30 -13.03
N ALA I 228 14.53 44.70 -13.86
CA ALA I 228 15.37 43.71 -14.52
C ALA I 228 16.39 43.12 -13.56
N GLN I 229 16.97 43.95 -12.71
CA GLN I 229 17.99 43.48 -11.75
C GLN I 229 17.39 42.52 -10.73
N SER I 230 16.23 42.86 -10.18
CA SER I 230 15.54 42.02 -9.22
C SER I 230 15.01 40.78 -9.81
N SER I 231 15.34 40.49 -11.07
CA SER I 231 14.94 39.24 -11.70
C SER I 231 16.13 38.37 -12.10
N THR I 232 17.35 38.89 -12.02
CA THR I 232 18.53 38.07 -12.26
C THR I 232 18.78 37.17 -11.06
N ARG I 233 18.99 35.87 -11.33
CA ARG I 233 18.97 34.90 -10.24
C ARG I 233 20.29 34.87 -9.47
N GLY I 234 21.35 35.46 -9.99
CA GLY I 234 22.64 35.41 -9.32
C GLY I 234 23.20 36.79 -9.10
N GLY I 235 23.78 36.98 -7.93
CA GLY I 235 24.39 38.24 -7.60
C GLY I 235 25.08 38.18 -6.26
N SER I 236 25.98 39.14 -6.06
CA SER I 236 26.71 39.25 -4.80
C SER I 236 25.80 39.88 -3.75
N ARG I 237 26.39 40.23 -2.60
CA ARG I 237 25.58 40.77 -1.52
C ARG I 237 25.09 42.17 -1.83
N VAL I 238 25.85 42.96 -2.58
CA VAL I 238 25.38 44.30 -2.92
C VAL I 238 24.24 44.23 -3.92
N GLU I 239 24.30 43.28 -4.85
CA GLU I 239 23.18 43.08 -5.77
C GLU I 239 21.94 42.56 -5.05
N GLY I 240 22.13 41.73 -4.01
CA GLY I 240 21.00 41.35 -3.19
C GLY I 240 20.43 42.53 -2.41
N ILE I 241 21.29 43.42 -1.91
CA ILE I 241 20.81 44.64 -1.28
C ILE I 241 20.01 45.46 -2.26
N PHE I 242 20.49 45.59 -3.50
CA PHE I 242 19.75 46.38 -4.47
C PHE I 242 18.39 45.76 -4.77
N ALA I 243 18.33 44.45 -4.95
CA ALA I 243 17.02 43.84 -5.21
C ALA I 243 16.06 44.06 -4.06
N GLY I 244 16.51 43.79 -2.83
CA GLY I 244 15.62 43.95 -1.69
C GLY I 244 15.23 45.39 -1.45
N LEU I 245 16.14 46.33 -1.73
CA LEU I 245 15.84 47.74 -1.54
C LEU I 245 14.93 48.27 -2.64
N PHE I 246 15.03 47.70 -3.83
CA PHE I 246 14.16 48.16 -4.91
C PHE I 246 12.74 47.70 -4.72
N MET I 247 12.54 46.42 -4.39
CA MET I 247 11.15 45.96 -4.25
C MET I 247 10.46 46.60 -3.05
N ASN I 248 11.14 47.51 -2.35
CA ASN I 248 10.44 48.46 -1.51
C ASN I 248 9.62 49.43 -2.34
N ALA I 249 10.17 49.87 -3.47
CA ALA I 249 9.52 50.89 -4.28
C ALA I 249 8.19 50.42 -4.82
N TYR I 250 8.00 49.12 -4.97
CA TYR I 250 6.71 48.63 -5.45
C TYR I 250 5.61 49.09 -4.52
N GLY I 251 4.50 49.51 -5.11
CA GLY I 251 3.45 50.13 -4.32
C GLY I 251 3.83 51.47 -3.78
N ALA I 252 4.46 52.31 -4.58
CA ALA I 252 4.80 53.66 -4.16
C ALA I 252 3.67 54.61 -4.52
N GLY I 253 3.33 55.51 -3.61
CA GLY I 253 2.24 56.43 -3.82
C GLY I 253 0.87 55.84 -3.60
N GLN I 254 0.76 54.54 -3.35
CA GLN I 254 -0.51 53.88 -3.18
C GLN I 254 -0.62 53.25 -1.81
N VAL I 255 -0.23 53.99 -0.77
CA VAL I 255 -0.40 53.47 0.57
C VAL I 255 -1.87 53.35 0.93
N MET I 256 -2.73 54.12 0.27
CA MET I 256 -4.13 54.18 0.67
C MET I 256 -4.81 52.84 0.47
N LEU I 257 -4.55 52.18 -0.65
CA LEU I 257 -5.17 50.88 -0.91
C LEU I 257 -4.72 49.85 0.12
N ARG I 258 -3.44 49.87 0.46
CA ARG I 258 -2.91 48.93 1.43
C ARG I 258 -3.51 49.15 2.81
N TRP I 259 -3.66 50.43 3.21
CA TRP I 259 -4.29 50.70 4.48
C TRP I 259 -5.77 50.39 4.46
N GLY I 260 -6.41 50.43 3.29
CA GLY I 260 -7.78 49.99 3.20
C GLY I 260 -7.92 48.50 3.44
N VAL I 261 -7.04 47.71 2.83
CA VAL I 261 -7.01 46.28 3.13
C VAL I 261 -6.77 46.06 4.61
N LEU I 262 -5.85 46.83 5.19
CA LEU I 262 -5.53 46.71 6.61
C LEU I 262 -6.75 46.99 7.48
N ALA I 263 -7.46 48.10 7.22
CA ALA I 263 -8.68 48.40 7.95
C ALA I 263 -9.73 47.32 7.75
N LYS I 264 -9.76 46.68 6.59
CA LYS I 264 -10.66 45.55 6.43
C LYS I 264 -10.24 44.40 7.32
N SER I 265 -8.95 44.29 7.63
CA SER I 265 -8.47 43.16 8.41
C SER I 265 -8.87 43.26 9.88
N VAL I 266 -8.79 44.47 10.44
CA VAL I 266 -9.07 44.65 11.87
C VAL I 266 -10.57 44.56 12.12
N LYS I 267 -11.36 44.50 11.06
CA LYS I 267 -12.81 44.59 11.13
C LYS I 267 -13.23 45.88 11.84
N ASN I 268 -12.78 47.00 11.30
CA ASN I 268 -13.16 48.29 11.86
C ASN I 268 -14.66 48.49 11.71
N ILE I 269 -15.26 49.15 12.70
CA ILE I 269 -16.71 49.30 12.74
C ILE I 269 -17.19 50.21 11.62
N MET I 270 -16.56 51.36 11.47
CA MET I 270 -17.14 52.34 10.56
C MET I 270 -17.07 51.91 9.10
N LEU I 271 -16.68 50.68 8.77
CA LEU I 271 -16.90 50.19 7.42
C LEU I 271 -18.31 49.64 7.24
N GLY I 272 -19.11 49.61 8.30
CA GLY I 272 -20.51 49.26 8.23
C GLY I 272 -21.43 50.46 8.27
N HIS I 273 -20.88 51.67 8.36
CA HIS I 273 -21.65 52.89 8.32
C HIS I 273 -22.50 52.97 7.05
N ALA I 274 -23.48 53.86 7.05
CA ALA I 274 -24.33 54.01 5.87
C ALA I 274 -23.57 54.70 4.74
N SER I 275 -22.93 55.83 5.04
CA SER I 275 -22.24 56.59 4.01
C SER I 275 -20.93 55.97 3.56
N VAL I 276 -20.57 54.80 4.08
CA VAL I 276 -19.47 54.01 3.53
C VAL I 276 -20.00 52.81 2.76
N GLN I 277 -21.09 52.22 3.24
CA GLN I 277 -21.76 51.18 2.47
C GLN I 277 -22.31 51.73 1.16
N ALA I 278 -22.55 53.04 1.09
CA ALA I 278 -22.92 53.64 -0.19
C ALA I 278 -21.81 53.46 -1.22
N GLU I 279 -20.58 53.78 -0.85
CA GLU I 279 -19.45 53.80 -1.76
C GLU I 279 -18.67 52.50 -1.83
N MET I 280 -19.12 51.46 -1.12
CA MET I 280 -18.45 50.17 -1.25
C MET I 280 -18.40 49.68 -2.69
N GLU I 281 -19.40 50.03 -3.51
CA GLU I 281 -19.37 49.55 -4.90
C GLU I 281 -18.21 50.18 -5.67
N GLN I 282 -18.06 51.50 -5.57
CA GLN I 282 -16.93 52.16 -6.21
C GLN I 282 -15.59 51.71 -5.62
N VAL I 283 -15.54 51.47 -4.32
CA VAL I 283 -14.30 50.98 -3.72
C VAL I 283 -13.93 49.62 -4.28
N VAL I 284 -14.91 48.72 -4.42
CA VAL I 284 -14.60 47.40 -4.93
C VAL I 284 -14.24 47.46 -6.42
N GLU I 285 -14.83 48.39 -7.17
CA GLU I 285 -14.40 48.48 -8.57
C GLU I 285 -12.95 48.96 -8.65
N VAL I 286 -12.56 49.90 -7.79
CA VAL I 286 -11.17 50.34 -7.78
C VAL I 286 -10.25 49.19 -7.42
N TYR I 287 -10.62 48.39 -6.41
CA TYR I 287 -9.75 47.31 -5.99
C TYR I 287 -9.66 46.21 -7.05
N GLU I 288 -10.77 45.90 -7.72
CA GLU I 288 -10.71 44.92 -8.78
C GLU I 288 -9.91 45.41 -9.98
N TYR I 289 -9.96 46.72 -10.26
CA TYR I 289 -9.09 47.27 -11.30
C TYR I 289 -7.63 47.13 -10.92
N ALA I 290 -7.30 47.39 -9.66
CA ALA I 290 -5.93 47.21 -9.20
C ALA I 290 -5.47 45.77 -9.34
N GLN I 291 -6.31 44.82 -8.94
CA GLN I 291 -5.94 43.42 -9.12
C GLN I 291 -5.78 43.07 -10.59
N LYS I 292 -6.67 43.60 -11.44
CA LYS I 292 -6.62 43.30 -12.86
C LYS I 292 -5.32 43.79 -13.48
N LEU I 293 -4.89 45.00 -13.13
CA LEU I 293 -3.57 45.43 -13.55
C LEU I 293 -2.50 44.49 -13.04
N GLY I 294 -2.50 44.23 -11.73
CA GLY I 294 -1.54 43.28 -11.19
C GLY I 294 -0.12 43.82 -11.16
N GLY I 295 0.73 43.29 -12.01
CA GLY I 295 2.15 43.59 -11.98
C GLY I 295 2.48 45.05 -11.91
N GLU I 296 2.16 45.81 -12.96
CA GLU I 296 2.54 47.21 -13.05
C GLU I 296 1.62 48.13 -12.27
N ALA I 297 0.79 47.60 -11.38
CA ALA I 297 -0.10 48.43 -10.58
C ALA I 297 0.68 49.13 -9.48
N GLY I 298 1.96 48.81 -9.33
CA GLY I 298 2.73 49.34 -8.23
C GLY I 298 3.62 50.48 -8.64
N PHE I 299 4.05 50.47 -9.90
CA PHE I 299 4.99 51.46 -10.40
C PHE I 299 4.32 52.50 -11.30
N TYR I 300 2.99 52.54 -11.34
CA TYR I 300 2.30 53.65 -12.00
C TYR I 300 2.51 54.99 -11.32
N HIS I 301 2.82 55.05 -10.04
CA HIS I 301 3.00 56.36 -9.44
C HIS I 301 4.45 56.83 -9.47
N ILE I 302 5.41 55.92 -9.43
CA ILE I 302 6.81 56.30 -9.62
C ILE I 302 7.01 56.82 -11.02
N LEU I 303 6.67 56.01 -12.02
CA LEU I 303 6.46 56.52 -13.37
C LEU I 303 5.26 57.47 -13.33
N ASN I 304 5.17 58.34 -14.32
CA ASN I 304 4.05 59.28 -14.37
C ASN I 304 2.93 58.76 -15.26
N ASN I 305 2.51 57.53 -15.00
CA ASN I 305 1.56 56.88 -15.89
C ASN I 305 0.22 57.59 -15.83
N PRO I 306 -0.38 57.92 -16.98
CA PRO I 306 -1.67 58.63 -16.96
C PRO I 306 -2.79 57.85 -16.30
N LYS I 307 -2.73 56.53 -16.33
CA LYS I 307 -3.72 55.71 -15.64
C LYS I 307 -3.41 55.54 -14.18
N ALA I 308 -2.63 56.45 -13.60
CA ALA I 308 -2.33 56.37 -12.18
C ALA I 308 -3.54 56.78 -11.35
N SER I 309 -4.17 57.89 -11.69
CA SER I 309 -5.14 58.49 -10.80
C SER I 309 -6.40 57.67 -10.64
N LEU I 310 -6.59 56.63 -11.47
CA LEU I 310 -7.79 55.82 -11.32
C LEU I 310 -7.68 54.85 -10.16
N LEU I 311 -6.52 54.79 -9.49
CA LEU I 311 -6.32 53.94 -8.33
C LEU I 311 -6.31 54.71 -7.03
N SER I 312 -7.00 55.85 -6.97
CA SER I 312 -7.01 56.68 -5.77
C SER I 312 -8.31 56.46 -5.02
N LEU I 313 -8.23 56.27 -3.71
CA LEU I 313 -9.40 56.22 -2.87
C LEU I 313 -9.72 57.57 -2.25
N THR I 314 -8.91 58.59 -2.50
CA THR I 314 -9.23 59.92 -2.01
C THR I 314 -10.51 60.46 -2.65
N GLN I 315 -10.90 59.94 -3.80
CA GLN I 315 -12.13 60.36 -4.45
C GLN I 315 -13.38 59.90 -3.71
N PHE I 316 -13.26 58.91 -2.81
CA PHE I 316 -14.36 58.49 -1.95
C PHE I 316 -14.10 59.05 -0.56
N PRO I 317 -14.58 60.26 -0.25
CA PRO I 317 -14.16 60.90 0.99
C PRO I 317 -14.49 60.10 2.23
N HIS I 318 -15.54 59.28 2.20
CA HIS I 318 -15.96 58.59 3.41
C HIS I 318 -15.14 57.33 3.65
N PHE I 319 -14.91 56.53 2.60
CA PHE I 319 -14.07 55.35 2.78
C PHE I 319 -12.61 55.73 3.00
N SER I 320 -12.11 56.74 2.28
CA SER I 320 -10.78 57.25 2.56
C SER I 320 -10.69 57.78 3.98
N SER I 321 -11.73 58.50 4.43
CA SER I 321 -11.72 59.02 5.79
C SER I 321 -11.62 57.90 6.80
N VAL I 322 -12.45 56.87 6.67
CA VAL I 322 -12.42 55.81 7.68
C VAL I 322 -11.10 55.05 7.63
N VAL I 323 -10.57 54.79 6.44
CA VAL I 323 -9.33 54.02 6.34
C VAL I 323 -8.15 54.79 6.91
N LEU I 324 -8.02 56.07 6.58
CA LEU I 324 -6.93 56.86 7.13
C LEU I 324 -7.09 57.05 8.63
N GLY I 325 -8.31 57.27 9.10
CA GLY I 325 -8.52 57.38 10.53
C GLY I 325 -8.14 56.12 11.27
N ASN I 326 -8.52 54.96 10.73
CA ASN I 326 -8.17 53.70 11.37
C ASN I 326 -6.66 53.50 11.39
N ALA I 327 -6.00 53.67 10.24
CA ALA I 327 -4.57 53.40 10.17
C ALA I 327 -3.77 54.48 10.89
N ALA I 328 -4.43 55.56 11.31
CA ALA I 328 -3.80 56.43 12.30
C ALA I 328 -4.11 55.96 13.71
N GLY I 329 -5.21 55.23 13.88
CA GLY I 329 -5.54 54.71 15.19
C GLY I 329 -4.61 53.61 15.63
N LEU I 330 -4.28 52.70 14.72
CA LEU I 330 -3.37 51.60 15.01
C LEU I 330 -1.92 52.05 15.04
N GLY I 331 -1.66 53.36 15.09
CA GLY I 331 -0.31 53.87 15.18
C GLY I 331 0.46 53.92 13.88
N ILE I 332 0.17 53.02 12.94
CA ILE I 332 1.06 52.80 11.80
C ILE I 332 1.09 53.97 10.83
N MET I 333 0.34 55.03 11.10
CA MET I 333 0.45 56.26 10.33
C MET I 333 1.45 57.18 11.00
N GLY I 334 2.56 57.44 10.32
CA GLY I 334 3.59 58.24 10.92
C GLY I 334 3.36 59.72 10.66
N GLU I 335 4.25 60.34 9.89
CA GLU I 335 4.11 61.74 9.51
C GLU I 335 3.42 61.90 8.16
N TYR I 336 2.63 60.91 7.76
CA TYR I 336 1.80 61.04 6.56
C TYR I 336 0.95 62.28 6.67
N ARG I 337 1.21 63.25 5.79
CA ARG I 337 0.64 64.58 5.93
C ARG I 337 -0.75 64.72 5.34
N GLY I 338 -1.32 63.65 4.80
CA GLY I 338 -2.59 63.76 4.12
C GLY I 338 -3.78 63.79 5.06
N THR I 339 -4.36 64.96 5.24
CA THR I 339 -5.50 65.11 6.13
C THR I 339 -6.72 64.42 5.54
N PRO I 340 -7.64 63.95 6.39
CA PRO I 340 -8.84 63.29 5.88
C PRO I 340 -9.87 64.32 5.41
N ARG I 341 -10.80 63.82 4.60
CA ARG I 341 -11.81 64.68 4.00
C ARG I 341 -13.08 64.79 4.84
N ASN I 342 -13.42 63.76 5.61
CA ASN I 342 -14.61 63.72 6.44
C ASN I 342 -14.15 63.52 7.88
N GLN I 343 -14.08 64.61 8.66
CA GLN I 343 -13.48 64.54 9.98
C GLN I 343 -14.24 63.64 10.94
N ASP I 344 -15.57 63.59 10.83
CA ASP I 344 -16.36 62.82 11.79
C ASP I 344 -16.04 61.33 11.71
N LEU I 345 -16.10 60.77 10.51
CA LEU I 345 -15.75 59.37 10.34
C LEU I 345 -14.30 59.13 10.71
N TYR I 346 -13.42 60.06 10.36
CA TYR I 346 -12.01 59.91 10.70
C TYR I 346 -11.82 59.76 12.19
N ASP I 347 -12.38 60.69 12.98
CA ASP I 347 -12.21 60.64 14.43
C ASP I 347 -12.88 59.40 15.02
N ALA I 348 -14.08 59.06 14.57
CA ALA I 348 -14.75 57.90 15.14
C ALA I 348 -13.98 56.62 14.86
N ALA I 349 -13.49 56.46 13.63
CA ALA I 349 -12.74 55.27 13.29
C ALA I 349 -11.42 55.22 14.04
N LYS I 350 -10.74 56.36 14.19
CA LYS I 350 -9.49 56.37 14.94
C LYS I 350 -9.73 56.02 16.41
N ALA I 351 -10.80 56.55 17.00
CA ALA I 351 -11.10 56.22 18.38
C ALA I 351 -11.38 54.74 18.54
N TYR I 352 -12.15 54.15 17.62
CA TYR I 352 -12.39 52.71 17.72
C TYR I 352 -11.11 51.92 17.54
N ALA I 353 -10.23 52.35 16.62
CA ALA I 353 -8.98 51.64 16.39
C ALA I 353 -8.11 51.67 17.63
N GLU I 354 -8.00 52.83 18.27
CA GLU I 354 -7.20 52.92 19.50
C GLU I 354 -7.85 52.14 20.64
N GLN I 355 -9.18 52.08 20.68
CA GLN I 355 -9.82 51.20 21.65
C GLN I 355 -9.45 49.75 21.42
N LEU I 356 -9.33 49.34 20.15
CA LEU I 356 -9.00 47.96 19.85
C LEU I 356 -7.60 47.59 20.35
N LYS I 357 -6.63 48.48 20.17
CA LYS I 357 -5.26 48.07 20.46
C LYS I 357 -4.99 47.91 21.96
N GLU I 358 -6.04 47.92 22.79
CA GLU I 358 -5.89 47.65 24.21
C GLU I 358 -6.42 46.27 24.59
N ASN I 359 -7.16 45.61 23.70
CA ASN I 359 -7.90 44.41 24.01
C ASN I 359 -7.55 43.31 23.02
N GLY I 360 -7.75 42.07 23.45
CA GLY I 360 -7.44 40.89 22.64
C GLY I 360 -8.72 40.24 22.13
N VAL I 361 -8.69 39.85 20.85
CA VAL I 361 -9.77 39.12 20.22
C VAL I 361 -9.56 37.64 20.54
N ILE I 362 -10.55 36.80 20.25
CA ILE I 362 -10.46 35.36 20.46
C ILE I 362 -10.61 34.67 19.12
N ASN I 363 -9.60 33.86 18.74
CA ASN I 363 -9.63 33.04 17.54
C ASN I 363 -9.20 31.62 17.93
N TYR I 364 -10.18 30.82 18.38
CA TYR I 364 -9.95 29.44 18.81
C TYR I 364 -10.63 28.42 17.92
N SER I 365 -11.66 28.82 17.17
CA SER I 365 -12.55 27.84 16.55
C SER I 365 -11.84 26.97 15.53
N VAL I 366 -10.72 27.46 14.98
CA VAL I 366 -10.02 26.73 13.94
C VAL I 366 -9.47 25.40 14.42
N LEU I 367 -9.19 25.28 15.73
CA LEU I 367 -8.70 24.04 16.32
C LEU I 367 -9.51 23.70 17.56
N ASP I 368 -9.42 22.43 17.99
CA ASP I 368 -10.26 21.94 19.06
C ASP I 368 -9.85 22.54 20.41
N LEU I 369 -10.75 23.33 20.99
CA LEU I 369 -10.54 23.91 22.30
C LEU I 369 -11.88 24.06 23.00
N THR I 370 -11.94 23.58 24.25
CA THR I 370 -13.17 23.68 25.02
C THR I 370 -13.53 25.13 25.32
N ALA I 371 -12.53 25.94 25.67
CA ALA I 371 -12.67 27.41 25.76
C ALA I 371 -13.76 27.84 26.72
N GLU I 372 -13.65 27.42 27.99
CA GLU I 372 -14.44 28.03 29.04
C GLU I 372 -13.53 28.60 30.12
N GLU I 373 -12.57 27.81 30.59
CA GLU I 373 -11.50 28.36 31.42
C GLU I 373 -10.34 28.82 30.54
N LEU I 374 -10.22 28.26 29.34
CA LEU I 374 -9.20 28.71 28.41
C LEU I 374 -9.37 30.19 28.08
N GLU I 375 -10.60 30.69 28.16
CA GLU I 375 -10.91 32.08 27.90
C GLU I 375 -11.01 32.82 29.23
N ALA I 376 -10.55 34.08 29.25
CA ALA I 376 -10.67 34.99 30.38
C ALA I 376 -9.76 34.60 31.54
N ILE I 377 -9.13 33.43 31.45
CA ILE I 377 -8.07 33.08 32.40
C ILE I 377 -6.72 33.19 31.72
N LYS I 378 -6.72 33.26 30.40
CA LYS I 378 -5.53 33.52 29.59
C LYS I 378 -4.71 34.70 30.12
#